data_9VVQ
#
_entry.id   9VVQ
#
_cell.length_a   1.00
_cell.length_b   1.00
_cell.length_c   1.00
_cell.angle_alpha   90.00
_cell.angle_beta   90.00
_cell.angle_gamma   90.00
#
_symmetry.space_group_name_H-M   'P 1'
#
_entity_poly.entity_id   1
_entity_poly.type   'polypeptide(L)'
_entity_poly.pdbx_seq_one_letter_code
;MANVPGQKVGTDQGKGKSGSDALALFLKVFAGEVLTAFTRRSVTADKHIVRTIQNGKSAQFPVMGRTSGVYLAPGERLSD
KRKGIKHTEKNITIDGLLTADVMIFDIEDAMNHYDVAGEYSNQLGEALAIAADGAVLAEMAILCNLPAASNENIAGLGTA
SVLEVGKKADLNTPAKLGEAIIGQLTIARAKLTSNYVPAGDRYFYTTPDNYSAILAALMPNAANYAALIDPETGNIRNVM
GFVVVEVPHLVQGGAGGTRGADGISIASGQKHAFPATAAGAVKVAMDNVVGLFSHRSAVGTVKLRDLALERDRDVDAQGD
LIVGKYAMGHGGLRPEAAGALVFSPAA
;
_entity_poly.pdbx_strand_id   I,K,L,O,R,T,W
#
# COMPACT_ATOMS: atom_id res chain seq x y z
N ASN A 3 -84.39 -21.56 8.69
CA ASN A 3 -84.61 -20.18 9.12
C ASN A 3 -85.58 -20.12 10.29
N VAL A 4 -85.07 -20.36 11.49
CA VAL A 4 -85.86 -20.33 12.71
C VAL A 4 -86.11 -18.88 13.11
N PRO A 5 -87.36 -18.43 13.22
CA PRO A 5 -87.62 -17.07 13.67
C PRO A 5 -87.50 -16.93 15.19
N GLY A 6 -87.28 -15.71 15.62
CA GLY A 6 -87.08 -15.46 17.04
C GLY A 6 -87.17 -13.99 17.38
N GLN A 7 -86.38 -13.59 18.35
CA GLN A 7 -86.41 -12.25 18.91
C GLN A 7 -85.46 -11.32 18.17
N LYS A 8 -85.80 -10.03 18.18
CA LYS A 8 -84.93 -8.95 17.70
C LYS A 8 -84.78 -7.96 18.85
N VAL A 9 -83.76 -8.16 19.67
CA VAL A 9 -83.56 -7.37 20.88
C VAL A 9 -82.92 -6.03 20.52
N GLY A 10 -82.44 -5.91 19.28
CA GLY A 10 -81.74 -4.70 18.88
C GLY A 10 -82.35 -3.91 17.75
N THR A 11 -83.58 -4.23 17.37
CA THR A 11 -84.29 -3.49 16.32
C THR A 11 -85.30 -2.55 16.96
N ASP A 12 -85.49 -1.40 16.32
CA ASP A 12 -86.30 -0.33 16.89
C ASP A 12 -87.75 -0.75 17.08
N GLN A 13 -88.47 -1.01 15.99
CA GLN A 13 -89.84 -1.54 16.01
C GLN A 13 -90.75 -0.69 16.92
N GLY A 14 -90.94 0.56 16.51
CA GLY A 14 -91.85 1.45 17.21
C GLY A 14 -92.86 2.01 16.23
N LYS A 15 -93.95 2.54 16.79
CA LYS A 15 -95.02 3.07 15.97
C LYS A 15 -94.56 4.30 15.19
N GLY A 16 -94.78 4.28 13.88
CA GLY A 16 -94.38 5.36 13.02
C GLY A 16 -92.92 5.34 12.62
N LYS A 17 -92.14 4.40 13.12
CA LYS A 17 -90.71 4.30 12.81
C LYS A 17 -90.48 3.09 11.93
N SER A 18 -89.67 3.26 10.90
CA SER A 18 -89.31 2.18 9.99
C SER A 18 -88.01 1.54 10.47
N GLY A 19 -88.04 0.22 10.68
CA GLY A 19 -86.88 -0.49 11.16
C GLY A 19 -86.01 -1.02 10.04
N SER A 20 -84.83 -0.43 9.87
CA SER A 20 -83.89 -0.84 8.85
C SER A 20 -82.58 -1.38 9.38
N ASP A 21 -82.12 -0.90 10.54
CA ASP A 21 -80.89 -1.40 11.14
C ASP A 21 -81.15 -2.69 11.90
N ALA A 22 -80.13 -3.24 12.54
CA ALA A 22 -80.29 -4.45 13.33
C ALA A 22 -79.49 -4.36 14.62
N LEU A 23 -78.88 -3.20 14.88
CA LEU A 23 -78.08 -3.02 16.09
C LEU A 23 -78.31 -1.67 16.75
N ALA A 24 -79.39 -0.96 16.39
CA ALA A 24 -79.61 0.39 16.90
C ALA A 24 -80.40 0.42 18.21
N LEU A 25 -80.01 -0.39 19.20
CA LEU A 25 -80.54 -0.24 20.55
C LEU A 25 -79.45 -0.54 21.57
N PHE A 26 -78.23 -0.78 21.09
CA PHE A 26 -77.09 -1.07 21.95
C PHE A 26 -76.27 0.19 22.18
N LEU A 27 -75.24 0.07 23.02
CA LEU A 27 -74.48 1.22 23.50
C LEU A 27 -73.01 1.08 23.13
N LYS A 28 -72.37 2.21 22.83
CA LYS A 28 -70.92 2.26 22.65
C LYS A 28 -70.22 2.25 24.01
N VAL A 29 -68.94 1.88 23.99
CA VAL A 29 -68.15 1.80 25.21
C VAL A 29 -66.87 2.61 25.01
N PHE A 30 -66.29 3.09 26.10
CA PHE A 30 -65.02 3.82 26.07
C PHE A 30 -63.90 2.85 26.37
N ALA A 31 -62.95 2.73 25.44
CA ALA A 31 -61.91 1.72 25.55
C ALA A 31 -61.03 1.95 26.77
N GLY A 32 -60.56 3.18 26.96
CA GLY A 32 -59.72 3.49 28.10
C GLY A 32 -58.32 3.92 27.71
N GLU A 33 -58.16 4.37 26.47
CA GLU A 33 -56.86 4.81 25.97
C GLU A 33 -57.06 5.96 24.99
N VAL A 34 -56.20 6.96 25.07
CA VAL A 34 -56.23 8.13 24.20
C VAL A 34 -55.02 8.09 23.28
N LEU A 35 -55.18 8.66 22.09
CA LEU A 35 -54.10 8.71 21.10
C LEU A 35 -53.57 10.13 21.01
N THR A 36 -52.55 10.43 21.81
CA THR A 36 -51.88 11.72 21.76
C THR A 36 -50.77 11.69 20.71
N ALA A 37 -50.55 12.85 20.08
CA ALA A 37 -49.59 12.93 19.00
C ALA A 37 -48.16 12.73 19.51
N PHE A 38 -47.30 12.24 18.62
CA PHE A 38 -45.90 11.95 18.98
C PHE A 38 -45.16 13.25 19.30
N THR A 39 -44.14 13.13 20.16
CA THR A 39 -43.40 14.30 20.62
C THR A 39 -42.33 14.72 19.63
N ARG A 40 -41.89 15.97 19.75
CA ARG A 40 -40.84 16.53 18.92
C ARG A 40 -39.69 16.99 19.79
N ARG A 41 -38.49 17.03 19.20
CA ARG A 41 -37.27 17.34 19.93
C ARG A 41 -36.42 18.33 19.15
N SER A 42 -35.58 19.07 19.89
CA SER A 42 -34.72 20.10 19.33
C SER A 42 -33.26 19.70 19.47
N VAL A 43 -32.45 20.10 18.49
CA VAL A 43 -31.05 19.68 18.38
C VAL A 43 -30.10 20.87 18.46
N THR A 44 -30.44 21.98 17.81
CA THR A 44 -29.56 23.15 17.73
C THR A 44 -29.74 23.96 19.00
N ALA A 45 -29.10 23.51 20.07
CA ALA A 45 -29.20 24.20 21.35
C ALA A 45 -27.85 24.47 22.03
N ASP A 46 -26.81 23.70 21.73
CA ASP A 46 -25.48 23.89 22.29
C ASP A 46 -24.42 23.76 21.20
N LYS A 47 -24.69 24.33 20.03
CA LYS A 47 -23.77 24.29 18.90
C LYS A 47 -23.56 25.68 18.30
N HIS A 48 -23.69 26.72 19.13
CA HIS A 48 -23.45 28.09 18.69
C HIS A 48 -23.21 28.95 19.93
N ILE A 49 -23.19 30.27 19.74
CA ILE A 49 -22.82 31.22 20.79
C ILE A 49 -24.07 31.76 21.46
N VAL A 50 -24.06 31.79 22.80
CA VAL A 50 -25.18 32.26 23.60
C VAL A 50 -24.68 33.30 24.60
N ARG A 51 -25.35 34.46 24.64
CA ARG A 51 -25.04 35.51 25.59
C ARG A 51 -26.34 36.01 26.23
N THR A 52 -26.21 36.55 27.44
CA THR A 52 -27.35 37.08 28.19
C THR A 52 -27.08 38.51 28.60
N ILE A 53 -28.10 39.36 28.50
CA ILE A 53 -28.01 40.75 28.92
C ILE A 53 -29.04 41.00 30.02
N GLN A 54 -28.90 42.16 30.68
CA GLN A 54 -29.80 42.54 31.76
C GLN A 54 -30.83 43.59 31.38
N ASN A 55 -30.45 44.60 30.60
CA ASN A 55 -31.40 45.57 30.08
C ASN A 55 -30.83 46.18 28.82
N GLY A 56 -31.68 46.85 28.05
CA GLY A 56 -31.27 47.42 26.79
C GLY A 56 -32.09 46.93 25.63
N LYS A 57 -31.80 47.40 24.41
CA LYS A 57 -32.57 47.02 23.24
C LYS A 57 -31.75 46.42 22.11
N SER A 58 -30.44 46.29 22.27
CA SER A 58 -29.58 45.80 21.19
C SER A 58 -28.29 45.23 21.79
N ALA A 59 -27.35 44.89 20.91
CA ALA A 59 -26.02 44.43 21.30
C ALA A 59 -25.07 44.73 20.16
N GLN A 60 -23.77 44.73 20.46
CA GLN A 60 -22.76 45.14 19.49
C GLN A 60 -21.57 44.17 19.51
N PHE A 61 -21.02 43.90 18.33
CA PHE A 61 -19.82 43.08 18.18
C PHE A 61 -18.82 43.78 17.27
N PRO A 62 -17.62 44.11 17.76
CA PRO A 62 -16.62 44.75 16.90
C PRO A 62 -15.84 43.76 16.05
N VAL A 63 -15.32 44.25 14.93
CA VAL A 63 -14.62 43.44 13.93
C VAL A 63 -13.40 44.21 13.43
N MET A 64 -12.28 43.51 13.21
CA MET A 64 -11.08 44.15 12.70
C MET A 64 -10.13 43.10 12.11
N GLY A 65 -9.17 43.58 11.31
CA GLY A 65 -8.08 42.74 10.83
C GLY A 65 -7.44 43.16 9.52
N ARG A 66 -6.10 43.12 9.44
CA ARG A 66 -5.34 43.55 8.25
C ARG A 66 -3.84 43.32 8.41
N THR A 67 -3.07 43.42 7.31
CA THR A 67 -1.64 43.11 7.32
C THR A 67 -0.84 43.92 6.28
N SER A 68 0.36 43.41 5.95
CA SER A 68 1.20 43.73 4.78
C SER A 68 2.38 44.64 5.10
N GLY A 69 3.51 44.39 4.44
CA GLY A 69 4.70 45.21 4.63
C GLY A 69 5.48 45.32 3.33
N VAL A 70 6.31 46.37 3.24
CA VAL A 70 7.01 46.71 2.00
C VAL A 70 8.46 47.08 2.28
N TYR A 71 9.22 47.21 1.19
CA TYR A 71 10.65 47.53 1.22
C TYR A 71 10.86 49.03 1.30
N LEU A 72 11.85 49.44 2.09
CA LEU A 72 12.16 50.86 2.30
C LEU A 72 13.56 51.15 1.79
N ALA A 73 13.65 51.91 0.71
CA ALA A 73 14.95 52.35 0.22
C ALA A 73 15.48 53.47 1.11
N PRO A 74 16.81 53.58 1.25
CA PRO A 74 17.38 54.58 2.16
C PRO A 74 17.14 56.00 1.64
N GLY A 75 16.42 56.79 2.44
CA GLY A 75 16.10 58.16 2.07
C GLY A 75 14.62 58.47 2.16
N GLU A 76 13.78 57.45 2.01
CA GLU A 76 12.34 57.62 2.02
C GLU A 76 11.81 57.67 3.46
N ARG A 77 10.55 58.07 3.58
CA ARG A 77 9.91 58.25 4.87
C ARG A 77 8.75 57.27 5.05
N LEU A 78 8.58 56.80 6.28
CA LEU A 78 7.50 55.88 6.60
C LEU A 78 6.12 56.52 6.48
N SER A 79 6.03 57.85 6.58
CA SER A 79 4.74 58.53 6.54
C SER A 79 4.15 58.61 5.15
N ASP A 80 4.94 58.39 4.10
CA ASP A 80 4.48 58.50 2.73
C ASP A 80 3.99 57.18 2.16
N LYS A 81 4.01 56.10 2.93
CA LYS A 81 3.57 54.79 2.47
C LYS A 81 2.68 54.12 3.51
N ARG A 82 1.91 54.91 4.24
CA ARG A 82 1.17 54.42 5.39
C ARG A 82 -0.30 54.24 5.06
N LYS A 83 -0.82 53.05 5.35
CA LYS A 83 -2.25 52.77 5.33
C LYS A 83 -2.59 51.97 6.58
N GLY A 84 -3.79 52.19 7.11
CA GLY A 84 -4.17 51.71 8.42
C GLY A 84 -5.04 50.46 8.38
N ILE A 85 -5.30 49.93 9.57
CA ILE A 85 -6.18 48.78 9.73
C ILE A 85 -7.62 49.25 9.93
N LYS A 86 -8.57 48.49 9.40
CA LYS A 86 -9.97 48.89 9.31
C LYS A 86 -10.82 48.27 10.41
N HIS A 87 -12.02 48.83 10.60
CA HIS A 87 -12.95 48.40 11.64
C HIS A 87 -14.36 48.39 11.07
N THR A 88 -15.24 47.64 11.74
CA THR A 88 -16.68 47.62 11.45
C THR A 88 -17.39 46.97 12.63
N GLU A 89 -18.69 46.69 12.48
CA GLU A 89 -19.49 46.20 13.59
C GLU A 89 -20.70 45.42 13.10
N LYS A 90 -21.31 44.66 14.03
CA LYS A 90 -22.49 43.85 13.78
C LYS A 90 -23.51 44.10 14.88
N ASN A 91 -24.81 44.03 14.53
CA ASN A 91 -25.89 44.37 15.45
C ASN A 91 -26.93 43.26 15.51
N ILE A 92 -27.40 42.96 16.72
CA ILE A 92 -28.47 42.00 16.96
C ILE A 92 -29.50 42.66 17.88
N THR A 93 -30.76 42.64 17.47
CA THR A 93 -31.82 43.34 18.19
C THR A 93 -32.85 42.37 18.76
N ILE A 94 -33.49 42.80 19.85
CA ILE A 94 -34.55 42.01 20.47
C ILE A 94 -35.80 42.07 19.60
N ASP A 95 -36.49 40.93 19.48
CA ASP A 95 -37.63 40.81 18.58
C ASP A 95 -38.96 41.20 19.21
N GLY A 96 -39.22 40.82 20.45
CA GLY A 96 -40.46 41.12 21.10
C GLY A 96 -40.86 40.02 22.05
N LEU A 97 -42.15 39.87 22.26
CA LEU A 97 -42.71 38.88 23.19
C LEU A 97 -43.51 37.85 22.41
N LEU A 98 -43.22 36.57 22.67
CA LEU A 98 -43.86 35.45 22.00
C LEU A 98 -44.70 34.67 23.01
N THR A 99 -45.98 34.43 22.67
CA THR A 99 -46.95 33.91 23.63
C THR A 99 -47.81 32.82 23.00
N ALA A 100 -48.45 32.03 23.87
CA ALA A 100 -49.39 30.98 23.47
C ALA A 100 -50.34 30.71 24.63
N ASP A 101 -51.60 30.43 24.33
CA ASP A 101 -52.62 30.31 25.37
C ASP A 101 -53.78 29.43 24.90
N VAL A 102 -54.56 28.94 25.87
CA VAL A 102 -55.77 28.15 25.62
C VAL A 102 -56.87 28.62 26.57
N MET A 103 -58.13 28.35 26.19
CA MET A 103 -59.30 28.75 26.97
C MET A 103 -60.22 27.55 27.14
N ILE A 104 -60.56 27.22 28.38
CA ILE A 104 -61.40 26.06 28.70
C ILE A 104 -62.65 26.56 29.41
N PHE A 105 -63.82 26.20 28.88
CA PHE A 105 -65.08 26.57 29.48
C PHE A 105 -65.50 25.54 30.53
N ASP A 106 -66.55 25.86 31.29
CA ASP A 106 -66.96 25.03 32.42
C ASP A 106 -68.12 24.11 32.13
N ILE A 107 -69.05 24.50 31.27
CA ILE A 107 -70.17 23.61 30.93
C ILE A 107 -69.65 22.39 30.16
N GLU A 108 -68.68 22.60 29.27
CA GLU A 108 -68.06 21.50 28.53
C GLU A 108 -66.88 20.91 29.30
N ASP A 109 -67.12 20.65 30.58
CA ASP A 109 -66.11 20.01 31.42
C ASP A 109 -66.79 19.02 32.35
N ALA A 110 -68.12 19.00 32.33
CA ALA A 110 -68.90 18.02 33.07
C ALA A 110 -69.56 17.00 32.17
N MET A 111 -69.68 17.30 30.87
CA MET A 111 -70.18 16.34 29.89
C MET A 111 -69.06 15.58 29.19
N ASN A 112 -67.93 15.38 29.87
CA ASN A 112 -66.78 14.73 29.27
C ASN A 112 -66.29 13.60 30.18
N HIS A 113 -65.78 12.54 29.56
CA HIS A 113 -65.42 11.32 30.28
C HIS A 113 -63.92 11.12 30.43
N TYR A 114 -63.11 12.12 30.09
CA TYR A 114 -61.67 12.07 30.33
C TYR A 114 -61.14 13.48 30.53
N ASP A 115 -59.99 13.58 31.19
CA ASP A 115 -59.40 14.86 31.51
C ASP A 115 -58.41 15.31 30.44
N VAL A 116 -58.38 16.61 30.18
CA VAL A 116 -57.62 17.17 29.07
C VAL A 116 -56.72 18.32 29.53
N ALA A 117 -56.50 18.46 30.83
CA ALA A 117 -55.72 19.56 31.37
C ALA A 117 -54.27 19.19 31.64
N GLY A 118 -53.84 18.01 31.22
CA GLY A 118 -52.47 17.58 31.44
C GLY A 118 -51.60 17.68 30.21
N GLU A 119 -52.22 17.61 29.02
CA GLU A 119 -51.51 17.77 27.77
C GLU A 119 -51.61 19.17 27.20
N TYR A 120 -52.62 19.95 27.61
CA TYR A 120 -52.68 21.34 27.21
C TYR A 120 -51.48 22.12 27.73
N SER A 121 -50.96 21.72 28.89
CA SER A 121 -49.78 22.34 29.47
C SER A 121 -48.48 21.70 28.99
N ASN A 122 -48.55 20.59 28.26
CA ASN A 122 -47.38 19.98 27.63
C ASN A 122 -47.19 20.40 26.18
N GLN A 123 -48.26 20.80 25.51
CA GLN A 123 -48.17 21.25 24.13
C GLN A 123 -47.88 22.74 24.01
N LEU A 124 -47.77 23.46 25.13
CA LEU A 124 -47.44 24.87 25.12
C LEU A 124 -45.95 25.13 25.24
N GLY A 125 -45.25 24.37 26.07
CA GLY A 125 -43.82 24.50 26.21
C GLY A 125 -43.01 23.80 25.14
N GLU A 126 -43.67 23.16 24.18
CA GLU A 126 -43.01 22.47 23.09
C GLU A 126 -43.04 23.22 21.78
N ALA A 127 -44.07 24.04 21.55
CA ALA A 127 -44.14 24.87 20.35
C ALA A 127 -43.40 26.19 20.50
N LEU A 128 -42.92 26.50 21.71
CA LEU A 128 -42.06 27.66 21.93
C LEU A 128 -40.58 27.29 21.85
N ALA A 129 -40.28 26.01 21.63
CA ALA A 129 -38.91 25.56 21.43
C ALA A 129 -38.61 25.15 20.00
N ILE A 130 -39.63 24.94 19.17
CA ILE A 130 -39.42 24.67 17.75
C ILE A 130 -39.32 25.94 16.94
N ALA A 131 -39.88 27.05 17.42
CA ALA A 131 -39.73 28.33 16.76
C ALA A 131 -38.35 28.95 16.96
N ALA A 132 -37.65 28.58 18.03
CA ALA A 132 -36.29 29.00 18.26
C ALA A 132 -35.28 28.02 17.70
N ASP A 133 -35.74 26.98 17.03
CA ASP A 133 -34.90 26.01 16.35
C ASP A 133 -34.88 26.17 14.84
N GLY A 134 -36.01 26.49 14.23
CA GLY A 134 -36.07 26.75 12.81
C GLY A 134 -35.69 28.15 12.42
N ALA A 135 -35.40 29.02 13.39
CA ALA A 135 -34.95 30.37 13.12
C ALA A 135 -33.43 30.47 13.04
N VAL A 136 -32.71 29.61 13.76
CA VAL A 136 -31.26 29.56 13.65
C VAL A 136 -30.85 28.97 12.31
N LEU A 137 -31.50 27.89 11.87
CA LEU A 137 -31.18 27.24 10.61
C LEU A 137 -31.55 28.08 9.40
N ALA A 138 -32.42 29.08 9.56
CA ALA A 138 -32.76 30.00 8.48
C ALA A 138 -31.81 31.17 8.40
N GLU A 139 -30.87 31.28 9.34
CA GLU A 139 -29.87 32.34 9.31
C GLU A 139 -28.58 31.90 8.63
N MET A 140 -28.32 30.60 8.54
CA MET A 140 -27.18 30.10 7.77
C MET A 140 -27.46 30.06 6.27
N ALA A 141 -28.72 30.18 5.86
CA ALA A 141 -29.08 30.23 4.46
C ALA A 141 -29.19 31.65 3.93
N ILE A 142 -29.09 32.65 4.80
CA ILE A 142 -29.07 34.05 4.37
C ILE A 142 -27.65 34.58 4.20
N LEU A 143 -26.66 34.01 4.90
CA LEU A 143 -25.26 34.37 4.71
C LEU A 143 -24.73 33.98 3.34
N CYS A 144 -25.47 33.15 2.60
CA CYS A 144 -25.04 32.70 1.29
C CYS A 144 -25.71 33.46 0.14
N ASN A 145 -26.62 34.39 0.44
CA ASN A 145 -27.33 35.15 -0.58
C ASN A 145 -26.97 36.62 -0.56
N LEU A 146 -25.86 37.00 0.07
CA LEU A 146 -25.47 38.40 0.11
C LEU A 146 -25.14 38.90 -1.29
N PRO A 147 -25.41 40.16 -1.60
CA PRO A 147 -25.12 40.68 -2.95
C PRO A 147 -23.63 40.66 -3.24
N ALA A 148 -23.31 40.90 -4.52
CA ALA A 148 -21.92 40.85 -4.95
C ALA A 148 -21.09 41.95 -4.30
N ALA A 149 -21.70 43.12 -4.09
CA ALA A 149 -20.95 44.25 -3.55
C ALA A 149 -20.76 44.19 -2.04
N SER A 150 -21.52 43.35 -1.34
CA SER A 150 -21.50 43.30 0.12
C SER A 150 -21.45 41.86 0.61
N ASN A 151 -20.59 41.04 0.01
CA ASN A 151 -20.51 39.64 0.36
C ASN A 151 -19.45 39.34 1.42
N GLU A 152 -18.82 40.36 1.99
CA GLU A 152 -17.76 40.16 2.98
C GLU A 152 -17.95 41.10 4.14
N ASN A 153 -17.19 40.87 5.20
CA ASN A 153 -17.10 41.82 6.30
C ASN A 153 -16.14 42.94 5.93
N ILE A 154 -14.87 42.60 5.71
CA ILE A 154 -13.83 43.53 5.29
C ILE A 154 -13.14 42.94 4.07
N ALA A 155 -12.83 43.79 3.08
CA ALA A 155 -12.16 43.33 1.89
C ALA A 155 -10.80 42.71 2.22
N GLY A 156 -10.67 41.41 1.98
CA GLY A 156 -9.44 40.70 2.28
C GLY A 156 -9.68 39.35 2.91
N LEU A 157 -10.83 39.17 3.56
CA LEU A 157 -11.20 37.91 4.18
C LEU A 157 -11.88 37.01 3.15
N GLY A 158 -12.52 35.93 3.61
CA GLY A 158 -13.11 34.96 2.71
C GLY A 158 -14.62 35.12 2.59
N THR A 159 -15.16 34.54 1.52
CA THR A 159 -16.59 34.52 1.21
C THR A 159 -17.16 33.14 1.54
N ALA A 160 -18.41 32.91 1.15
CA ALA A 160 -19.10 31.64 1.39
C ALA A 160 -19.06 30.77 0.14
N SER A 161 -19.35 29.48 0.33
CA SER A 161 -19.16 28.47 -0.70
C SER A 161 -20.48 27.79 -1.04
N VAL A 162 -20.68 27.50 -2.33
CA VAL A 162 -21.85 26.77 -2.82
C VAL A 162 -21.37 25.73 -3.81
N LEU A 163 -21.73 24.46 -3.57
CA LEU A 163 -21.24 23.33 -4.36
C LEU A 163 -22.42 22.59 -4.98
N GLU A 164 -22.24 22.14 -6.22
CA GLU A 164 -23.31 21.49 -6.98
C GLU A 164 -23.05 19.99 -7.08
N VAL A 165 -24.11 19.21 -6.85
CA VAL A 165 -24.00 17.76 -6.85
C VAL A 165 -24.26 17.19 -8.24
N GLY A 166 -25.35 17.59 -8.88
CA GLY A 166 -25.72 17.07 -10.17
C GLY A 166 -27.21 17.12 -10.44
N LYS A 167 -27.63 16.78 -11.65
CA LYS A 167 -29.04 16.87 -12.00
C LYS A 167 -29.85 15.82 -11.27
N LYS A 168 -31.11 16.15 -10.98
CA LYS A 168 -31.99 15.26 -10.25
C LYS A 168 -32.56 14.14 -11.10
N ALA A 169 -32.61 14.32 -12.43
CA ALA A 169 -33.17 13.32 -13.31
C ALA A 169 -32.21 12.18 -13.61
N ASP A 170 -30.95 12.28 -13.20
CA ASP A 170 -29.96 11.24 -13.47
C ASP A 170 -29.61 10.41 -12.25
N LEU A 171 -29.89 10.90 -11.04
CA LEU A 171 -29.62 10.15 -9.81
C LEU A 171 -30.91 9.50 -9.35
N ASN A 172 -31.24 8.37 -9.98
CA ASN A 172 -32.51 7.70 -9.77
C ASN A 172 -32.38 6.41 -8.96
N THR A 173 -31.29 6.24 -8.24
CA THR A 173 -31.06 5.08 -7.38
C THR A 173 -30.43 5.58 -6.09
N PRO A 174 -30.78 4.96 -4.95
CA PRO A 174 -30.20 5.42 -3.68
C PRO A 174 -28.69 5.31 -3.59
N ALA A 175 -28.05 4.48 -4.42
CA ALA A 175 -26.60 4.39 -4.42
C ALA A 175 -25.93 5.46 -5.28
N LYS A 176 -26.51 5.79 -6.43
CA LYS A 176 -25.95 6.84 -7.27
C LYS A 176 -25.96 8.18 -6.55
N LEU A 177 -27.06 8.51 -5.87
CA LEU A 177 -27.13 9.76 -5.13
C LEU A 177 -26.16 9.77 -3.95
N GLY A 178 -26.05 8.65 -3.24
CA GLY A 178 -25.15 8.58 -2.10
C GLY A 178 -23.70 8.73 -2.50
N GLU A 179 -23.30 8.13 -3.62
CA GLU A 179 -21.93 8.29 -4.10
C GLU A 179 -21.62 9.75 -4.42
N ALA A 180 -22.55 10.44 -5.10
CA ALA A 180 -22.36 11.84 -5.42
C ALA A 180 -22.30 12.71 -4.17
N ILE A 181 -23.13 12.43 -3.18
CA ILE A 181 -23.09 13.18 -1.93
C ILE A 181 -21.78 12.96 -1.15
N ILE A 182 -21.29 11.73 -1.07
CA ILE A 182 -20.00 11.49 -0.44
C ILE A 182 -18.84 12.12 -1.23
N GLY A 183 -18.95 12.20 -2.55
CA GLY A 183 -17.87 12.77 -3.33
C GLY A 183 -17.69 14.27 -3.21
N GLN A 184 -18.65 14.97 -2.61
CA GLN A 184 -18.56 16.42 -2.43
C GLN A 184 -18.31 16.84 -1.00
N LEU A 185 -18.30 15.91 -0.05
CA LEU A 185 -17.95 16.22 1.33
C LEU A 185 -16.44 16.26 1.53
N THR A 186 -15.66 15.92 0.51
CA THR A 186 -14.22 16.03 0.54
C THR A 186 -13.70 17.30 -0.11
N ILE A 187 -14.47 17.92 -1.00
CA ILE A 187 -14.13 19.20 -1.59
C ILE A 187 -14.68 20.30 -0.69
N ALA A 188 -15.37 19.91 0.37
CA ALA A 188 -15.94 20.86 1.32
C ALA A 188 -15.08 21.06 2.56
N ARG A 189 -14.14 20.15 2.84
CA ARG A 189 -13.13 20.39 3.85
C ARG A 189 -11.93 21.14 3.31
N ALA A 190 -11.79 21.23 1.99
CA ALA A 190 -10.72 21.99 1.37
C ALA A 190 -11.06 23.45 1.16
N LYS A 191 -12.33 23.82 1.34
CA LYS A 191 -12.73 25.22 1.28
C LYS A 191 -12.68 25.90 2.64
N LEU A 192 -12.82 25.15 3.72
CA LEU A 192 -12.70 25.69 5.06
C LEU A 192 -11.26 25.71 5.55
N THR A 193 -10.34 25.11 4.82
CA THR A 193 -8.93 25.11 5.16
C THR A 193 -8.15 26.24 4.50
N SER A 194 -8.55 26.66 3.31
CA SER A 194 -7.91 27.78 2.64
C SER A 194 -8.37 29.13 3.17
N ASN A 195 -9.32 29.15 4.11
CA ASN A 195 -9.71 30.36 4.83
C ASN A 195 -9.19 30.38 6.25
N TYR A 196 -8.32 29.42 6.62
CA TYR A 196 -7.69 29.33 7.93
C TYR A 196 -8.68 29.07 9.06
N VAL A 197 -9.83 28.48 8.76
CA VAL A 197 -10.77 28.09 9.80
C VAL A 197 -10.18 26.96 10.63
N PRO A 198 -10.23 27.00 11.96
CA PRO A 198 -9.64 25.92 12.76
C PRO A 198 -10.35 24.59 12.57
N ALA A 199 -9.87 23.55 13.24
CA ALA A 199 -10.42 22.20 13.13
C ALA A 199 -10.89 21.76 14.51
N GLY A 200 -12.08 21.16 14.56
CA GLY A 200 -12.56 20.60 15.82
C GLY A 200 -14.04 20.75 16.11
N ASP A 201 -14.68 21.79 15.57
CA ASP A 201 -16.13 21.97 15.73
C ASP A 201 -16.76 22.28 14.38
N ARG A 202 -17.09 21.23 13.63
CA ARG A 202 -17.73 21.35 12.33
C ARG A 202 -18.94 20.43 12.26
N TYR A 203 -20.01 20.88 11.60
CA TYR A 203 -21.28 20.19 11.62
C TYR A 203 -21.89 20.15 10.23
N PHE A 204 -22.75 19.16 10.00
CA PHE A 204 -23.47 18.99 8.75
C PHE A 204 -24.94 18.72 9.06
N TYR A 205 -25.84 19.46 8.41
CA TYR A 205 -27.27 19.37 8.66
C TYR A 205 -27.98 18.94 7.39
N THR A 206 -28.84 17.93 7.49
CA THR A 206 -29.54 17.40 6.33
C THR A 206 -30.82 16.69 6.77
N THR A 207 -31.72 16.49 5.81
CA THR A 207 -33.00 15.83 6.04
C THR A 207 -32.83 14.32 6.13
N PRO A 208 -33.77 13.62 6.77
CA PRO A 208 -33.64 12.16 6.92
C PRO A 208 -33.68 11.39 5.62
N ASP A 209 -34.17 11.98 4.53
CA ASP A 209 -34.22 11.30 3.24
C ASP A 209 -32.86 11.20 2.57
N ASN A 210 -31.96 12.15 2.82
CA ASN A 210 -30.61 12.12 2.28
C ASN A 210 -29.61 11.48 3.23
N TYR A 211 -29.96 11.33 4.51
CA TYR A 211 -29.16 10.61 5.48
C TYR A 211 -29.11 9.11 5.18
N SER A 212 -30.05 8.60 4.40
CA SER A 212 -30.14 7.19 4.07
C SER A 212 -29.55 6.83 2.72
N ALA A 213 -29.41 7.80 1.81
CA ALA A 213 -28.72 7.54 0.56
C ALA A 213 -27.23 7.31 0.76
N ILE A 214 -26.64 7.92 1.79
CA ILE A 214 -25.26 7.62 2.16
C ILE A 214 -25.11 6.20 2.68
N LEU A 215 -26.07 5.72 3.49
CA LEU A 215 -26.00 4.39 4.07
C LEU A 215 -26.08 3.29 3.03
N ALA A 216 -26.65 3.56 1.86
CA ALA A 216 -26.80 2.56 0.82
C ALA A 216 -25.61 2.50 -0.14
N ALA A 217 -24.66 3.42 0.00
CA ALA A 217 -23.46 3.42 -0.82
C ALA A 217 -22.27 2.78 -0.12
N LEU A 218 -22.49 2.18 1.04
CA LEU A 218 -21.46 1.48 1.79
C LEU A 218 -21.92 0.08 2.16
N MET A 219 -22.55 -0.60 1.21
CA MET A 219 -23.10 -1.94 1.36
C MET A 219 -22.23 -2.95 0.61
N PRO A 220 -22.29 -4.24 1.00
CA PRO A 220 -21.38 -5.23 0.39
C PRO A 220 -21.45 -5.31 -1.12
N ASN A 221 -22.56 -4.86 -1.72
CA ASN A 221 -22.70 -4.87 -3.16
C ASN A 221 -22.13 -3.64 -3.83
N ALA A 222 -21.59 -2.69 -3.07
CA ALA A 222 -21.05 -1.47 -3.65
C ALA A 222 -19.61 -1.18 -3.24
N ALA A 223 -19.23 -1.49 -2.01
CA ALA A 223 -17.91 -1.20 -1.49
C ALA A 223 -17.00 -2.42 -1.61
N ASN A 224 -15.73 -2.22 -1.26
CA ASN A 224 -14.73 -3.29 -1.25
C ASN A 224 -14.31 -3.72 0.13
N TYR A 225 -14.50 -2.89 1.15
CA TYR A 225 -14.20 -3.27 2.53
C TYR A 225 -15.07 -2.43 3.47
N ALA A 226 -15.13 -2.86 4.72
CA ALA A 226 -16.02 -2.25 5.71
C ALA A 226 -15.43 -0.96 6.26
N ALA A 227 -16.30 0.05 6.42
CA ALA A 227 -15.88 1.33 6.96
C ALA A 227 -17.07 2.15 7.44
N LEU A 228 -16.93 2.78 8.63
CA LEU A 228 -17.81 3.81 9.15
C LEU A 228 -19.12 3.29 9.72
N ILE A 229 -19.98 2.72 8.89
CA ILE A 229 -21.38 2.48 9.27
C ILE A 229 -21.55 1.23 10.10
N ASP A 230 -22.74 1.08 10.68
CA ASP A 230 -23.15 -0.11 11.44
C ASP A 230 -24.38 -0.72 10.76
N PRO A 231 -24.26 -1.88 10.12
CA PRO A 231 -25.34 -2.34 9.23
C PRO A 231 -26.61 -2.76 9.93
N GLU A 232 -26.55 -3.15 11.21
CA GLU A 232 -27.73 -3.67 11.89
C GLU A 232 -28.59 -2.56 12.50
N THR A 233 -27.97 -1.59 13.15
CA THR A 233 -28.70 -0.48 13.74
C THR A 233 -28.91 0.67 12.78
N GLY A 234 -27.88 1.05 12.03
CA GLY A 234 -28.01 2.10 11.04
C GLY A 234 -27.62 3.49 11.52
N ASN A 235 -26.43 3.63 12.09
CA ASN A 235 -25.91 4.93 12.49
C ASN A 235 -24.51 5.11 11.94
N ILE A 236 -24.13 6.37 11.70
CA ILE A 236 -22.86 6.72 11.09
C ILE A 236 -21.97 7.40 12.11
N ARG A 237 -20.66 7.21 11.97
CA ARG A 237 -19.67 7.93 12.74
C ARG A 237 -19.25 9.18 11.98
N ASN A 238 -18.18 9.82 12.44
CA ASN A 238 -17.72 11.05 11.80
C ASN A 238 -17.24 10.77 10.38
N VAL A 239 -17.41 11.77 9.51
CA VAL A 239 -17.02 11.66 8.10
C VAL A 239 -16.16 12.90 7.81
N MET A 240 -14.85 12.69 7.62
CA MET A 240 -13.92 13.75 7.28
C MET A 240 -13.88 14.85 8.34
N GLY A 241 -14.05 14.48 9.60
CA GLY A 241 -14.02 15.44 10.69
C GLY A 241 -15.33 16.14 10.95
N PHE A 242 -16.38 15.84 10.18
CA PHE A 242 -17.70 16.42 10.36
C PHE A 242 -18.52 15.59 11.35
N VAL A 243 -19.53 16.21 11.93
CA VAL A 243 -20.54 15.53 12.73
C VAL A 243 -21.88 15.65 12.01
N VAL A 244 -22.51 14.51 11.76
CA VAL A 244 -23.68 14.45 10.90
C VAL A 244 -24.94 14.48 11.75
N VAL A 245 -25.87 15.37 11.40
CA VAL A 245 -27.11 15.58 12.15
C VAL A 245 -28.28 15.56 11.17
N GLU A 246 -29.39 14.93 11.58
CA GLU A 246 -30.60 14.87 10.78
C GLU A 246 -31.73 15.61 11.48
N VAL A 247 -32.41 16.49 10.76
CA VAL A 247 -33.50 17.29 11.29
C VAL A 247 -34.71 17.15 10.38
N PRO A 248 -35.87 16.70 10.88
CA PRO A 248 -37.06 16.62 10.02
C PRO A 248 -37.60 17.97 9.59
N HIS A 249 -37.33 19.04 10.32
CA HIS A 249 -37.85 20.38 10.03
C HIS A 249 -36.69 21.30 9.68
N LEU A 250 -36.32 21.33 8.41
CA LEU A 250 -35.18 22.13 7.96
C LEU A 250 -35.61 23.39 7.24
N VAL A 251 -36.73 23.37 6.53
CA VAL A 251 -37.15 24.49 5.70
C VAL A 251 -38.33 25.24 6.32
N GLN A 252 -38.46 25.22 7.64
CA GLN A 252 -39.52 25.93 8.33
C GLN A 252 -38.92 27.15 9.03
N GLY A 253 -39.52 28.32 8.78
CA GLY A 253 -38.96 29.56 9.29
C GLY A 253 -39.26 29.85 10.75
N GLY A 254 -39.51 31.11 11.08
CA GLY A 254 -39.86 31.52 12.41
C GLY A 254 -41.34 31.79 12.58
N ALA A 255 -41.67 32.46 13.69
CA ALA A 255 -43.06 32.74 14.03
C ALA A 255 -43.59 33.91 13.21
N GLY A 256 -44.88 34.19 13.35
CA GLY A 256 -45.52 35.25 12.58
C GLY A 256 -46.27 36.27 13.42
N GLY A 257 -47.19 36.99 12.80
CA GLY A 257 -47.91 38.04 13.49
C GLY A 257 -49.38 37.74 13.72
N THR A 258 -50.02 37.06 12.78
CA THR A 258 -51.40 36.63 12.92
C THR A 258 -51.52 35.18 12.51
N ARG A 259 -52.38 34.43 13.21
CA ARG A 259 -52.58 33.03 12.91
C ARG A 259 -53.46 32.88 11.67
N GLY A 260 -53.48 31.66 11.14
CA GLY A 260 -54.25 31.37 9.94
C GLY A 260 -55.64 30.85 10.25
N ALA A 261 -56.43 30.59 9.21
CA ALA A 261 -57.81 30.13 9.39
C ALA A 261 -57.86 28.80 10.13
N ASP A 262 -57.04 27.84 9.72
CA ASP A 262 -56.99 26.55 10.42
C ASP A 262 -56.39 26.72 11.81
N GLY A 263 -55.36 27.55 11.93
CA GLY A 263 -54.80 27.85 13.23
C GLY A 263 -53.37 27.39 13.44
N ALA A 267 -50.40 33.99 8.31
CA ALA A 267 -50.99 34.93 7.37
C ALA A 267 -50.35 36.31 7.37
N SER A 268 -49.82 36.76 8.51
CA SER A 268 -49.18 38.07 8.59
C SER A 268 -47.68 37.97 8.33
N GLY A 269 -46.95 39.06 8.60
CA GLY A 269 -45.53 39.11 8.34
C GLY A 269 -44.71 38.18 9.20
N GLN A 270 -44.01 37.25 8.54
CA GLN A 270 -43.19 36.27 9.22
C GLN A 270 -41.77 36.78 9.39
N LYS A 271 -41.13 36.40 10.50
CA LYS A 271 -39.76 36.79 10.79
C LYS A 271 -38.82 35.61 10.57
N HIS A 272 -37.67 35.89 9.96
CA HIS A 272 -36.66 34.87 9.64
C HIS A 272 -37.26 33.77 8.76
N ALA A 273 -37.68 34.19 7.57
CA ALA A 273 -38.27 33.27 6.60
C ALA A 273 -37.17 32.51 5.86
N PHE A 274 -37.59 31.60 5.00
CA PHE A 274 -36.68 30.80 4.18
C PHE A 274 -36.96 31.12 2.72
N PRO A 275 -35.97 31.48 1.91
CA PRO A 275 -36.25 31.88 0.52
C PRO A 275 -36.92 30.76 -0.25
N ALA A 276 -37.83 31.14 -1.15
CA ALA A 276 -38.69 30.19 -1.84
C ALA A 276 -38.14 29.74 -3.20
N THR A 277 -37.92 30.67 -4.12
CA THR A 277 -37.51 30.34 -5.47
C THR A 277 -36.21 31.04 -5.82
N ALA A 278 -35.28 30.30 -6.40
CA ALA A 278 -33.96 30.80 -6.77
C ALA A 278 -33.93 31.16 -8.25
N ALA A 279 -33.95 32.47 -8.53
CA ALA A 279 -33.91 32.94 -9.92
C ALA A 279 -32.66 33.76 -10.21
N GLY A 280 -32.40 34.78 -9.39
CA GLY A 280 -31.31 35.70 -9.67
C GLY A 280 -30.15 35.59 -8.70
N ALA A 281 -30.03 36.57 -7.80
CA ALA A 281 -29.00 36.58 -6.78
C ALA A 281 -29.31 35.65 -5.62
N VAL A 282 -30.33 34.80 -5.76
CA VAL A 282 -30.69 33.81 -4.77
C VAL A 282 -30.10 32.48 -5.22
N LYS A 283 -29.28 31.87 -4.37
CA LYS A 283 -28.60 30.62 -4.69
C LYS A 283 -29.17 29.44 -3.91
N VAL A 284 -29.51 29.67 -2.64
CA VAL A 284 -30.12 28.65 -1.81
C VAL A 284 -31.62 28.93 -1.70
N ALA A 285 -32.44 27.93 -2.05
CA ALA A 285 -33.88 28.07 -1.96
C ALA A 285 -34.48 26.80 -1.38
N MET A 286 -35.82 26.68 -1.40
CA MET A 286 -36.48 25.50 -0.86
C MET A 286 -36.47 24.30 -1.81
N ASP A 287 -36.11 24.50 -3.07
CA ASP A 287 -36.12 23.42 -4.06
C ASP A 287 -34.71 23.11 -4.56
N ASN A 288 -33.71 23.41 -3.71
CA ASN A 288 -32.32 23.13 -4.09
C ASN A 288 -31.55 22.42 -2.99
N VAL A 289 -31.93 22.63 -1.73
CA VAL A 289 -31.05 22.27 -0.62
C VAL A 289 -30.82 20.76 -0.54
N VAL A 290 -29.61 20.40 -0.14
CA VAL A 290 -29.27 19.02 0.22
C VAL A 290 -28.69 19.05 1.63
N GLY A 291 -28.09 20.17 2.00
CA GLY A 291 -27.50 20.28 3.33
C GLY A 291 -26.82 21.62 3.53
N LEU A 292 -26.33 21.82 4.76
CA LEU A 292 -25.64 23.04 5.17
C LEU A 292 -24.51 22.68 6.11
N PHE A 293 -23.31 23.21 5.86
CA PHE A 293 -22.16 22.95 6.71
C PHE A 293 -21.56 24.26 7.20
N SER A 294 -20.99 24.22 8.41
CA SER A 294 -20.46 25.43 9.02
C SER A 294 -19.52 25.16 10.19
N HIS A 295 -18.97 26.22 10.77
CA HIS A 295 -18.18 26.17 12.00
C HIS A 295 -19.03 26.68 13.15
N ARG A 296 -18.55 26.46 14.38
CA ARG A 296 -19.34 26.80 15.55
C ARG A 296 -19.63 28.29 15.64
N SER A 297 -18.63 29.14 15.36
CA SER A 297 -18.76 30.58 15.55
C SER A 297 -19.19 31.27 14.26
N ALA A 298 -20.46 31.08 13.91
CA ALA A 298 -21.03 31.73 12.73
C ALA A 298 -22.39 32.37 12.98
N VAL A 299 -23.14 31.95 14.00
CA VAL A 299 -24.41 32.55 14.37
C VAL A 299 -24.46 32.67 15.89
N GLY A 300 -25.24 33.64 16.37
CA GLY A 300 -25.35 33.87 17.80
C GLY A 300 -26.76 34.25 18.19
N THR A 301 -27.01 34.22 19.50
CA THR A 301 -28.31 34.57 20.07
C THR A 301 -28.12 35.33 21.37
N VAL A 302 -29.05 36.24 21.65
CA VAL A 302 -29.05 37.04 22.88
C VAL A 302 -30.43 36.93 23.51
N LYS A 303 -30.48 36.60 24.79
CA LYS A 303 -31.74 36.37 25.48
C LYS A 303 -31.86 37.30 26.69
N LEU A 304 -33.08 37.79 26.93
CA LEU A 304 -33.38 38.71 28.01
C LEU A 304 -34.15 38.02 29.15
N ARG A 305 -35.20 37.28 28.81
CA ARG A 305 -36.02 36.57 29.79
C ARG A 305 -36.18 35.11 29.37
N ASP A 306 -36.58 34.27 30.33
CA ASP A 306 -36.74 32.85 30.11
C ASP A 306 -38.22 32.46 30.16
N LEU A 307 -38.49 31.16 30.04
CA LEU A 307 -39.84 30.64 29.93
C LEU A 307 -40.52 30.58 31.30
N ALA A 308 -41.81 30.91 31.33
CA ALA A 308 -42.60 30.89 32.54
C ALA A 308 -44.06 30.58 32.22
N LEU A 309 -44.79 30.11 33.22
CA LEU A 309 -46.19 29.73 33.08
C LEU A 309 -47.04 30.49 34.10
N GLU A 310 -48.32 30.66 33.76
CA GLU A 310 -49.24 31.42 34.59
C GLU A 310 -50.65 30.87 34.45
N ARG A 311 -51.47 31.07 35.48
CA ARG A 311 -52.84 30.61 35.53
C ARG A 311 -53.75 31.71 36.04
N ASP A 312 -55.03 31.61 35.70
CA ASP A 312 -55.99 32.66 36.01
C ASP A 312 -57.39 32.04 36.05
N ARG A 313 -58.32 32.77 36.68
CA ARG A 313 -59.71 32.35 36.79
C ARG A 313 -60.61 33.49 36.29
N ASP A 314 -61.50 33.17 35.36
CA ASP A 314 -62.42 34.14 34.80
C ASP A 314 -63.83 33.88 35.31
N VAL A 315 -64.52 34.94 35.73
CA VAL A 315 -65.86 34.82 36.28
C VAL A 315 -66.92 35.42 35.36
N ASP A 316 -66.59 36.41 34.55
CA ASP A 316 -67.53 36.99 33.60
C ASP A 316 -67.89 36.01 32.47
N ALA A 317 -67.08 34.99 32.24
CA ALA A 317 -67.35 33.98 31.22
C ALA A 317 -67.19 32.56 31.71
N GLN A 318 -66.88 32.34 32.99
CA GLN A 318 -66.81 31.01 33.60
C GLN A 318 -65.79 30.10 32.93
N GLY A 319 -64.51 30.45 32.99
CA GLY A 319 -63.48 29.63 32.37
C GLY A 319 -62.13 29.87 33.00
N ASP A 320 -61.13 29.15 32.45
CA ASP A 320 -59.75 29.20 32.94
C ASP A 320 -58.81 29.59 31.80
N LEU A 321 -57.55 29.85 32.14
CA LEU A 321 -56.57 30.32 31.16
C LEU A 321 -55.17 29.91 31.57
N ILE A 322 -54.32 29.63 30.58
CA ILE A 322 -52.91 29.28 30.77
C ILE A 322 -52.08 29.98 29.70
N VAL A 323 -50.92 30.52 30.09
CA VAL A 323 -50.07 31.30 29.19
C VAL A 323 -48.60 30.94 29.41
N GLY A 324 -47.81 31.04 28.34
CA GLY A 324 -46.37 30.93 28.43
C GLY A 324 -45.70 31.91 27.48
N LYS A 325 -44.47 32.32 27.83
CA LYS A 325 -43.83 33.40 27.09
C LYS A 325 -42.32 33.42 27.33
N TYR A 326 -41.59 34.06 26.40
CA TYR A 326 -40.19 34.42 26.56
C TYR A 326 -39.87 35.55 25.60
N ALA A 327 -38.59 35.95 25.58
CA ALA A 327 -38.12 37.05 24.71
C ALA A 327 -36.63 36.89 24.41
N MET A 328 -36.26 36.99 23.13
CA MET A 328 -34.86 36.86 22.70
C MET A 328 -34.72 37.34 21.27
N GLY A 329 -33.51 37.20 20.73
CA GLY A 329 -33.22 37.63 19.37
C GLY A 329 -32.10 36.82 18.75
N HIS A 330 -32.03 36.84 17.42
CA HIS A 330 -31.11 36.01 16.65
C HIS A 330 -30.41 36.82 15.56
N GLY A 331 -29.24 36.35 15.14
CA GLY A 331 -28.51 37.00 14.07
C GLY A 331 -27.29 36.20 13.67
N GLY A 332 -26.69 36.60 12.54
CA GLY A 332 -25.54 35.90 11.98
C GLY A 332 -24.29 36.77 11.97
N LEU A 333 -23.12 36.13 12.15
CA LEU A 333 -21.89 36.86 12.41
C LEU A 333 -20.81 36.75 11.33
N ARG A 334 -20.36 35.54 11.00
CA ARG A 334 -19.21 35.38 10.12
C ARG A 334 -19.62 34.76 8.79
N PRO A 335 -19.34 35.40 7.66
CA PRO A 335 -19.71 34.82 6.36
C PRO A 335 -18.68 33.86 5.76
N GLU A 336 -17.51 33.69 6.36
CA GLU A 336 -16.46 32.85 5.81
C GLU A 336 -16.40 31.48 6.48
N ALA A 337 -17.45 31.11 7.22
CA ALA A 337 -17.55 29.80 7.83
C ALA A 337 -18.91 29.16 7.56
N ALA A 338 -19.36 29.18 6.32
CA ALA A 338 -20.68 28.66 5.95
C ALA A 338 -20.65 28.14 4.52
N GLY A 339 -21.62 27.31 4.20
CA GLY A 339 -21.71 26.75 2.86
C GLY A 339 -23.03 26.05 2.63
N ALA A 340 -23.17 25.46 1.46
CA ALA A 340 -24.39 24.76 1.08
C ALA A 340 -24.11 23.81 -0.08
N LEU A 341 -24.94 22.77 -0.19
CA LEU A 341 -24.94 21.84 -1.31
C LEU A 341 -26.29 21.91 -2.00
N VAL A 342 -26.28 22.09 -3.32
CA VAL A 342 -27.51 22.33 -4.07
C VAL A 342 -27.58 21.38 -5.26
N PHE A 343 -28.78 21.23 -5.80
CA PHE A 343 -29.01 20.46 -7.02
C PHE A 343 -28.70 21.33 -8.24
N SER A 344 -28.09 20.72 -9.24
CA SER A 344 -27.80 21.43 -10.47
C SER A 344 -29.10 21.74 -11.21
N PRO A 345 -29.19 22.91 -11.86
CA PRO A 345 -30.43 23.27 -12.56
C PRO A 345 -30.71 22.33 -13.71
N ALA A 346 -32.00 22.07 -13.95
CA ALA A 346 -32.42 21.17 -15.02
C ALA A 346 -32.26 21.85 -16.39
N ALA B 2 132.21 38.09 9.76
CA ALA B 2 132.14 37.83 11.18
C ALA B 2 130.82 37.16 11.56
N ASN B 3 130.30 36.35 10.63
CA ASN B 3 129.05 35.66 10.83
C ASN B 3 129.28 34.34 11.55
N VAL B 4 128.33 33.97 12.40
CA VAL B 4 128.46 32.76 13.21
C VAL B 4 127.68 31.62 12.55
N PRO B 5 128.22 30.40 12.53
CA PRO B 5 127.46 29.27 11.98
C PRO B 5 126.33 28.86 12.89
N GLY B 6 125.32 28.24 12.28
CA GLY B 6 124.14 27.86 13.03
C GLY B 6 123.26 26.93 12.23
N GLN B 7 122.00 26.81 12.67
CA GLN B 7 121.06 25.87 12.11
C GLN B 7 120.21 26.52 11.02
N LYS B 8 119.81 25.71 10.04
CA LYS B 8 118.87 26.10 9.00
C LYS B 8 117.67 25.16 9.12
N VAL B 9 116.64 25.61 9.85
CA VAL B 9 115.48 24.76 10.11
C VAL B 9 114.46 24.78 8.98
N GLY B 10 114.56 25.74 8.06
CA GLY B 10 113.59 25.86 7.00
C GLY B 10 114.14 25.66 5.60
N THR B 11 115.17 24.84 5.46
CA THR B 11 115.80 24.56 4.17
C THR B 11 115.78 23.05 3.92
N ASP B 12 115.46 22.66 2.68
CA ASP B 12 115.41 21.27 2.28
C ASP B 12 116.80 20.83 1.84
N GLN B 13 117.39 19.89 2.58
CA GLN B 13 118.71 19.37 2.23
C GLN B 13 118.67 17.84 2.11
N GLY B 14 117.68 17.31 1.41
CA GLY B 14 117.63 15.90 1.09
C GLY B 14 118.54 15.57 -0.08
N LYS B 15 118.62 14.27 -0.37
CA LYS B 15 119.48 13.82 -1.45
C LYS B 15 118.86 14.17 -2.80
N GLY B 16 119.65 14.78 -3.68
CA GLY B 16 119.17 15.14 -5.00
C GLY B 16 118.11 16.21 -5.01
N LYS B 17 118.25 17.22 -4.15
CA LYS B 17 117.29 18.33 -4.09
C LYS B 17 118.04 19.65 -4.03
N SER B 18 117.38 20.71 -4.49
CA SER B 18 117.98 22.03 -4.58
C SER B 18 117.49 22.89 -3.42
N GLY B 19 118.42 23.32 -2.57
CA GLY B 19 118.09 24.19 -1.46
C GLY B 19 118.24 25.66 -1.76
N SER B 20 117.62 26.13 -2.85
CA SER B 20 117.72 27.53 -3.24
C SER B 20 116.70 28.41 -2.52
N ASP B 21 115.74 27.83 -1.81
CA ASP B 21 114.74 28.57 -1.06
C ASP B 21 114.95 28.33 0.43
N ALA B 22 115.03 29.40 1.21
CA ALA B 22 115.34 29.33 2.63
C ALA B 22 114.08 29.38 3.50
N LEU B 23 112.91 29.13 2.90
CA LEU B 23 111.67 29.13 3.67
C LEU B 23 110.73 28.00 3.27
N ALA B 24 111.26 26.88 2.76
CA ALA B 24 110.40 25.88 2.14
C ALA B 24 109.64 25.04 3.15
N LEU B 25 110.24 24.74 4.30
CA LEU B 25 109.68 23.81 5.25
C LEU B 25 108.74 24.45 6.27
N PHE B 26 108.23 25.65 6.01
CA PHE B 26 107.27 26.31 6.88
C PHE B 26 105.89 26.28 6.23
N LEU B 27 104.86 26.51 7.05
CA LEU B 27 103.48 26.33 6.63
C LEU B 27 102.74 27.65 6.55
N LYS B 28 101.73 27.68 5.68
CA LYS B 28 100.87 28.83 5.48
C LYS B 28 99.58 28.67 6.27
N VAL B 29 99.06 29.77 6.82
CA VAL B 29 97.97 29.69 7.79
C VAL B 29 96.81 30.59 7.37
N PHE B 30 95.80 30.67 8.23
CA PHE B 30 94.58 31.42 7.97
C PHE B 30 94.48 32.61 8.92
N ALA B 31 94.21 33.78 8.36
CA ALA B 31 93.99 35.01 9.12
C ALA B 31 92.49 35.24 9.20
N GLY B 32 91.97 35.41 10.41
CA GLY B 32 90.54 35.33 10.61
C GLY B 32 89.76 36.52 10.09
N GLU B 33 89.72 36.66 8.77
CA GLU B 33 89.03 37.78 8.14
C GLU B 33 88.55 37.34 6.77
N VAL B 34 87.26 37.49 6.49
CA VAL B 34 86.66 37.16 5.21
C VAL B 34 86.25 38.44 4.51
N LEU B 35 86.63 38.58 3.24
CA LEU B 35 86.37 39.81 2.49
C LEU B 35 85.15 39.60 1.60
N THR B 36 83.97 39.85 2.16
CA THR B 36 82.74 39.79 1.37
C THR B 36 82.55 41.10 0.60
N ALA B 37 81.70 41.03 -0.43
CA ALA B 37 81.45 42.18 -1.27
C ALA B 37 80.68 43.26 -0.51
N PHE B 38 80.84 44.51 -0.95
CA PHE B 38 80.14 45.62 -0.33
C PHE B 38 78.63 45.46 -0.49
N THR B 39 77.90 45.71 0.60
CA THR B 39 76.47 45.50 0.61
C THR B 39 75.74 46.64 -0.10
N ARG B 40 74.77 46.28 -0.93
CA ARG B 40 73.91 47.26 -1.60
C ARG B 40 72.74 47.59 -0.68
N ARG B 41 72.77 48.77 -0.07
CA ARG B 41 71.72 49.17 0.85
C ARG B 41 70.49 49.68 0.10
N SER B 42 69.33 49.52 0.75
CA SER B 42 68.08 50.06 0.23
C SER B 42 67.81 51.41 0.88
N VAL B 43 67.22 52.31 0.08
CA VAL B 43 67.06 53.69 0.49
C VAL B 43 65.61 54.04 0.86
N THR B 44 64.62 53.30 0.36
CA THR B 44 63.23 53.61 0.60
C THR B 44 62.58 52.69 1.62
N ALA B 45 63.37 51.98 2.43
CA ALA B 45 62.81 50.98 3.34
C ALA B 45 61.90 51.62 4.38
N ASP B 46 62.28 52.77 4.93
CA ASP B 46 61.55 53.42 6.00
C ASP B 46 61.07 54.81 5.62
N LYS B 47 60.54 54.96 4.39
CA LYS B 47 60.10 56.27 3.89
C LYS B 47 58.76 56.14 3.17
N HIS B 48 57.94 55.17 3.56
CA HIS B 48 56.60 55.02 2.99
C HIS B 48 55.77 54.17 3.94
N ILE B 49 54.60 53.74 3.48
CA ILE B 49 53.59 53.09 4.32
C ILE B 49 53.66 51.58 4.12
N VAL B 50 53.64 50.84 5.23
CA VAL B 50 53.69 49.38 5.22
C VAL B 50 52.57 48.84 6.10
N ARG B 51 51.80 47.89 5.57
CA ARG B 51 50.73 47.22 6.31
C ARG B 51 50.90 45.71 6.18
N THR B 52 50.06 44.96 6.89
CA THR B 52 50.16 43.51 6.94
C THR B 52 48.77 42.89 6.98
N ILE B 53 48.60 41.79 6.26
CA ILE B 53 47.35 41.05 6.21
C ILE B 53 47.62 39.59 6.54
N GLN B 54 46.56 38.78 6.60
CA GLN B 54 46.67 37.37 6.93
C GLN B 54 46.23 36.41 5.84
N ASN B 55 45.24 36.77 5.03
CA ASN B 55 44.84 35.95 3.90
C ASN B 55 44.10 36.83 2.91
N GLY B 56 44.05 36.38 1.66
CA GLY B 56 43.38 37.10 0.60
C GLY B 56 44.30 37.33 -0.58
N LYS B 57 43.76 37.94 -1.62
CA LYS B 57 44.53 38.20 -2.83
C LYS B 57 44.76 39.70 -3.09
N SER B 58 44.11 40.58 -2.33
CA SER B 58 44.26 42.01 -2.53
C SER B 58 43.74 42.73 -1.28
N ALA B 59 43.89 44.06 -1.27
CA ALA B 59 43.49 44.89 -0.15
C ALA B 59 42.77 46.13 -0.65
N GLN B 60 42.18 46.89 0.28
CA GLN B 60 41.37 48.06 -0.04
C GLN B 60 41.73 49.23 0.87
N PHE B 61 41.65 50.44 0.32
CA PHE B 61 41.84 51.68 1.08
C PHE B 61 40.71 52.65 0.73
N PRO B 62 39.93 53.10 1.71
CA PRO B 62 38.87 54.09 1.40
C PRO B 62 39.35 55.53 1.51
N VAL B 63 38.63 56.44 0.83
CA VAL B 63 38.98 57.85 0.73
C VAL B 63 37.76 58.69 1.05
N MET B 64 38.00 59.91 1.56
CA MET B 64 36.94 60.79 2.03
C MET B 64 37.27 62.23 1.68
N GLY B 65 36.26 63.11 1.74
CA GLY B 65 36.36 64.52 1.39
C GLY B 65 36.29 65.45 2.59
N ARG B 66 35.78 66.66 2.36
CA ARG B 66 35.71 67.73 3.37
C ARG B 66 34.41 68.51 3.23
N THR B 67 34.17 69.44 4.16
CA THR B 67 32.89 70.15 4.24
C THR B 67 33.15 71.57 4.74
N SER B 68 32.09 72.28 5.12
CA SER B 68 32.18 73.66 5.60
C SER B 68 30.98 73.99 6.49
N GLY B 69 31.09 75.10 7.23
CA GLY B 69 30.06 75.52 8.15
C GLY B 69 29.27 76.74 7.67
N VAL B 70 28.16 77.02 8.37
CA VAL B 70 27.24 78.08 7.98
C VAL B 70 26.55 78.62 9.23
N TYR B 71 25.87 79.77 9.08
CA TYR B 71 25.19 80.44 10.18
C TYR B 71 23.74 79.99 10.26
N LEU B 72 23.19 80.00 11.47
CA LEU B 72 21.79 79.60 11.72
C LEU B 72 21.09 80.66 12.56
N ALA B 73 20.08 81.30 11.98
CA ALA B 73 19.26 82.29 12.67
C ALA B 73 18.19 81.59 13.51
N PRO B 74 17.69 82.26 14.57
CA PRO B 74 16.65 81.64 15.40
C PRO B 74 15.35 81.40 14.65
N GLY B 75 14.92 80.15 14.58
CA GLY B 75 13.69 79.78 13.89
C GLY B 75 13.88 79.00 12.60
N GLU B 76 15.10 78.65 12.21
CA GLU B 76 15.35 77.93 10.97
C GLU B 76 15.69 76.46 11.26
N ARG B 77 15.56 75.64 10.23
CA ARG B 77 15.79 74.21 10.32
C ARG B 77 17.15 73.85 9.73
N LEU B 78 17.77 72.83 10.30
CA LEU B 78 19.08 72.37 9.86
C LEU B 78 19.03 71.53 8.59
N SER B 79 17.86 71.03 8.21
CA SER B 79 17.75 70.10 7.09
C SER B 79 17.55 70.78 5.76
N ASP B 80 17.45 72.10 5.73
CA ASP B 80 17.29 72.86 4.50
C ASP B 80 18.61 73.39 3.96
N LYS B 81 19.72 73.04 4.61
CA LYS B 81 21.03 73.58 4.24
C LYS B 81 22.07 72.47 4.22
N ARG B 82 21.67 71.26 3.83
CA ARG B 82 22.50 70.07 3.99
C ARG B 82 23.04 69.60 2.65
N LYS B 83 24.31 69.23 2.62
CA LYS B 83 24.95 68.59 1.47
C LYS B 83 25.62 67.30 1.94
N GLY B 84 26.46 66.74 1.08
CA GLY B 84 27.09 65.47 1.39
C GLY B 84 28.60 65.39 1.16
N ILE B 85 29.23 64.38 1.76
CA ILE B 85 30.64 64.10 1.54
C ILE B 85 30.77 62.86 0.66
N LYS B 86 31.84 62.80 -0.14
CA LYS B 86 32.00 61.78 -1.16
C LYS B 86 32.99 60.69 -0.74
N HIS B 87 32.99 59.59 -1.48
CA HIS B 87 33.84 58.44 -1.19
C HIS B 87 34.36 57.81 -2.46
N THR B 88 35.45 57.06 -2.34
CA THR B 88 36.03 56.26 -3.42
C THR B 88 36.98 55.24 -2.79
N GLU B 89 37.79 54.56 -3.60
CA GLU B 89 38.60 53.46 -3.09
C GLU B 89 39.85 53.26 -3.95
N LYS B 90 40.80 52.50 -3.38
CA LYS B 90 42.07 52.16 -4.02
C LYS B 90 42.40 50.69 -3.75
N ASN B 91 43.21 50.09 -4.62
CA ASN B 91 43.49 48.65 -4.56
C ASN B 91 44.97 48.35 -4.75
N ILE B 92 45.42 47.27 -4.11
CA ILE B 92 46.78 46.75 -4.23
C ILE B 92 46.72 45.23 -4.23
N THR B 93 47.51 44.59 -5.09
CA THR B 93 47.45 43.14 -5.29
C THR B 93 48.80 42.49 -5.03
N ILE B 94 48.76 41.19 -4.76
CA ILE B 94 49.95 40.39 -4.48
C ILE B 94 50.53 39.87 -5.79
N ASP B 95 51.86 39.81 -5.89
CA ASP B 95 52.51 39.36 -7.12
C ASP B 95 52.80 37.87 -7.12
N GLY B 96 53.46 37.34 -6.10
CA GLY B 96 53.79 35.93 -6.06
C GLY B 96 54.92 35.68 -5.08
N LEU B 97 55.64 34.59 -5.33
CA LEU B 97 56.70 34.11 -4.45
C LEU B 97 58.07 34.38 -5.08
N LEU B 98 59.00 34.88 -4.28
CA LEU B 98 60.35 35.23 -4.73
C LEU B 98 61.37 34.45 -3.90
N THR B 99 62.31 33.78 -4.58
CA THR B 99 63.18 32.82 -3.92
C THR B 99 64.64 33.03 -4.30
N ALA B 100 65.53 32.34 -3.57
CA ALA B 100 66.96 32.29 -3.85
C ALA B 100 67.52 31.02 -3.21
N ASP B 101 68.51 30.38 -3.86
CA ASP B 101 68.93 29.04 -3.50
C ASP B 101 70.45 28.91 -3.52
N VAL B 102 70.94 27.93 -2.77
CA VAL B 102 72.36 27.57 -2.71
C VAL B 102 72.47 26.07 -2.44
N MET B 103 73.44 25.43 -3.10
CA MET B 103 73.73 24.00 -2.92
C MET B 103 75.20 23.84 -2.54
N ILE B 104 75.49 22.94 -1.61
CA ILE B 104 76.79 22.93 -0.95
C ILE B 104 77.71 21.78 -1.38
N PHE B 105 77.26 20.53 -1.21
CA PHE B 105 78.00 19.29 -1.51
C PHE B 105 78.95 18.91 -0.37
N ASP B 106 78.85 17.68 0.12
CA ASP B 106 79.73 17.21 1.18
C ASP B 106 80.98 16.56 0.60
N ILE B 107 82.10 16.79 1.30
CA ILE B 107 83.51 16.46 0.98
C ILE B 107 84.23 17.78 0.74
N GLU B 108 83.51 18.80 0.27
CA GLU B 108 84.04 20.14 0.18
C GLU B 108 83.76 20.96 1.43
N ASP B 109 83.00 20.41 2.37
CA ASP B 109 82.74 21.04 3.65
C ASP B 109 83.60 20.48 4.77
N ALA B 110 84.06 19.23 4.65
CA ALA B 110 85.01 18.66 5.59
C ALA B 110 86.45 19.04 5.31
N MET B 111 86.74 19.58 4.12
CA MET B 111 88.08 20.00 3.73
C MET B 111 88.31 21.49 3.95
N ASN B 112 87.35 22.20 4.55
CA ASN B 112 87.38 23.65 4.63
C ASN B 112 87.73 24.10 6.04
N HIS B 113 88.38 25.26 6.13
CA HIS B 113 88.88 25.78 7.40
C HIS B 113 88.05 26.93 7.96
N TYR B 114 86.87 27.19 7.40
CA TYR B 114 85.98 28.21 7.95
C TYR B 114 84.55 27.86 7.55
N ASP B 115 83.60 28.55 8.19
CA ASP B 115 82.18 28.26 8.02
C ASP B 115 81.60 29.12 6.90
N VAL B 116 81.01 28.47 5.89
CA VAL B 116 80.46 29.16 4.74
C VAL B 116 78.94 29.25 4.85
N ALA B 117 78.35 28.32 5.59
CA ALA B 117 76.90 28.30 5.78
C ALA B 117 76.40 29.49 6.57
N GLY B 118 77.26 30.16 7.34
CA GLY B 118 76.86 31.35 8.05
C GLY B 118 77.11 32.61 7.26
N GLU B 119 77.89 32.48 6.19
CA GLU B 119 78.16 33.60 5.29
C GLU B 119 77.21 33.66 4.11
N TYR B 120 76.67 32.53 3.67
CA TYR B 120 75.71 32.53 2.59
C TYR B 120 74.35 33.06 3.02
N SER B 121 74.00 32.92 4.29
CA SER B 121 72.73 33.39 4.79
C SER B 121 72.63 34.91 4.79
N ASN B 122 73.75 35.62 4.91
CA ASN B 122 73.76 37.07 4.87
C ASN B 122 73.72 37.63 3.45
N GLN B 123 74.04 36.81 2.45
CA GLN B 123 73.91 37.23 1.06
C GLN B 123 72.63 36.76 0.41
N LEU B 124 71.96 35.75 0.98
CA LEU B 124 70.65 35.35 0.51
C LEU B 124 69.53 36.25 1.04
N GLY B 125 69.85 37.15 1.96
CA GLY B 125 68.83 38.00 2.55
C GLY B 125 68.85 39.43 2.06
N GLU B 126 69.95 39.84 1.43
CA GLU B 126 70.04 41.18 0.87
C GLU B 126 69.81 41.21 -0.64
N ALA B 127 69.81 40.04 -1.29
CA ALA B 127 69.39 39.97 -2.68
C ALA B 127 67.89 40.14 -2.84
N LEU B 128 67.12 39.83 -1.79
CA LEU B 128 65.68 39.95 -1.78
C LEU B 128 65.20 41.32 -1.35
N ALA B 129 66.09 42.17 -0.84
CA ALA B 129 65.74 43.53 -0.43
C ALA B 129 66.09 44.57 -1.47
N ILE B 130 66.98 44.25 -2.42
CA ILE B 130 67.29 45.17 -3.51
C ILE B 130 66.25 45.11 -4.62
N ALA B 131 65.41 44.08 -4.64
CA ALA B 131 64.40 43.92 -5.67
C ALA B 131 63.12 44.68 -5.35
N ALA B 132 62.82 44.90 -4.08
CA ALA B 132 61.67 45.69 -3.71
C ALA B 132 61.92 47.19 -3.89
N ASP B 133 63.17 47.63 -3.73
CA ASP B 133 63.49 49.04 -3.87
C ASP B 133 63.27 49.53 -5.29
N GLY B 134 63.70 48.74 -6.27
CA GLY B 134 63.48 49.11 -7.66
C GLY B 134 62.01 49.15 -8.03
N ALA B 135 61.23 48.17 -7.55
CA ALA B 135 59.80 48.15 -7.79
C ALA B 135 59.08 49.31 -7.13
N VAL B 136 59.54 49.77 -5.97
CA VAL B 136 58.95 50.95 -5.35
C VAL B 136 59.32 52.22 -6.11
N LEU B 137 60.57 52.37 -6.55
CA LEU B 137 60.95 53.55 -7.32
C LEU B 137 60.35 53.57 -8.72
N ALA B 138 59.94 52.43 -9.25
CA ALA B 138 59.31 52.38 -10.57
C ALA B 138 57.83 52.69 -10.53
N GLU B 139 57.23 52.78 -9.34
CA GLU B 139 55.83 53.14 -9.19
C GLU B 139 55.62 54.63 -8.96
N MET B 140 56.68 55.39 -8.73
CA MET B 140 56.59 56.84 -8.60
C MET B 140 56.52 57.54 -9.95
N ALA B 141 56.86 56.84 -11.03
CA ALA B 141 56.79 57.40 -12.37
C ALA B 141 55.52 57.00 -13.13
N ILE B 142 54.88 55.90 -12.73
CA ILE B 142 53.58 55.54 -13.30
C ILE B 142 52.45 56.35 -12.69
N LEU B 143 52.68 57.01 -11.55
CA LEU B 143 51.72 57.90 -10.93
C LEU B 143 51.68 59.27 -11.60
N CYS B 144 52.65 59.58 -12.46
CA CYS B 144 52.71 60.85 -13.17
C CYS B 144 52.19 60.76 -14.59
N ASN B 145 51.75 59.58 -15.04
CA ASN B 145 51.27 59.38 -16.40
C ASN B 145 49.80 58.98 -16.44
N LEU B 146 49.02 59.44 -15.46
CA LEU B 146 47.59 59.16 -15.45
C LEU B 146 46.91 59.89 -16.61
N PRO B 147 45.77 59.37 -17.07
CA PRO B 147 45.05 60.03 -18.16
C PRO B 147 44.59 61.44 -17.80
N ALA B 148 44.16 62.21 -18.79
CA ALA B 148 43.75 63.59 -18.58
C ALA B 148 42.32 63.71 -18.06
N ALA B 149 41.59 62.61 -17.98
CA ALA B 149 40.23 62.62 -17.44
C ALA B 149 40.10 61.91 -16.10
N SER B 150 41.17 61.30 -15.61
CA SER B 150 41.17 60.57 -14.35
C SER B 150 42.43 60.87 -13.57
N ASN B 151 42.84 62.14 -13.52
CA ASN B 151 44.08 62.52 -12.88
C ASN B 151 43.92 62.95 -11.43
N GLU B 152 42.73 62.78 -10.85
CA GLU B 152 42.48 63.12 -9.45
C GLU B 152 41.66 62.02 -8.80
N ASN B 153 41.75 61.95 -7.47
CA ASN B 153 40.87 61.06 -6.72
C ASN B 153 39.46 61.62 -6.66
N ILE B 154 39.32 62.81 -6.07
CA ILE B 154 38.06 63.55 -6.03
C ILE B 154 38.34 64.94 -6.57
N ALA B 155 37.39 65.46 -7.35
CA ALA B 155 37.58 66.78 -7.96
C ALA B 155 37.75 67.84 -6.89
N GLY B 156 38.76 68.69 -7.06
CA GLY B 156 39.04 69.74 -6.12
C GLY B 156 40.11 69.45 -5.09
N LEU B 157 40.90 68.39 -5.26
CA LEU B 157 41.95 68.05 -4.31
C LEU B 157 43.36 68.27 -4.84
N GLY B 158 43.61 68.04 -6.11
CA GLY B 158 44.93 68.33 -6.66
C GLY B 158 45.45 67.31 -7.67
N THR B 159 46.45 67.71 -8.45
CA THR B 159 47.06 66.88 -9.49
C THR B 159 48.56 66.77 -9.25
N ALA B 160 49.25 66.13 -10.19
CA ALA B 160 50.70 66.01 -10.15
C ALA B 160 51.35 67.07 -11.04
N SER B 161 52.64 67.29 -10.81
CA SER B 161 53.36 68.39 -11.45
C SER B 161 54.57 67.84 -12.21
N VAL B 162 54.74 68.27 -13.45
CA VAL B 162 55.91 67.95 -14.26
C VAL B 162 56.53 69.26 -14.73
N LEU B 163 57.81 69.45 -14.43
CA LEU B 163 58.50 70.70 -14.69
C LEU B 163 59.70 70.44 -15.60
N GLU B 164 59.88 71.31 -16.59
CA GLU B 164 60.99 71.19 -17.53
C GLU B 164 62.16 72.06 -17.10
N VAL B 165 63.38 71.57 -17.37
CA VAL B 165 64.59 72.26 -16.98
C VAL B 165 65.23 73.01 -18.14
N GLY B 166 65.30 72.42 -19.33
CA GLY B 166 65.91 73.07 -20.46
C GLY B 166 66.48 72.07 -21.45
N LYS B 167 67.14 72.57 -22.50
CA LYS B 167 67.77 71.69 -23.47
C LYS B 167 69.02 71.06 -22.87
N LYS B 168 69.40 69.91 -23.43
CA LYS B 168 70.52 69.15 -22.91
C LYS B 168 71.87 69.57 -23.49
N ALA B 169 71.90 70.00 -24.75
CA ALA B 169 73.16 70.37 -25.39
C ALA B 169 73.69 71.73 -24.94
N ASP B 170 72.90 72.50 -24.18
CA ASP B 170 73.28 73.85 -23.79
C ASP B 170 73.69 73.95 -22.33
N LEU B 171 74.01 72.81 -21.69
CA LEU B 171 74.43 72.80 -20.29
C LEU B 171 75.72 72.02 -20.09
N ASN B 172 76.74 72.28 -20.91
CA ASN B 172 77.98 71.52 -20.89
C ASN B 172 78.70 71.61 -19.56
N THR B 173 78.82 72.83 -19.03
CA THR B 173 79.53 73.01 -17.77
C THR B 173 78.78 72.37 -16.62
N PRO B 174 79.46 71.61 -15.76
CA PRO B 174 78.77 71.00 -14.61
C PRO B 174 78.12 72.03 -13.69
N ALA B 175 78.73 73.20 -13.54
CA ALA B 175 78.19 74.25 -12.69
C ALA B 175 77.12 75.08 -13.38
N LYS B 176 76.84 74.81 -14.65
CA LYS B 176 75.75 75.45 -15.37
C LYS B 176 74.46 74.64 -15.31
N LEU B 177 74.46 73.54 -14.57
CA LEU B 177 73.29 72.68 -14.39
C LEU B 177 72.68 72.81 -13.00
N GLY B 178 73.51 72.96 -11.97
CA GLY B 178 72.99 73.18 -10.64
C GLY B 178 72.17 74.46 -10.54
N GLU B 179 72.55 75.48 -11.30
CA GLU B 179 71.77 76.72 -11.33
C GLU B 179 70.34 76.45 -11.79
N ALA B 180 70.20 75.73 -12.90
CA ALA B 180 68.86 75.40 -13.41
C ALA B 180 68.11 74.52 -12.42
N ILE B 181 68.80 73.57 -11.79
CA ILE B 181 68.11 72.67 -10.86
C ILE B 181 67.56 73.44 -9.66
N ILE B 182 68.36 74.33 -9.06
CA ILE B 182 67.91 75.06 -7.88
C ILE B 182 66.99 76.20 -8.31
N GLY B 183 66.95 76.51 -9.60
CA GLY B 183 66.00 77.50 -10.08
C GLY B 183 64.64 76.90 -10.38
N GLN B 184 64.60 75.59 -10.63
CA GLN B 184 63.34 74.90 -10.83
C GLN B 184 62.81 74.24 -9.56
N LEU B 185 63.65 74.06 -8.54
CA LEU B 185 63.16 73.58 -7.27
C LEU B 185 62.29 74.59 -6.54
N THR B 186 62.40 75.88 -6.85
CA THR B 186 61.59 76.91 -6.20
C THR B 186 60.10 76.73 -6.52
N ILE B 187 59.78 76.47 -7.78
CA ILE B 187 58.38 76.28 -8.17
C ILE B 187 57.84 74.98 -7.57
N ALA B 188 58.68 73.95 -7.51
CA ALA B 188 58.26 72.68 -6.91
C ALA B 188 57.94 72.86 -5.43
N ARG B 189 58.73 73.67 -4.73
CA ARG B 189 58.43 73.93 -3.32
C ARG B 189 57.08 74.62 -3.16
N ALA B 190 56.76 75.57 -4.03
CA ALA B 190 55.54 76.34 -3.89
C ALA B 190 54.29 75.58 -4.32
N LYS B 191 54.42 74.68 -5.29
CA LYS B 191 53.25 73.95 -5.79
C LYS B 191 52.76 72.87 -4.84
N LEU B 192 53.57 72.48 -3.85
CA LEU B 192 53.15 71.46 -2.88
C LEU B 192 52.47 72.06 -1.66
N THR B 193 52.69 73.34 -1.35
CA THR B 193 52.03 74.00 -0.23
C THR B 193 50.59 74.37 -0.52
N SER B 194 50.28 74.76 -1.76
CA SER B 194 48.92 75.14 -2.11
C SER B 194 47.96 73.96 -2.11
N ASN B 195 48.46 72.73 -2.07
CA ASN B 195 47.65 71.53 -1.90
C ASN B 195 47.60 71.07 -0.45
N TYR B 196 48.12 71.85 0.48
CA TYR B 196 48.07 71.61 1.92
C TYR B 196 48.91 70.41 2.35
N VAL B 197 49.96 70.07 1.62
CA VAL B 197 50.85 68.97 1.97
C VAL B 197 51.69 69.40 3.17
N PRO B 198 51.71 68.65 4.26
CA PRO B 198 52.47 69.07 5.44
C PRO B 198 53.96 69.09 5.17
N ALA B 199 54.66 69.99 5.87
CA ALA B 199 56.10 70.12 5.72
C ALA B 199 56.78 69.25 6.77
N GLY B 200 57.88 68.60 6.38
CA GLY B 200 58.65 67.82 7.34
C GLY B 200 59.22 66.52 6.81
N ASP B 201 58.59 65.91 5.80
CA ASP B 201 59.10 64.70 5.17
C ASP B 201 59.00 64.84 3.66
N ARG B 202 60.02 65.43 3.05
CA ARG B 202 60.09 65.57 1.60
C ARG B 202 61.48 65.16 1.12
N TYR B 203 61.52 64.43 0.00
CA TYR B 203 62.75 63.84 -0.49
C TYR B 203 62.90 64.06 -1.99
N PHE B 204 64.14 63.98 -2.47
CA PHE B 204 64.46 64.15 -3.87
C PHE B 204 65.47 63.09 -4.27
N TYR B 205 65.16 62.31 -5.30
CA TYR B 205 66.00 61.18 -5.72
C TYR B 205 66.65 61.49 -7.06
N THR B 206 67.96 61.29 -7.14
CA THR B 206 68.72 61.61 -8.34
C THR B 206 69.91 60.68 -8.46
N THR B 207 70.63 60.79 -9.58
CA THR B 207 71.77 59.93 -9.89
C THR B 207 73.05 60.53 -9.32
N PRO B 208 74.10 59.72 -9.17
CA PRO B 208 75.35 60.24 -8.60
C PRO B 208 76.00 61.35 -9.41
N ASP B 209 75.74 61.44 -10.71
CA ASP B 209 76.36 62.45 -11.54
C ASP B 209 75.63 63.78 -11.53
N ASN B 210 74.40 63.83 -11.02
CA ASN B 210 73.67 65.07 -10.82
C ASN B 210 73.71 65.55 -9.38
N TYR B 211 74.17 64.72 -8.45
CA TYR B 211 74.41 65.10 -7.07
C TYR B 211 75.64 65.98 -6.94
N SER B 212 76.59 65.90 -7.86
CA SER B 212 77.79 66.72 -7.84
C SER B 212 77.63 68.04 -8.56
N ALA B 213 76.77 68.12 -9.56
CA ALA B 213 76.46 69.40 -10.19
C ALA B 213 75.65 70.33 -9.29
N ILE B 214 75.09 69.81 -8.20
CA ILE B 214 74.41 70.60 -7.20
C ILE B 214 75.35 71.01 -6.08
N LEU B 215 76.14 70.06 -5.57
CA LEU B 215 77.11 70.32 -4.52
C LEU B 215 78.23 71.25 -4.97
N ALA B 216 78.44 71.41 -6.28
CA ALA B 216 79.42 72.33 -6.81
C ALA B 216 78.84 73.70 -7.12
N ALA B 217 77.55 73.90 -6.82
CA ALA B 217 76.91 75.20 -7.00
C ALA B 217 77.13 76.11 -5.80
N LEU B 218 77.75 75.59 -4.74
CA LEU B 218 78.19 76.43 -3.63
C LEU B 218 79.47 75.86 -3.00
N MET B 219 80.61 76.27 -3.54
CA MET B 219 81.91 75.84 -3.03
C MET B 219 82.47 76.71 -1.89
N PRO B 220 82.53 78.04 -2.04
CA PRO B 220 83.36 78.83 -1.10
C PRO B 220 82.83 78.84 0.33
N ASN B 221 81.54 78.63 0.55
CA ASN B 221 80.99 78.66 1.90
C ASN B 221 81.28 77.34 2.61
N ALA B 222 80.65 77.14 3.78
CA ALA B 222 80.86 75.92 4.54
C ALA B 222 80.51 74.70 3.70
N ALA B 223 81.53 73.94 3.32
CA ALA B 223 81.36 72.85 2.36
C ALA B 223 81.35 71.48 3.01
N ASN B 224 81.34 71.39 4.34
CA ASN B 224 81.50 70.09 5.00
C ASN B 224 80.94 70.20 6.43
N TYR B 225 81.28 69.23 7.27
CA TYR B 225 81.02 69.22 8.71
C TYR B 225 79.56 68.91 9.04
N ALA B 226 78.67 69.88 8.87
CA ALA B 226 77.29 69.70 9.32
C ALA B 226 76.26 70.05 8.25
N ALA B 227 76.58 71.01 7.38
CA ALA B 227 75.58 71.54 6.47
C ALA B 227 75.37 70.62 5.27
N LEU B 228 76.41 70.44 4.44
CA LEU B 228 76.24 69.75 3.18
C LEU B 228 76.20 68.23 3.32
N ILE B 229 76.90 67.63 4.28
CA ILE B 229 76.98 66.18 4.36
C ILE B 229 76.77 65.71 5.80
N ASP B 230 75.93 64.69 5.98
CA ASP B 230 75.79 64.03 7.28
C ASP B 230 76.86 62.96 7.43
N PRO B 231 77.23 62.62 8.67
CA PRO B 231 78.28 61.63 8.88
C PRO B 231 77.81 60.20 8.69
N GLU B 232 76.56 59.92 9.07
CA GLU B 232 76.08 58.54 9.07
C GLU B 232 75.63 58.10 7.69
N THR B 233 74.71 58.84 7.07
CA THR B 233 74.11 58.43 5.81
C THR B 233 74.71 59.14 4.60
N GLY B 234 74.99 60.43 4.70
CA GLY B 234 75.59 61.17 3.61
C GLY B 234 74.61 61.89 2.70
N ASN B 235 73.52 62.44 3.24
CA ASN B 235 72.53 63.18 2.46
C ASN B 235 72.64 64.65 2.81
N ILE B 236 72.44 65.52 1.80
CA ILE B 236 72.38 66.94 2.05
C ILE B 236 71.12 67.22 2.87
N ARG B 237 71.31 67.85 4.04
CA ARG B 237 70.23 67.91 5.04
C ARG B 237 69.10 68.80 4.59
N ASN B 238 69.39 69.90 3.90
CA ASN B 238 68.35 70.87 3.56
C ASN B 238 68.75 71.62 2.31
N VAL B 239 67.95 71.47 1.25
CA VAL B 239 68.06 72.32 0.07
C VAL B 239 66.67 72.81 -0.29
N MET B 240 66.31 73.99 0.21
CA MET B 240 64.99 74.60 -0.01
C MET B 240 63.87 73.70 0.46
N GLY B 241 64.05 73.03 1.60
CA GLY B 241 63.03 72.21 2.20
C GLY B 241 63.10 70.74 1.85
N PHE B 242 63.91 70.35 0.88
CA PHE B 242 64.03 68.97 0.44
C PHE B 242 65.26 68.32 1.03
N VAL B 243 65.27 66.99 1.00
CA VAL B 243 66.43 66.19 1.39
C VAL B 243 66.88 65.42 0.16
N VAL B 244 68.17 65.53 -0.18
CA VAL B 244 68.68 64.99 -1.44
C VAL B 244 69.31 63.63 -1.19
N VAL B 245 68.89 62.63 -1.98
CA VAL B 245 69.36 61.26 -1.86
C VAL B 245 69.86 60.81 -3.23
N GLU B 246 70.95 60.04 -3.22
CA GLU B 246 71.54 59.52 -4.45
C GLU B 246 71.42 58.00 -4.49
N VAL B 247 70.99 57.46 -5.63
CA VAL B 247 70.86 56.03 -5.84
C VAL B 247 71.54 55.66 -7.15
N PRO B 248 72.40 54.63 -7.18
CA PRO B 248 73.02 54.23 -8.45
C PRO B 248 72.13 53.37 -9.34
N HIS B 249 70.95 52.96 -8.89
CA HIS B 249 70.09 52.03 -9.64
C HIS B 249 68.68 52.62 -9.76
N LEU B 250 68.60 53.88 -10.19
CA LEU B 250 67.33 54.59 -10.26
C LEU B 250 66.39 54.01 -11.31
N VAL B 251 66.93 53.55 -12.45
CA VAL B 251 66.10 53.13 -13.58
C VAL B 251 66.08 51.62 -13.73
N GLN B 252 66.28 50.91 -12.63
CA GLN B 252 66.14 49.46 -12.59
C GLN B 252 64.73 49.09 -12.14
N GLY B 253 64.11 48.15 -12.85
CA GLY B 253 62.73 47.79 -12.54
C GLY B 253 62.60 46.79 -11.41
N GLY B 254 61.79 45.77 -11.61
CA GLY B 254 61.59 44.70 -10.64
C GLY B 254 62.41 43.48 -10.95
N ALA B 255 61.91 42.32 -10.53
CA ALA B 255 62.57 41.05 -10.75
C ALA B 255 61.94 40.32 -11.95
N GLY B 256 62.63 39.27 -12.40
CA GLY B 256 62.19 38.53 -13.56
C GLY B 256 61.98 37.05 -13.30
N GLY B 257 61.92 36.26 -14.37
CA GLY B 257 61.68 34.83 -14.23
C GLY B 257 62.82 33.96 -14.71
N THR B 258 63.91 34.58 -15.16
CA THR B 258 65.08 33.86 -15.65
C THR B 258 66.33 34.70 -15.42
N ARG B 259 67.39 34.07 -14.95
CA ARG B 259 68.66 34.73 -14.70
C ARG B 259 69.47 34.85 -15.99
N GLY B 260 70.53 35.65 -15.93
CA GLY B 260 71.42 35.86 -17.05
C GLY B 260 72.54 34.84 -17.07
N ALA B 261 73.56 35.15 -17.89
CA ALA B 261 74.71 34.27 -17.99
C ALA B 261 75.53 34.26 -16.71
N ASP B 262 75.86 35.45 -16.18
CA ASP B 262 76.62 35.53 -14.94
C ASP B 262 75.73 35.25 -13.74
N GLY B 263 74.47 35.66 -13.81
CA GLY B 263 73.50 35.42 -12.75
C GLY B 263 73.04 36.65 -12.01
N ALA B 267 66.68 38.17 -17.86
CA ALA B 267 66.55 37.70 -19.23
C ALA B 267 65.15 37.20 -19.58
N SER B 268 64.11 37.59 -18.85
CA SER B 268 62.76 37.12 -19.15
C SER B 268 61.70 38.14 -18.77
N GLY B 269 60.45 37.70 -18.68
CA GLY B 269 59.35 38.60 -18.39
C GLY B 269 59.48 39.33 -17.06
N GLN B 270 59.66 40.65 -17.13
CA GLN B 270 59.88 41.47 -15.96
C GLN B 270 58.56 42.06 -15.46
N LYS B 271 58.53 42.38 -14.17
CA LYS B 271 57.39 43.03 -13.54
C LYS B 271 57.81 44.39 -13.00
N HIS B 272 56.90 45.36 -13.08
CA HIS B 272 57.17 46.74 -12.69
C HIS B 272 58.35 47.31 -13.50
N ALA B 273 58.16 47.38 -14.80
CA ALA B 273 59.19 47.87 -15.71
C ALA B 273 59.12 49.39 -15.84
N PHE B 274 60.27 50.04 -15.72
CA PHE B 274 60.33 51.48 -15.91
C PHE B 274 60.01 51.83 -17.36
N PRO B 275 59.14 52.84 -17.62
CA PRO B 275 58.74 53.18 -18.98
C PRO B 275 59.97 53.46 -19.84
N ALA B 276 59.86 53.36 -21.16
CA ALA B 276 61.06 53.49 -22.01
C ALA B 276 61.09 54.82 -22.77
N THR B 277 60.22 54.98 -23.76
CA THR B 277 60.30 56.20 -24.62
C THR B 277 59.07 57.10 -24.43
N ALA B 278 59.25 58.41 -24.51
CA ALA B 278 58.14 59.36 -24.28
C ALA B 278 57.21 59.42 -25.49
N ALA B 279 55.90 59.62 -25.25
CA ALA B 279 54.90 59.70 -26.33
C ALA B 279 53.52 59.92 -25.69
N GLY B 280 52.71 60.81 -26.26
CA GLY B 280 51.36 61.01 -25.71
C GLY B 280 51.40 61.10 -24.20
N ALA B 281 50.60 60.28 -23.52
CA ALA B 281 50.54 60.36 -22.05
C ALA B 281 51.94 60.21 -21.46
N VAL B 282 52.77 59.38 -22.08
CA VAL B 282 54.12 59.15 -21.48
C VAL B 282 54.83 60.49 -21.47
N LYS B 283 54.99 61.08 -20.28
CA LYS B 283 55.73 62.36 -20.17
C LYS B 283 57.01 62.09 -19.37
N VAL B 284 57.04 60.99 -18.62
CA VAL B 284 58.29 60.62 -17.91
C VAL B 284 58.78 59.29 -18.49
N ALA B 285 60.00 59.26 -19.02
CA ALA B 285 60.51 58.02 -19.66
C ALA B 285 61.97 57.83 -19.29
N MET B 286 62.58 56.74 -19.76
CA MET B 286 64.00 56.45 -19.42
C MET B 286 64.91 57.25 -20.33
N ASP B 287 64.37 58.26 -21.02
CA ASP B 287 65.20 59.01 -21.99
C ASP B 287 65.28 60.48 -21.59
N ASN B 288 64.40 60.94 -20.70
CA ASN B 288 64.38 62.39 -20.39
C ASN B 288 64.17 62.62 -18.89
N VAL B 289 64.82 61.83 -18.04
CA VAL B 289 64.52 61.98 -16.59
C VAL B 289 65.68 62.65 -15.86
N VAL B 290 65.39 63.44 -14.83
CA VAL B 290 66.41 64.03 -14.00
C VAL B 290 66.24 63.68 -12.52
N GLY B 291 65.02 63.70 -12.00
CA GLY B 291 64.79 63.38 -10.60
C GLY B 291 63.32 63.20 -10.32
N LEU B 292 63.03 62.80 -9.09
CA LEU B 292 61.66 62.57 -8.62
C LEU B 292 61.56 63.07 -7.19
N PHE B 293 60.46 63.75 -6.86
CA PHE B 293 60.23 64.25 -5.51
C PHE B 293 58.83 63.87 -5.05
N SER B 294 58.68 63.71 -3.74
CA SER B 294 57.41 63.29 -3.16
C SER B 294 57.34 63.46 -1.65
N HIS B 295 56.19 63.14 -1.07
CA HIS B 295 55.99 63.04 0.36
C HIS B 295 56.04 61.56 0.75
N ARG B 296 55.95 61.28 2.05
CA ARG B 296 55.99 59.89 2.52
C ARG B 296 54.62 59.24 2.55
N SER B 297 53.67 59.73 1.76
CA SER B 297 52.33 59.16 1.76
C SER B 297 51.78 58.90 0.36
N ALA B 298 52.63 58.72 -0.65
CA ALA B 298 52.19 58.52 -2.01
C ALA B 298 52.27 57.09 -2.49
N VAL B 299 53.02 56.22 -1.80
CA VAL B 299 53.19 54.82 -2.21
C VAL B 299 53.01 53.93 -0.98
N GLY B 300 52.75 52.65 -1.23
CA GLY B 300 52.49 51.72 -0.15
C GLY B 300 52.96 50.31 -0.47
N THR B 301 52.88 49.46 0.56
CA THR B 301 53.31 48.07 0.47
C THR B 301 52.44 47.22 1.37
N VAL B 302 52.17 45.99 0.92
CA VAL B 302 51.36 45.03 1.68
C VAL B 302 52.12 43.72 1.77
N LYS B 303 52.22 43.16 2.97
CA LYS B 303 52.93 41.93 3.23
C LYS B 303 51.94 40.81 3.56
N LEU B 304 52.13 39.65 2.94
CA LEU B 304 51.39 38.45 3.31
C LEU B 304 52.24 37.49 4.13
N ARG B 305 53.50 37.29 3.76
CA ARG B 305 54.44 36.50 4.54
C ARG B 305 55.77 37.25 4.59
N ASP B 306 56.54 37.04 5.65
CA ASP B 306 57.79 37.73 5.86
C ASP B 306 58.96 36.81 5.55
N LEU B 307 60.18 37.35 5.65
CA LEU B 307 61.38 36.60 5.28
C LEU B 307 61.58 35.40 6.20
N ALA B 308 62.06 34.30 5.62
CA ALA B 308 62.27 33.07 6.37
C ALA B 308 63.36 32.25 5.69
N LEU B 309 63.94 31.33 6.45
CA LEU B 309 65.02 30.47 5.98
C LEU B 309 64.69 29.02 6.32
N GLU B 310 65.26 28.10 5.54
CA GLU B 310 64.94 26.69 5.68
C GLU B 310 66.10 25.85 5.14
N ARG B 311 66.30 24.68 5.75
CA ARG B 311 67.39 23.78 5.38
C ARG B 311 66.85 22.38 5.12
N ASP B 312 67.61 21.61 4.35
CA ASP B 312 67.21 20.26 3.96
C ASP B 312 68.46 19.42 3.75
N ARG B 313 68.26 18.11 3.58
CA ARG B 313 69.34 17.16 3.36
C ARG B 313 69.04 16.32 2.12
N ASP B 314 70.03 16.19 1.25
CA ASP B 314 69.92 15.39 0.04
C ASP B 314 70.80 14.14 0.19
N VAL B 315 70.25 12.98 -0.15
CA VAL B 315 70.92 11.71 0.08
C VAL B 315 71.37 11.05 -1.23
N ASP B 316 70.82 11.48 -2.36
CA ASP B 316 71.24 10.95 -3.65
C ASP B 316 72.41 11.72 -4.26
N ALA B 317 72.66 12.95 -3.80
CA ALA B 317 73.82 13.71 -4.22
C ALA B 317 74.72 14.12 -3.06
N GLN B 318 74.38 13.74 -1.82
CA GLN B 318 75.19 14.02 -0.65
C GLN B 318 75.41 15.52 -0.44
N GLY B 319 74.33 16.26 -0.21
CA GLY B 319 74.45 17.70 -0.03
C GLY B 319 73.32 18.26 0.80
N ASP B 320 73.31 19.59 0.90
CA ASP B 320 72.30 20.34 1.65
C ASP B 320 71.82 21.52 0.82
N LEU B 321 70.67 22.08 1.22
CA LEU B 321 70.03 23.17 0.50
C LEU B 321 69.59 24.25 1.47
N ILE B 322 69.62 25.52 1.03
CA ILE B 322 69.20 26.67 1.82
C ILE B 322 68.32 27.56 0.94
N VAL B 323 67.21 28.05 1.50
CA VAL B 323 66.20 28.79 0.74
C VAL B 323 65.74 30.01 1.55
N GLY B 324 65.42 31.08 0.84
CA GLY B 324 64.75 32.23 1.44
C GLY B 324 63.65 32.75 0.54
N LYS B 325 62.60 33.30 1.15
CA LYS B 325 61.41 33.66 0.38
C LYS B 325 60.55 34.67 1.13
N TYR B 326 59.65 35.32 0.38
CA TYR B 326 58.61 36.20 0.92
C TYR B 326 57.57 36.47 -0.15
N ALA B 327 56.55 37.26 0.21
CA ALA B 327 55.48 37.65 -0.70
C ALA B 327 55.02 39.07 -0.39
N MET B 328 54.87 39.90 -1.43
CA MET B 328 54.57 41.32 -1.24
C MET B 328 53.81 41.88 -2.43
N GLY B 329 53.43 43.15 -2.33
CA GLY B 329 52.80 43.87 -3.43
C GLY B 329 52.95 45.37 -3.24
N HIS B 330 52.94 46.10 -4.35
CA HIS B 330 53.24 47.54 -4.34
C HIS B 330 52.22 48.30 -5.19
N GLY B 331 52.08 49.59 -4.89
CA GLY B 331 51.16 50.45 -5.63
C GLY B 331 51.26 51.88 -5.12
N GLY B 332 50.52 52.77 -5.80
CA GLY B 332 50.51 54.19 -5.48
C GLY B 332 49.16 54.69 -5.01
N LEU B 333 49.19 55.67 -4.10
CA LEU B 333 47.98 56.07 -3.37
C LEU B 333 47.53 57.50 -3.65
N ARG B 334 48.38 58.51 -3.43
CA ARG B 334 47.96 59.91 -3.54
C ARG B 334 48.65 60.59 -4.70
N PRO B 335 47.92 61.04 -5.72
CA PRO B 335 48.55 61.73 -6.86
C PRO B 335 48.88 63.19 -6.62
N GLU B 336 48.42 63.80 -5.52
CA GLU B 336 48.66 65.21 -5.27
C GLU B 336 49.94 65.47 -4.48
N ALA B 337 50.74 64.43 -4.24
CA ALA B 337 52.00 64.60 -3.51
C ALA B 337 53.16 63.98 -4.26
N ALA B 338 53.26 64.28 -5.56
CA ALA B 338 54.29 63.67 -6.40
C ALA B 338 54.62 64.62 -7.54
N GLY B 339 55.75 64.35 -8.19
CA GLY B 339 56.18 65.16 -9.30
C GLY B 339 57.46 64.62 -9.91
N ALA B 340 57.97 65.34 -10.91
CA ALA B 340 59.18 64.94 -11.60
C ALA B 340 59.77 66.12 -12.36
N LEU B 341 61.08 66.06 -12.59
CA LEU B 341 61.80 67.02 -13.41
C LEU B 341 62.33 66.32 -14.67
N VAL B 342 62.22 67.00 -15.81
CA VAL B 342 62.58 66.38 -17.08
C VAL B 342 63.41 67.33 -17.94
N PHE B 343 63.75 66.88 -19.15
CA PHE B 343 64.51 67.65 -20.12
C PHE B 343 63.59 68.16 -21.23
N SER B 344 63.94 69.29 -21.81
CA SER B 344 63.17 69.83 -22.91
C SER B 344 63.33 68.98 -24.17
N PRO B 345 62.30 68.89 -24.99
CA PRO B 345 62.38 68.05 -26.20
C PRO B 345 63.49 68.51 -27.13
N ALA B 346 64.11 67.54 -27.80
CA ALA B 346 65.20 67.80 -28.75
C ALA B 346 66.33 68.61 -28.13
N ALA C 2 9.21 65.17 0.97
CA ALA C 2 9.82 64.18 0.08
C ALA C 2 10.90 63.38 0.80
N ASN C 3 12.02 63.17 0.14
CA ASN C 3 13.11 62.38 0.71
C ASN C 3 13.95 63.23 1.66
N VAL C 4 14.86 62.56 2.36
CA VAL C 4 15.72 63.19 3.35
C VAL C 4 17.15 63.18 2.82
N PRO C 5 17.83 64.32 2.78
CA PRO C 5 19.25 64.32 2.38
C PRO C 5 20.10 63.55 3.36
N GLY C 6 21.12 62.87 2.84
CA GLY C 6 21.96 62.04 3.67
C GLY C 6 23.21 61.60 2.94
N GLN C 7 23.88 60.61 3.53
CA GLN C 7 25.18 60.15 3.06
C GLN C 7 25.03 58.90 2.20
N LYS C 8 25.91 58.77 1.22
CA LYS C 8 25.99 57.60 0.35
C LYS C 8 27.34 56.93 0.60
N VAL C 9 27.35 55.93 1.48
CA VAL C 9 28.58 55.25 1.85
C VAL C 9 28.95 54.14 0.87
N GLY C 10 28.03 53.75 0.00
CA GLY C 10 28.29 52.65 -0.92
C GLY C 10 28.43 53.05 -2.38
N THR C 11 28.22 54.32 -2.70
CA THR C 11 28.30 54.81 -4.07
C THR C 11 29.70 55.35 -4.34
N ASP C 12 30.19 55.11 -5.55
CA ASP C 12 31.52 55.54 -5.98
C ASP C 12 31.39 56.84 -6.76
N GLN C 13 31.88 57.93 -6.18
CA GLN C 13 31.75 59.24 -6.80
C GLN C 13 33.11 59.87 -7.07
N GLY C 14 34.03 59.07 -7.63
CA GLY C 14 35.32 59.59 -8.05
C GLY C 14 35.24 60.34 -9.36
N LYS C 15 36.40 60.83 -9.80
CA LYS C 15 36.48 61.60 -11.04
C LYS C 15 36.58 60.65 -12.22
N GLY C 16 35.66 60.80 -13.18
CA GLY C 16 35.66 59.95 -14.34
C GLY C 16 35.21 58.53 -14.10
N LYS C 17 34.41 58.30 -13.07
CA LYS C 17 33.95 56.97 -12.70
C LYS C 17 32.43 56.94 -12.63
N SER C 18 31.83 55.89 -13.16
CA SER C 18 30.38 55.76 -13.17
C SER C 18 29.86 55.46 -11.77
N GLY C 19 28.71 56.05 -11.45
CA GLY C 19 28.10 55.87 -10.15
C GLY C 19 26.70 55.32 -10.20
N SER C 20 26.45 54.39 -11.13
CA SER C 20 25.12 53.81 -11.30
C SER C 20 24.84 52.65 -10.36
N ASP C 21 25.83 52.18 -9.61
CA ASP C 21 25.64 51.10 -8.65
C ASP C 21 25.77 51.64 -7.23
N ALA C 22 24.82 51.27 -6.37
CA ALA C 22 24.74 51.80 -5.02
C ALA C 22 25.28 50.84 -3.96
N LEU C 23 25.97 49.78 -4.38
CA LEU C 23 26.54 48.80 -3.46
C LEU C 23 27.94 48.42 -3.88
N ALA C 24 28.71 49.39 -4.38
CA ALA C 24 29.98 49.10 -5.03
C ALA C 24 31.15 49.02 -4.06
N LEU C 25 31.07 49.65 -2.88
CA LEU C 25 32.20 49.74 -1.97
C LEU C 25 32.09 48.78 -0.79
N PHE C 26 31.18 47.82 -0.84
CA PHE C 26 31.03 46.82 0.19
C PHE C 26 31.68 45.51 -0.25
N LEU C 27 31.95 44.63 0.70
CA LEU C 27 32.75 43.44 0.46
C LEU C 27 31.91 42.17 0.60
N LYS C 28 32.42 41.09 0.02
CA LYS C 28 31.83 39.76 0.11
C LYS C 28 32.58 38.93 1.14
N VAL C 29 31.83 38.14 1.92
CA VAL C 29 32.39 37.46 3.08
C VAL C 29 32.14 35.96 2.97
N PHE C 30 32.74 35.19 3.88
CA PHE C 30 32.66 33.73 3.90
C PHE C 30 31.52 33.29 4.81
N ALA C 31 30.69 32.35 4.33
CA ALA C 31 29.49 31.97 5.07
C ALA C 31 29.84 31.16 6.30
N GLY C 32 30.48 30.01 6.13
CA GLY C 32 30.85 29.19 7.27
C GLY C 32 30.59 27.71 7.09
N GLU C 33 30.13 27.31 5.91
CA GLU C 33 29.84 25.91 5.63
C GLU C 33 30.42 25.51 4.29
N VAL C 34 30.85 24.25 4.19
CA VAL C 34 31.45 23.71 2.97
C VAL C 34 30.57 22.58 2.46
N LEU C 35 30.28 22.60 1.16
CA LEU C 35 29.41 21.60 0.52
C LEU C 35 30.28 20.48 -0.05
N THR C 36 30.40 19.39 0.71
CA THR C 36 31.14 18.22 0.26
C THR C 36 30.20 17.19 -0.36
N ALA C 37 30.76 16.33 -1.20
CA ALA C 37 29.96 15.35 -1.92
C ALA C 37 29.41 14.28 -0.99
N PHE C 38 28.31 13.67 -1.41
CA PHE C 38 27.67 12.62 -0.63
C PHE C 38 28.50 11.34 -0.65
N THR C 39 28.46 10.60 0.46
CA THR C 39 29.32 9.44 0.62
C THR C 39 28.77 8.22 -0.13
N ARG C 40 29.63 7.23 -0.32
CA ARG C 40 29.31 5.99 -1.00
C ARG C 40 29.66 4.82 -0.09
N ARG C 41 28.88 3.74 -0.15
CA ARG C 41 29.07 2.58 0.70
C ARG C 41 29.05 1.30 -0.11
N SER C 42 29.78 0.30 0.39
CA SER C 42 29.89 -1.01 -0.24
C SER C 42 28.92 -2.00 0.40
N VAL C 43 28.57 -3.04 -0.36
CA VAL C 43 27.47 -3.92 0.03
C VAL C 43 27.90 -5.38 0.09
N THR C 44 28.97 -5.74 -0.62
CA THR C 44 29.37 -7.13 -0.74
C THR C 44 30.48 -7.52 0.23
N ALA C 45 30.73 -6.72 1.26
CA ALA C 45 31.91 -6.91 2.11
C ALA C 45 31.85 -8.23 2.87
N ASP C 46 30.67 -8.61 3.35
CA ASP C 46 30.54 -9.77 4.21
C ASP C 46 29.57 -10.81 3.65
N LYS C 47 29.70 -11.12 2.37
CA LYS C 47 28.77 -12.06 1.73
C LYS C 47 29.50 -13.06 0.84
N HIS C 48 30.77 -13.33 1.12
CA HIS C 48 31.52 -14.34 0.38
C HIS C 48 32.71 -14.77 1.23
N ILE C 49 33.57 -15.60 0.64
CA ILE C 49 34.66 -16.26 1.36
C ILE C 49 35.92 -15.40 1.29
N VAL C 50 36.54 -15.17 2.45
CA VAL C 50 37.73 -14.34 2.57
C VAL C 50 38.82 -15.14 3.26
N ARG C 51 40.03 -15.13 2.70
CA ARG C 51 41.18 -15.82 3.26
C ARG C 51 42.37 -14.88 3.35
N THR C 52 43.30 -15.19 4.23
CA THR C 52 44.49 -14.38 4.46
C THR C 52 45.74 -15.26 4.38
N ILE C 53 46.80 -14.70 3.79
CA ILE C 53 48.07 -15.41 3.65
C ILE C 53 49.19 -14.52 4.20
N GLN C 54 50.39 -15.09 4.23
CA GLN C 54 51.59 -14.42 4.72
C GLN C 54 52.64 -14.21 3.64
N ASN C 55 52.85 -15.19 2.76
CA ASN C 55 53.89 -15.14 1.75
C ASN C 55 53.33 -15.74 0.46
N GLY C 56 54.02 -15.50 -0.64
CA GLY C 56 53.74 -16.20 -1.88
C GLY C 56 53.08 -15.32 -2.91
N LYS C 57 52.77 -15.95 -4.04
CA LYS C 57 52.19 -15.26 -5.18
C LYS C 57 50.85 -15.83 -5.63
N SER C 58 50.35 -16.90 -5.03
CA SER C 58 49.12 -17.53 -5.49
C SER C 58 48.46 -18.29 -4.33
N ALA C 59 47.45 -19.08 -4.66
CA ALA C 59 46.74 -19.93 -3.71
C ALA C 59 46.14 -21.11 -4.48
N GLN C 60 45.73 -22.15 -3.75
CA GLN C 60 45.24 -23.38 -4.36
C GLN C 60 44.03 -23.91 -3.60
N PHE C 61 43.04 -24.40 -4.33
CA PHE C 61 41.85 -25.05 -3.77
C PHE C 61 41.64 -26.40 -4.45
N PRO C 62 41.66 -27.51 -3.73
CA PRO C 62 41.39 -28.81 -4.36
C PRO C 62 39.91 -29.07 -4.58
N VAL C 63 39.61 -29.98 -5.53
CA VAL C 63 38.25 -30.33 -5.93
C VAL C 63 38.17 -31.83 -6.18
N MET C 64 37.03 -32.44 -5.84
CA MET C 64 36.79 -33.86 -6.09
C MET C 64 35.29 -34.15 -6.09
N GLY C 65 34.92 -35.28 -6.69
CA GLY C 65 33.51 -35.65 -6.84
C GLY C 65 33.26 -37.15 -7.02
N ARG C 66 32.32 -37.47 -7.95
CA ARG C 66 32.17 -38.80 -8.55
C ARG C 66 31.41 -39.82 -7.69
N THR C 67 30.89 -40.88 -8.33
CA THR C 67 30.14 -41.98 -7.70
C THR C 67 30.40 -43.31 -8.40
N SER C 68 29.54 -44.32 -8.15
CA SER C 68 29.77 -45.66 -8.68
C SER C 68 28.51 -46.54 -8.67
N GLY C 69 28.66 -47.85 -8.89
CA GLY C 69 27.58 -48.83 -8.78
C GLY C 69 27.24 -49.65 -10.00
N VAL C 70 27.53 -50.96 -9.98
CA VAL C 70 27.24 -51.88 -11.08
C VAL C 70 26.85 -53.26 -10.53
N TYR C 71 26.47 -54.16 -11.44
CA TYR C 71 26.11 -55.54 -11.13
C TYR C 71 27.24 -56.47 -11.56
N LEU C 72 27.52 -57.49 -10.75
CA LEU C 72 28.52 -58.49 -11.11
C LEU C 72 27.93 -59.89 -11.01
N ALA C 73 28.19 -60.71 -12.03
CA ALA C 73 27.77 -62.10 -12.05
C ALA C 73 28.73 -62.96 -11.24
N PRO C 74 28.28 -64.11 -10.76
CA PRO C 74 29.18 -65.00 -9.99
C PRO C 74 30.25 -65.59 -10.89
N GLY C 75 31.51 -65.40 -10.50
CA GLY C 75 32.63 -65.85 -11.30
C GLY C 75 33.29 -64.73 -12.07
N GLU C 76 33.28 -63.52 -11.51
CA GLU C 76 33.86 -62.36 -12.15
C GLU C 76 34.67 -61.57 -11.13
N ARG C 77 35.67 -60.84 -11.62
CA ARG C 77 36.62 -60.12 -10.80
C ARG C 77 36.26 -58.65 -10.73
N LEU C 78 36.49 -58.04 -9.57
CA LEU C 78 36.32 -56.60 -9.41
C LEU C 78 37.53 -55.81 -9.91
N SER C 79 37.99 -56.09 -11.12
CA SER C 79 39.11 -55.36 -11.69
C SER C 79 38.93 -55.03 -13.16
N ASP C 80 37.99 -55.66 -13.85
CA ASP C 80 37.70 -55.34 -15.24
C ASP C 80 36.59 -54.31 -15.38
N LYS C 81 36.00 -53.87 -14.27
CA LYS C 81 34.93 -52.88 -14.27
C LYS C 81 35.24 -51.80 -13.23
N ARG C 82 36.50 -51.38 -13.16
CA ARG C 82 36.95 -50.43 -12.16
C ARG C 82 37.37 -49.13 -12.84
N LYS C 83 36.77 -48.02 -12.42
CA LYS C 83 37.18 -46.69 -12.85
C LYS C 83 37.18 -45.78 -11.63
N GLY C 84 38.10 -44.82 -11.61
CA GLY C 84 38.38 -44.06 -10.41
C GLY C 84 37.67 -42.72 -10.34
N ILE C 85 37.88 -42.05 -9.19
CA ILE C 85 37.36 -40.71 -8.96
C ILE C 85 38.35 -39.66 -9.47
N LYS C 86 37.83 -38.53 -9.92
CA LYS C 86 38.63 -37.50 -10.59
C LYS C 86 38.91 -36.31 -9.68
N HIS C 87 40.02 -35.63 -9.97
CA HIS C 87 40.50 -34.50 -9.18
C HIS C 87 40.85 -33.34 -10.11
N THR C 88 40.86 -32.13 -9.55
CA THR C 88 41.30 -30.93 -10.25
C THR C 88 41.59 -29.86 -9.20
N GLU C 89 41.79 -28.61 -9.64
CA GLU C 89 42.23 -27.55 -8.73
C GLU C 89 41.83 -26.19 -9.27
N LYS C 90 41.85 -25.19 -8.38
CA LYS C 90 41.51 -23.80 -8.71
C LYS C 90 42.62 -22.89 -8.21
N ASN C 91 42.89 -21.82 -8.95
CA ASN C 91 44.01 -20.92 -8.66
C ASN C 91 43.54 -19.47 -8.62
N ILE C 92 44.04 -18.71 -7.65
CA ILE C 92 43.82 -17.27 -7.54
C ILE C 92 45.16 -16.59 -7.35
N THR C 93 45.39 -15.51 -8.10
CA THR C 93 46.67 -14.82 -8.12
C THR C 93 46.54 -13.39 -7.60
N ILE C 94 47.63 -12.88 -7.02
CA ILE C 94 47.68 -11.50 -6.58
C ILE C 94 47.85 -10.57 -7.79
N ASP C 95 47.22 -9.40 -7.72
CA ASP C 95 47.18 -8.47 -8.83
C ASP C 95 48.32 -7.45 -8.83
N GLY C 96 48.71 -6.95 -7.67
CA GLY C 96 49.75 -5.96 -7.58
C GLY C 96 49.45 -4.97 -6.49
N LEU C 97 49.89 -3.73 -6.71
CA LEU C 97 49.71 -2.64 -5.75
C LEU C 97 48.81 -1.57 -6.35
N LEU C 98 47.82 -1.13 -5.58
CA LEU C 98 46.87 -0.10 -6.01
C LEU C 98 47.02 1.13 -5.14
N THR C 99 47.14 2.31 -5.78
CA THR C 99 47.55 3.51 -5.09
C THR C 99 46.68 4.71 -5.49
N ALA C 100 46.68 5.72 -4.62
CA ALA C 100 46.03 7.01 -4.87
C ALA C 100 46.76 8.10 -4.11
N ASP C 101 46.87 9.29 -4.71
CA ASP C 101 47.71 10.35 -4.16
C ASP C 101 47.15 11.72 -4.49
N VAL C 102 47.70 12.73 -3.80
CA VAL C 102 47.33 14.13 -3.99
C VAL C 102 48.51 15.01 -3.61
N MET C 103 48.62 16.18 -4.24
CA MET C 103 49.73 17.11 -4.03
C MET C 103 49.19 18.52 -3.80
N ILE C 104 49.71 19.19 -2.77
CA ILE C 104 49.25 20.51 -2.36
C ILE C 104 50.45 21.46 -2.31
N PHE C 105 50.31 22.63 -2.92
CA PHE C 105 51.38 23.61 -2.97
C PHE C 105 51.24 24.60 -1.81
N ASP C 106 52.33 25.34 -1.54
CA ASP C 106 52.44 26.18 -0.36
C ASP C 106 51.94 27.60 -0.56
N ILE C 107 52.13 28.18 -1.74
CA ILE C 107 51.66 29.54 -1.98
C ILE C 107 50.14 29.60 -2.00
N GLU C 108 49.50 28.58 -2.55
CA GLU C 108 48.05 28.52 -2.64
C GLU C 108 47.39 28.21 -1.30
N ASP C 109 48.15 27.75 -0.32
CA ASP C 109 47.62 27.42 1.00
C ASP C 109 47.65 28.63 1.95
N ALA C 110 48.24 29.75 1.52
CA ALA C 110 48.28 30.95 2.33
C ALA C 110 47.24 31.98 1.92
N MET C 111 46.67 31.88 0.73
CA MET C 111 45.64 32.79 0.27
C MET C 111 44.22 32.27 0.55
N ASN C 112 44.10 31.08 1.14
CA ASN C 112 42.83 30.41 1.32
C ASN C 112 42.27 30.66 2.71
N HIS C 113 40.94 30.59 2.82
CA HIS C 113 40.24 30.95 4.06
C HIS C 113 39.60 29.76 4.76
N TYR C 114 39.94 28.53 4.40
CA TYR C 114 39.46 27.36 5.12
C TYR C 114 40.50 26.25 4.99
N ASP C 115 40.19 25.10 5.59
CA ASP C 115 41.11 23.97 5.67
C ASP C 115 40.67 22.85 4.75
N VAL C 116 41.63 22.29 4.01
CA VAL C 116 41.32 21.29 3.00
C VAL C 116 41.99 19.94 3.27
N ALA C 117 42.93 19.87 4.21
CA ALA C 117 43.68 18.63 4.41
C ALA C 117 42.87 17.52 5.06
N GLY C 118 41.72 17.84 5.65
CA GLY C 118 40.93 16.83 6.31
C GLY C 118 40.01 16.06 5.39
N GLU C 119 39.48 16.73 4.36
CA GLU C 119 38.58 16.11 3.41
C GLU C 119 39.31 15.38 2.27
N TYR C 120 40.53 15.80 1.94
CA TYR C 120 41.30 15.10 0.94
C TYR C 120 41.64 13.68 1.38
N SER C 121 41.78 13.46 2.68
CA SER C 121 42.15 12.16 3.23
C SER C 121 40.96 11.24 3.43
N ASN C 122 39.73 11.72 3.27
CA ASN C 122 38.54 10.88 3.35
C ASN C 122 38.09 10.37 1.99
N GLN C 123 38.42 11.05 0.90
CA GLN C 123 38.10 10.61 -0.43
C GLN C 123 39.17 9.69 -1.02
N LEU C 124 40.26 9.47 -0.30
CA LEU C 124 41.31 8.55 -0.74
C LEU C 124 41.05 7.12 -0.31
N GLY C 125 40.64 6.90 0.93
CA GLY C 125 40.29 5.56 1.39
C GLY C 125 38.91 5.10 1.01
N GLU C 126 38.07 6.01 0.52
CA GLU C 126 36.76 5.66 0.02
C GLU C 126 36.77 5.31 -1.47
N ALA C 127 37.76 5.80 -2.21
CA ALA C 127 37.93 5.45 -3.62
C ALA C 127 38.59 4.11 -3.82
N LEU C 128 39.23 3.55 -2.79
CA LEU C 128 39.85 2.24 -2.86
C LEU C 128 38.93 1.12 -2.41
N ALA C 129 37.78 1.46 -1.81
CA ALA C 129 36.80 0.48 -1.38
C ALA C 129 35.71 0.23 -2.42
N ILE C 130 35.56 1.10 -3.40
CA ILE C 130 34.56 0.92 -4.45
C ILE C 130 35.06 0.02 -5.57
N ALA C 131 36.35 0.10 -5.90
CA ALA C 131 36.91 -0.79 -6.92
C ALA C 131 36.86 -2.26 -6.50
N ALA C 132 37.20 -2.55 -5.25
CA ALA C 132 37.11 -3.91 -4.74
C ALA C 132 35.67 -4.41 -4.63
N ASP C 133 34.71 -3.51 -4.46
CA ASP C 133 33.30 -3.88 -4.44
C ASP C 133 32.76 -4.14 -5.84
N GLY C 134 33.17 -3.35 -6.81
CA GLY C 134 32.74 -3.53 -8.17
C GLY C 134 33.47 -4.59 -8.95
N ALA C 135 34.63 -5.05 -8.47
CA ALA C 135 35.33 -6.15 -9.11
C ALA C 135 34.81 -7.53 -8.72
N VAL C 136 34.04 -7.63 -7.63
CA VAL C 136 33.42 -8.90 -7.25
C VAL C 136 32.16 -9.19 -8.04
N LEU C 137 31.34 -8.16 -8.31
CA LEU C 137 30.12 -8.33 -9.10
C LEU C 137 30.40 -8.62 -10.57
N ALA C 138 31.64 -8.40 -11.03
CA ALA C 138 32.02 -8.72 -12.39
C ALA C 138 32.61 -10.12 -12.52
N GLU C 139 32.74 -10.85 -11.42
CA GLU C 139 33.13 -12.24 -11.44
C GLU C 139 31.94 -13.19 -11.41
N MET C 140 30.72 -12.67 -11.27
CA MET C 140 29.50 -13.46 -11.34
C MET C 140 28.91 -13.49 -12.74
N ALA C 141 29.27 -12.54 -13.60
CA ALA C 141 28.82 -12.52 -14.98
C ALA C 141 29.83 -13.16 -15.93
N ILE C 142 30.95 -13.64 -15.41
CA ILE C 142 31.95 -14.33 -16.23
C ILE C 142 31.70 -15.82 -16.12
N LEU C 143 31.17 -16.26 -14.97
CA LEU C 143 30.77 -17.64 -14.80
C LEU C 143 29.62 -18.05 -15.71
N CYS C 144 28.90 -17.08 -16.29
CA CYS C 144 27.79 -17.36 -17.17
C CYS C 144 28.16 -17.32 -18.65
N ASN C 145 29.38 -16.92 -18.98
CA ASN C 145 29.82 -16.84 -20.37
C ASN C 145 30.96 -17.82 -20.68
N LEU C 146 31.12 -18.85 -19.86
CA LEU C 146 32.15 -19.84 -20.11
C LEU C 146 31.84 -20.59 -21.40
N PRO C 147 32.87 -21.05 -22.13
CA PRO C 147 32.63 -21.73 -23.40
C PRO C 147 31.86 -23.04 -23.21
N ALA C 148 31.28 -23.52 -24.30
CA ALA C 148 30.42 -24.70 -24.27
C ALA C 148 31.17 -26.00 -24.05
N ALA C 149 32.49 -25.99 -24.15
CA ALA C 149 33.29 -27.20 -23.95
C ALA C 149 34.04 -27.22 -22.63
N SER C 150 34.12 -26.10 -21.93
CA SER C 150 34.91 -26.00 -20.70
C SER C 150 34.07 -25.52 -19.53
N ASN C 151 32.76 -25.58 -19.64
CA ASN C 151 31.86 -25.26 -18.54
C ASN C 151 31.84 -26.41 -17.55
N GLU C 152 31.76 -26.07 -16.25
CA GLU C 152 31.76 -26.95 -15.08
C GLU C 152 33.17 -27.13 -14.55
N ASN C 153 33.35 -28.07 -13.63
CA ASN C 153 34.67 -28.45 -13.17
C ASN C 153 34.93 -29.91 -13.54
N ILE C 154 34.03 -30.78 -13.13
CA ILE C 154 34.07 -32.20 -13.45
C ILE C 154 32.74 -32.55 -14.08
N ALA C 155 32.81 -33.34 -15.17
CA ALA C 155 31.59 -33.76 -15.84
C ALA C 155 30.69 -34.53 -14.89
N GLY C 156 29.40 -34.19 -14.91
CA GLY C 156 28.46 -34.80 -13.99
C GLY C 156 27.86 -33.79 -13.04
N LEU C 157 28.60 -32.72 -12.77
CA LEU C 157 28.11 -31.64 -11.94
C LEU C 157 27.23 -30.70 -12.76
N GLY C 158 26.93 -29.53 -12.18
CA GLY C 158 25.98 -28.61 -12.76
C GLY C 158 26.63 -27.41 -13.45
N THR C 159 25.86 -26.79 -14.32
CA THR C 159 26.25 -25.59 -15.05
C THR C 159 25.55 -24.37 -14.45
N ALA C 160 25.67 -23.21 -15.08
CA ALA C 160 24.99 -21.99 -14.68
C ALA C 160 23.84 -21.68 -15.61
N SER C 161 22.80 -21.04 -15.09
CA SER C 161 21.53 -20.86 -15.78
C SER C 161 21.24 -19.40 -16.07
N VAL C 162 20.62 -19.14 -17.21
CA VAL C 162 20.25 -17.80 -17.65
C VAL C 162 18.77 -17.82 -18.02
N LEU C 163 17.99 -16.90 -17.46
CA LEU C 163 16.55 -16.87 -17.59
C LEU C 163 16.10 -15.59 -18.28
N GLU C 164 15.00 -15.68 -19.03
CA GLU C 164 14.46 -14.55 -19.76
C GLU C 164 13.11 -14.11 -19.20
N VAL C 165 12.78 -12.84 -19.44
CA VAL C 165 11.61 -12.21 -18.84
C VAL C 165 10.60 -11.84 -19.92
N GLY C 166 11.09 -11.50 -21.10
CA GLY C 166 10.22 -11.08 -22.18
C GLY C 166 10.83 -9.91 -22.92
N LYS C 167 10.05 -9.40 -23.87
CA LYS C 167 10.50 -8.28 -24.70
C LYS C 167 10.29 -6.96 -23.98
N LYS C 168 11.22 -6.02 -24.20
CA LYS C 168 11.17 -4.72 -23.55
C LYS C 168 10.10 -3.81 -24.11
N ALA C 169 9.68 -4.01 -25.35
CA ALA C 169 8.67 -3.18 -25.99
C ALA C 169 7.25 -3.57 -25.60
N ASP C 170 7.06 -4.69 -24.90
CA ASP C 170 5.75 -5.12 -24.45
C ASP C 170 5.51 -4.90 -22.95
N LEU C 171 6.58 -4.84 -22.16
CA LEU C 171 6.46 -4.52 -20.74
C LEU C 171 6.72 -3.03 -20.53
N ASN C 172 5.76 -2.23 -20.96
CA ASN C 172 5.92 -0.76 -20.97
C ASN C 172 5.55 -0.13 -19.63
N THR C 173 4.37 -0.45 -19.12
CA THR C 173 3.94 0.13 -17.86
C THR C 173 4.77 -0.46 -16.72
N PRO C 174 5.02 0.31 -15.65
CA PRO C 174 5.87 -0.20 -14.56
C PRO C 174 5.25 -1.34 -13.77
N ALA C 175 3.94 -1.57 -13.88
CA ALA C 175 3.29 -2.66 -13.18
C ALA C 175 3.26 -3.96 -13.97
N LYS C 176 3.51 -3.91 -15.28
CA LYS C 176 3.63 -5.13 -16.07
C LYS C 176 4.98 -5.81 -15.85
N LEU C 177 6.05 -5.03 -15.69
CA LEU C 177 7.37 -5.59 -15.46
C LEU C 177 7.52 -6.19 -14.07
N GLY C 178 6.87 -5.60 -13.06
CA GLY C 178 6.99 -6.12 -11.71
C GLY C 178 6.48 -7.53 -11.55
N GLU C 179 5.30 -7.82 -12.13
CA GLU C 179 4.75 -9.17 -12.03
C GLU C 179 5.59 -10.20 -12.78
N ALA C 180 6.17 -9.83 -13.93
CA ALA C 180 7.08 -10.74 -14.62
C ALA C 180 8.32 -11.02 -13.79
N ILE C 181 8.91 -9.98 -13.20
CA ILE C 181 10.09 -10.18 -12.38
C ILE C 181 9.77 -11.07 -11.18
N ILE C 182 8.61 -10.86 -10.52
CA ILE C 182 8.22 -11.72 -9.42
C ILE C 182 7.96 -13.16 -9.85
N GLY C 183 7.31 -13.36 -11.01
CA GLY C 183 7.03 -14.70 -11.48
C GLY C 183 8.27 -15.46 -11.90
N GLN C 184 9.32 -14.75 -12.30
CA GLN C 184 10.57 -15.40 -12.66
C GLN C 184 11.52 -15.60 -11.48
N LEU C 185 11.15 -15.15 -10.29
CA LEU C 185 11.92 -15.42 -9.08
C LEU C 185 11.52 -16.72 -8.41
N THR C 186 10.52 -17.41 -8.96
CA THR C 186 10.14 -18.74 -8.48
C THR C 186 10.79 -19.86 -9.26
N ILE C 187 11.22 -19.61 -10.50
CA ILE C 187 12.01 -20.56 -11.26
C ILE C 187 13.50 -20.41 -10.95
N ALA C 188 13.87 -19.42 -10.15
CA ALA C 188 15.26 -19.23 -9.75
C ALA C 188 15.64 -20.05 -8.52
N ARG C 189 14.71 -20.35 -7.63
CA ARG C 189 14.99 -21.27 -6.53
C ARG C 189 14.85 -22.72 -6.92
N ALA C 190 14.27 -23.01 -8.08
CA ALA C 190 14.20 -24.36 -8.60
C ALA C 190 15.48 -24.80 -9.26
N LYS C 191 16.24 -23.88 -9.85
CA LYS C 191 17.53 -24.19 -10.46
C LYS C 191 18.63 -24.38 -9.44
N LEU C 192 18.53 -23.74 -8.28
CA LEU C 192 19.48 -23.97 -7.19
C LEU C 192 19.16 -25.21 -6.37
N THR C 193 17.96 -25.77 -6.51
CA THR C 193 17.60 -26.99 -5.80
C THR C 193 17.90 -28.24 -6.62
N SER C 194 17.83 -28.14 -7.95
CA SER C 194 18.20 -29.26 -8.81
C SER C 194 19.67 -29.60 -8.71
N ASN C 195 20.51 -28.71 -8.17
CA ASN C 195 21.93 -28.96 -8.01
C ASN C 195 22.33 -29.20 -6.56
N TYR C 196 21.36 -29.46 -5.68
CA TYR C 196 21.60 -29.84 -4.29
C TYR C 196 22.30 -28.74 -3.50
N VAL C 197 22.12 -27.49 -3.89
CA VAL C 197 22.68 -26.37 -3.13
C VAL C 197 21.88 -26.20 -1.83
N PRO C 198 22.52 -25.99 -0.69
CA PRO C 198 21.77 -25.82 0.56
C PRO C 198 20.94 -24.56 0.56
N ALA C 199 20.23 -24.36 1.66
CA ALA C 199 19.34 -23.21 1.83
C ALA C 199 19.77 -22.41 3.05
N GLY C 200 19.74 -21.09 2.94
CA GLY C 200 20.04 -20.25 4.08
C GLY C 200 20.83 -18.98 3.79
N ASP C 201 21.63 -18.97 2.71
CA ASP C 201 22.38 -17.78 2.33
C ASP C 201 22.27 -17.58 0.82
N ARG C 202 21.23 -16.88 0.39
CA ARG C 202 21.00 -16.60 -1.02
C ARG C 202 20.66 -15.12 -1.18
N TYR C 203 21.14 -14.51 -2.26
CA TYR C 203 21.06 -13.07 -2.44
C TYR C 203 20.66 -12.72 -3.86
N PHE C 204 20.07 -11.54 -4.02
CA PHE C 204 19.65 -11.00 -5.32
C PHE C 204 20.09 -9.54 -5.42
N TYR C 205 20.70 -9.18 -6.53
CA TYR C 205 21.28 -7.86 -6.74
C TYR C 205 20.61 -7.20 -7.94
N THR C 206 20.13 -5.96 -7.76
CA THR C 206 19.48 -5.21 -8.82
C THR C 206 19.70 -3.71 -8.59
N THR C 207 19.28 -2.91 -9.58
CA THR C 207 19.42 -1.45 -9.57
C THR C 207 18.23 -0.79 -8.89
N PRO C 208 18.37 0.47 -8.44
CA PRO C 208 17.25 1.14 -7.76
C PRO C 208 16.07 1.44 -8.68
N ASP C 209 16.24 1.23 -9.99
CA ASP C 209 15.17 1.45 -10.95
C ASP C 209 14.24 0.26 -11.06
N ASN C 210 14.77 -0.96 -11.19
CA ASN C 210 13.95 -2.17 -11.24
C ASN C 210 13.52 -2.63 -9.85
N TYR C 211 14.01 -1.97 -8.80
CA TYR C 211 13.57 -2.24 -7.44
C TYR C 211 12.24 -1.58 -7.11
N SER C 212 11.91 -0.48 -7.79
CA SER C 212 10.65 0.23 -7.59
C SER C 212 9.53 -0.27 -8.48
N ALA C 213 9.83 -1.18 -9.42
CA ALA C 213 8.80 -1.82 -10.22
C ALA C 213 8.15 -3.00 -9.51
N ILE C 214 8.83 -3.60 -8.53
CA ILE C 214 8.23 -4.61 -7.67
C ILE C 214 7.38 -3.97 -6.57
N LEU C 215 7.71 -2.75 -6.13
CA LEU C 215 6.89 -2.03 -5.17
C LEU C 215 5.60 -1.52 -5.78
N ALA C 216 5.56 -1.28 -7.09
CA ALA C 216 4.36 -0.78 -7.75
C ALA C 216 3.35 -1.89 -8.06
N ALA C 217 3.76 -3.14 -8.03
CA ALA C 217 2.86 -4.25 -8.33
C ALA C 217 2.19 -4.83 -7.09
N LEU C 218 2.51 -4.34 -5.90
CA LEU C 218 1.87 -4.82 -4.68
C LEU C 218 1.16 -3.67 -3.96
N MET C 219 0.43 -2.87 -4.72
CA MET C 219 -0.26 -1.68 -4.22
C MET C 219 -1.76 -1.92 -4.20
N PRO C 220 -2.51 -1.14 -3.40
CA PRO C 220 -3.95 -1.34 -3.31
C PRO C 220 -4.71 -1.12 -4.59
N ASN C 221 -4.02 -0.74 -5.67
CA ASN C 221 -4.64 -0.56 -6.96
C ASN C 221 -4.30 -1.67 -7.96
N ALA C 222 -3.46 -2.62 -7.59
CA ALA C 222 -3.09 -3.71 -8.50
C ALA C 222 -3.28 -5.07 -7.86
N ALA C 223 -3.00 -5.17 -6.56
CA ALA C 223 -3.10 -6.44 -5.86
C ALA C 223 -4.49 -6.64 -5.28
N ASN C 224 -4.70 -7.78 -4.62
CA ASN C 224 -5.97 -8.09 -3.98
C ASN C 224 -5.87 -8.25 -2.46
N TYR C 225 -4.67 -8.48 -1.92
CA TYR C 225 -4.48 -8.52 -0.48
C TYR C 225 -3.02 -8.17 -0.17
N ALA C 226 -2.76 -7.86 1.09
CA ALA C 226 -1.48 -7.31 1.51
C ALA C 226 -0.45 -8.40 1.77
N ALA C 227 0.76 -8.20 1.23
CA ALA C 227 1.85 -9.16 1.42
C ALA C 227 3.21 -8.58 1.12
N LEU C 228 4.17 -8.80 2.02
CA LEU C 228 5.62 -8.67 1.79
C LEU C 228 6.19 -7.26 1.74
N ILE C 229 5.37 -6.21 1.82
CA ILE C 229 5.93 -4.86 1.75
C ILE C 229 5.47 -4.01 2.91
N ASP C 230 6.10 -2.84 3.06
CA ASP C 230 5.70 -1.82 4.03
C ASP C 230 5.45 -0.53 3.26
N PRO C 231 4.21 -0.05 3.18
CA PRO C 231 3.92 1.11 2.32
C PRO C 231 4.38 2.45 2.87
N GLU C 232 4.66 2.55 4.17
CA GLU C 232 5.01 3.82 4.78
C GLU C 232 6.51 4.11 4.76
N THR C 233 7.34 3.15 4.38
CA THR C 233 8.78 3.36 4.29
C THR C 233 9.37 2.95 2.96
N GLY C 234 8.85 1.90 2.32
CA GLY C 234 9.40 1.45 1.07
C GLY C 234 10.36 0.29 1.18
N ASN C 235 10.08 -0.68 2.04
CA ASN C 235 10.96 -1.82 2.27
C ASN C 235 10.30 -3.12 1.82
N ILE C 236 11.14 -4.10 1.53
CA ILE C 236 10.70 -5.42 1.08
C ILE C 236 11.34 -6.46 1.98
N ARG C 237 10.53 -7.42 2.44
CA ARG C 237 11.03 -8.53 3.25
C ARG C 237 11.55 -9.63 2.31
N ASN C 238 11.87 -10.79 2.86
CA ASN C 238 12.42 -11.87 2.05
C ASN C 238 11.38 -12.39 1.08
N VAL C 239 11.85 -12.79 -0.10
CA VAL C 239 11.00 -13.30 -1.18
C VAL C 239 11.57 -14.66 -1.59
N MET C 240 10.85 -15.73 -1.27
CA MET C 240 11.23 -17.10 -1.62
C MET C 240 12.61 -17.46 -1.07
N GLY C 241 12.94 -16.98 0.12
CA GLY C 241 14.20 -17.29 0.74
C GLY C 241 15.37 -16.43 0.29
N PHE C 242 15.15 -15.48 -0.60
CA PHE C 242 16.18 -14.58 -1.09
C PHE C 242 16.26 -13.32 -0.24
N VAL C 243 17.32 -12.55 -0.45
CA VAL C 243 17.51 -11.24 0.16
C VAL C 243 17.75 -10.24 -0.96
N VAL C 244 17.00 -9.15 -0.96
CA VAL C 244 17.03 -8.19 -2.06
C VAL C 244 17.94 -7.03 -1.70
N VAL C 245 18.84 -6.68 -2.63
CA VAL C 245 19.83 -5.63 -2.44
C VAL C 245 19.79 -4.70 -3.65
N GLU C 246 19.84 -3.39 -3.40
CA GLU C 246 19.90 -2.39 -4.46
C GLU C 246 21.29 -1.76 -4.50
N VAL C 247 21.87 -1.69 -5.70
CA VAL C 247 23.24 -1.22 -5.89
C VAL C 247 23.26 -0.17 -7.00
N PRO C 248 23.54 1.10 -6.71
CA PRO C 248 23.60 2.11 -7.79
C PRO C 248 24.72 1.88 -8.79
N HIS C 249 25.76 1.11 -8.46
CA HIS C 249 26.89 0.87 -9.34
C HIS C 249 27.01 -0.64 -9.58
N LEU C 250 26.29 -1.14 -10.58
CA LEU C 250 26.24 -2.58 -10.86
C LEU C 250 27.14 -3.00 -12.01
N VAL C 251 27.35 -2.13 -12.99
CA VAL C 251 28.08 -2.52 -14.20
C VAL C 251 29.40 -1.76 -14.31
N GLN C 252 29.97 -1.41 -13.16
CA GLN C 252 31.26 -0.73 -13.10
C GLN C 252 32.30 -1.72 -12.59
N GLY C 253 33.26 -2.09 -13.45
CA GLY C 253 34.22 -3.13 -13.10
C GLY C 253 35.35 -2.68 -12.21
N GLY C 254 36.56 -3.18 -12.49
CA GLY C 254 37.73 -2.86 -11.69
C GLY C 254 38.49 -1.66 -12.21
N ALA C 255 39.66 -1.44 -11.62
CA ALA C 255 40.48 -0.28 -11.92
C ALA C 255 41.34 -0.51 -13.16
N GLY C 256 42.01 0.54 -13.61
CA GLY C 256 42.82 0.47 -14.81
C GLY C 256 44.26 0.89 -14.61
N GLY C 257 44.95 1.26 -15.69
CA GLY C 257 46.35 1.62 -15.60
C GLY C 257 46.67 3.05 -16.01
N THR C 258 45.69 3.76 -16.57
CA THR C 258 45.86 5.14 -16.99
C THR C 258 44.55 5.89 -16.77
N ARG C 259 44.66 7.20 -16.56
CA ARG C 259 43.51 8.05 -16.28
C ARG C 259 43.20 8.92 -17.48
N GLY C 260 41.93 9.32 -17.58
CA GLY C 260 41.47 10.16 -18.67
C GLY C 260 41.69 11.64 -18.38
N ALA C 261 41.23 12.46 -19.33
CA ALA C 261 41.41 13.90 -19.19
C ALA C 261 40.64 14.45 -18.00
N ASP C 262 39.44 13.92 -17.78
CA ASP C 262 38.64 14.30 -16.60
C ASP C 262 39.37 13.86 -15.35
N GLY C 263 39.72 12.58 -15.26
CA GLY C 263 40.36 12.04 -14.05
C GLY C 263 39.47 11.05 -13.34
N ALA C 267 41.49 4.88 -19.48
CA ALA C 267 42.01 4.98 -20.84
C ALA C 267 43.04 3.90 -21.17
N SER C 268 43.04 2.79 -20.43
CA SER C 268 44.05 1.75 -20.65
C SER C 268 43.50 0.37 -20.30
N GLY C 269 44.39 -0.60 -20.14
CA GLY C 269 43.99 -1.96 -19.85
C GLY C 269 43.31 -2.14 -18.51
N GLN C 270 42.00 -2.42 -18.54
CA GLN C 270 41.22 -2.60 -17.34
C GLN C 270 41.19 -4.06 -16.93
N LYS C 271 41.21 -4.30 -15.62
CA LYS C 271 41.15 -5.64 -15.06
C LYS C 271 39.75 -5.89 -14.51
N HIS C 272 39.25 -7.12 -14.71
CA HIS C 272 37.90 -7.50 -14.29
C HIS C 272 36.85 -6.60 -14.94
N ALA C 273 36.82 -6.55 -16.27
CA ALA C 273 35.88 -5.69 -16.97
C ALA C 273 34.49 -6.32 -17.02
N PHE C 274 33.55 -5.59 -17.63
CA PHE C 274 32.19 -6.05 -17.83
C PHE C 274 31.88 -6.04 -19.32
N PRO C 275 31.37 -7.15 -19.88
CA PRO C 275 31.15 -7.21 -21.34
C PRO C 275 30.18 -6.14 -21.84
N ALA C 276 30.36 -5.68 -23.08
CA ALA C 276 29.58 -4.59 -23.63
C ALA C 276 28.43 -5.05 -24.52
N THR C 277 28.71 -5.94 -25.48
CA THR C 277 27.71 -6.40 -26.43
C THR C 277 27.70 -7.92 -26.46
N ALA C 278 26.50 -8.51 -26.51
CA ALA C 278 26.34 -9.95 -26.48
C ALA C 278 25.72 -10.43 -27.79
N ALA C 279 26.56 -10.97 -28.68
CA ALA C 279 26.03 -11.48 -29.94
C ALA C 279 26.22 -12.98 -30.13
N GLY C 280 27.47 -13.45 -30.10
CA GLY C 280 27.75 -14.83 -30.50
C GLY C 280 27.84 -15.85 -29.39
N ALA C 281 28.72 -15.62 -28.42
CA ALA C 281 28.92 -16.54 -27.31
C ALA C 281 28.73 -15.88 -25.96
N VAL C 282 28.50 -14.57 -25.93
CA VAL C 282 28.25 -13.83 -24.71
C VAL C 282 26.74 -13.80 -24.50
N LYS C 283 26.31 -14.14 -23.28
CA LYS C 283 24.90 -14.14 -22.92
C LYS C 283 24.51 -12.97 -22.02
N VAL C 284 25.44 -12.46 -21.23
CA VAL C 284 25.18 -11.37 -20.30
C VAL C 284 26.05 -10.20 -20.73
N ALA C 285 25.41 -9.08 -21.07
CA ALA C 285 26.09 -7.86 -21.47
C ALA C 285 25.52 -6.69 -20.66
N MET C 286 25.94 -5.48 -21.02
CA MET C 286 25.45 -4.28 -20.35
C MET C 286 24.06 -3.87 -20.82
N ASP C 287 23.53 -4.46 -21.88
CA ASP C 287 22.20 -4.12 -22.35
C ASP C 287 21.23 -5.29 -22.26
N ASN C 288 21.41 -6.15 -21.26
CA ASN C 288 20.47 -7.23 -21.01
C ASN C 288 20.10 -7.33 -19.53
N VAL C 289 21.00 -6.89 -18.65
CA VAL C 289 20.93 -7.29 -17.24
C VAL C 289 19.68 -6.73 -16.58
N VAL C 290 19.10 -7.54 -15.69
CA VAL C 290 18.03 -7.11 -14.81
C VAL C 290 18.44 -7.43 -13.37
N GLY C 291 19.28 -8.45 -13.20
CA GLY C 291 19.69 -8.84 -11.87
C GLY C 291 20.64 -10.03 -11.92
N LEU C 292 21.13 -10.39 -10.74
CA LEU C 292 22.05 -11.51 -10.54
C LEU C 292 21.75 -12.17 -9.20
N PHE C 293 21.82 -13.50 -9.16
CA PHE C 293 21.58 -14.24 -7.93
C PHE C 293 22.66 -15.30 -7.74
N SER C 294 22.88 -15.68 -6.48
CA SER C 294 23.96 -16.62 -6.15
C SER C 294 23.86 -17.16 -4.72
N HIS C 295 24.81 -18.03 -4.37
CA HIS C 295 24.99 -18.55 -3.03
C HIS C 295 26.35 -18.06 -2.52
N ARG C 296 26.53 -18.09 -1.20
CA ARG C 296 27.74 -17.51 -0.62
C ARG C 296 28.88 -18.53 -0.70
N SER C 297 29.07 -19.12 -1.88
CA SER C 297 30.22 -20.02 -2.05
C SER C 297 30.84 -19.96 -3.44
N ALA C 298 30.53 -18.97 -4.26
CA ALA C 298 30.95 -18.98 -5.65
C ALA C 298 32.09 -18.01 -5.96
N VAL C 299 32.41 -17.08 -5.07
CA VAL C 299 33.46 -16.09 -5.30
C VAL C 299 34.29 -15.95 -4.02
N GLY C 300 35.61 -15.81 -4.19
CA GLY C 300 36.51 -15.73 -3.06
C GLY C 300 37.49 -14.58 -3.19
N THR C 301 38.22 -14.33 -2.10
CA THR C 301 39.16 -13.23 -2.01
C THR C 301 40.36 -13.63 -1.15
N VAL C 302 41.54 -13.19 -1.55
CA VAL C 302 42.78 -13.47 -0.83
C VAL C 302 43.46 -12.14 -0.53
N LYS C 303 43.84 -11.92 0.73
CA LYS C 303 44.41 -10.66 1.18
C LYS C 303 45.88 -10.85 1.57
N LEU C 304 46.72 -9.91 1.17
CA LEU C 304 48.13 -9.89 1.56
C LEU C 304 48.47 -8.71 2.48
N ARG C 305 47.92 -7.52 2.20
CA ARG C 305 48.14 -6.34 3.03
C ARG C 305 46.83 -5.56 3.13
N ASP C 306 46.81 -4.63 4.08
CA ASP C 306 45.62 -3.81 4.37
C ASP C 306 45.92 -2.34 4.09
N LEU C 307 44.89 -1.50 4.27
CA LEU C 307 44.97 -0.09 3.92
C LEU C 307 45.87 0.66 4.90
N ALA C 308 46.59 1.66 4.38
CA ALA C 308 47.48 2.49 5.19
C ALA C 308 47.63 3.85 4.53
N LEU C 309 48.04 4.84 5.33
CA LEU C 309 48.23 6.21 4.87
C LEU C 309 49.63 6.70 5.23
N GLU C 310 50.13 7.66 4.46
CA GLU C 310 51.49 8.15 4.63
C GLU C 310 51.57 9.61 4.19
N ARG C 311 52.47 10.36 4.83
CA ARG C 311 52.68 11.77 4.52
C ARG C 311 54.17 12.05 4.35
N ASP C 312 54.47 13.04 3.52
CA ASP C 312 55.85 13.39 3.19
C ASP C 312 55.88 14.85 2.73
N ARG C 313 57.06 15.46 2.79
CA ARG C 313 57.22 16.85 2.36
C ARG C 313 58.30 16.94 1.29
N ASP C 314 58.03 17.76 0.27
CA ASP C 314 58.96 18.02 -0.82
C ASP C 314 59.48 19.45 -0.71
N VAL C 315 60.78 19.61 -0.84
CA VAL C 315 61.41 20.93 -0.74
C VAL C 315 61.86 21.48 -2.09
N ASP C 316 62.08 20.62 -3.09
CA ASP C 316 62.45 21.12 -4.42
C ASP C 316 61.26 21.75 -5.12
N ALA C 317 60.03 21.48 -4.67
CA ALA C 317 58.84 22.02 -5.29
C ALA C 317 57.90 22.71 -4.31
N GLN C 318 58.23 22.73 -3.01
CA GLN C 318 57.45 23.44 -1.99
C GLN C 318 56.01 22.91 -1.93
N GLY C 319 55.90 21.63 -1.56
CA GLY C 319 54.60 20.99 -1.54
C GLY C 319 54.48 19.94 -0.46
N ASP C 320 53.39 19.17 -0.54
CA ASP C 320 53.07 18.10 0.41
C ASP C 320 52.42 16.95 -0.35
N LEU C 321 52.42 15.76 0.26
CA LEU C 321 51.98 14.55 -0.41
C LEU C 321 51.26 13.62 0.55
N ILE C 322 50.24 12.91 0.04
CA ILE C 322 49.48 11.91 0.78
C ILE C 322 49.22 10.71 -0.13
N VAL C 323 49.33 9.50 0.42
CA VAL C 323 49.24 8.26 -0.36
C VAL C 323 48.49 7.19 0.43
N GLY C 324 47.78 6.32 -0.28
CA GLY C 324 47.20 5.12 0.32
C GLY C 324 47.29 3.95 -0.63
N LYS C 325 47.26 2.73 -0.07
CA LYS C 325 47.55 1.54 -0.87
C LYS C 325 47.10 0.27 -0.17
N TYR C 326 46.93 -0.80 -0.97
CA TYR C 326 46.76 -2.17 -0.47
C TYR C 326 47.03 -3.14 -1.61
N ALA C 327 46.84 -4.44 -1.33
CA ALA C 327 47.08 -5.51 -2.30
C ALA C 327 46.11 -6.66 -2.07
N MET C 328 45.39 -7.07 -3.11
CA MET C 328 44.35 -8.11 -3.01
C MET C 328 44.25 -8.88 -4.32
N GLY C 329 43.45 -9.93 -4.29
CA GLY C 329 43.17 -10.73 -5.48
C GLY C 329 41.80 -11.35 -5.41
N HIS C 330 41.20 -11.57 -6.59
CA HIS C 330 39.81 -12.01 -6.69
C HIS C 330 39.69 -13.16 -7.69
N GLY C 331 38.65 -13.98 -7.52
CA GLY C 331 38.39 -15.09 -8.42
C GLY C 331 37.08 -15.78 -8.09
N GLY C 332 36.72 -16.75 -8.93
CA GLY C 332 35.48 -17.50 -8.77
C GLY C 332 35.73 -18.99 -8.63
N LEU C 333 34.86 -19.66 -7.86
CA LEU C 333 35.13 -21.03 -7.43
C LEU C 333 34.11 -22.00 -8.03
N ARG C 334 32.82 -21.82 -7.80
CA ARG C 334 31.83 -22.84 -8.17
C ARG C 334 30.89 -22.30 -9.25
N PRO C 335 30.87 -22.88 -10.44
CA PRO C 335 29.95 -22.40 -11.49
C PRO C 335 28.51 -22.84 -11.33
N GLU C 336 28.19 -23.71 -10.37
CA GLU C 336 26.84 -24.25 -10.24
C GLU C 336 26.00 -23.50 -9.21
N ALA C 337 26.46 -22.35 -8.73
CA ALA C 337 25.72 -21.54 -7.77
C ALA C 337 25.59 -20.10 -8.25
N ALA C 338 25.25 -19.92 -9.53
CA ALA C 338 25.16 -18.58 -10.09
C ALA C 338 24.12 -18.56 -11.22
N GLY C 339 23.66 -17.36 -11.54
CA GLY C 339 22.69 -17.19 -12.60
C GLY C 339 22.44 -15.72 -12.88
N ALA C 340 21.55 -15.47 -13.85
CA ALA C 340 21.23 -14.10 -14.23
C ALA C 340 19.87 -14.05 -14.89
N LEU C 341 19.25 -12.87 -14.86
CA LEU C 341 18.00 -12.58 -15.56
C LEU C 341 18.26 -11.52 -16.61
N VAL C 342 17.75 -11.75 -17.82
CA VAL C 342 18.03 -10.90 -18.97
C VAL C 342 16.72 -10.53 -19.66
N PHE C 343 16.83 -9.76 -20.73
CA PHE C 343 15.72 -9.39 -21.59
C PHE C 343 15.75 -10.23 -22.85
N SER C 344 14.56 -10.57 -23.35
CA SER C 344 14.45 -11.38 -24.56
C SER C 344 14.97 -10.61 -25.78
N PRO C 345 15.51 -11.32 -26.76
CA PRO C 345 16.02 -10.63 -27.96
C PRO C 345 14.91 -9.88 -28.68
N ALA C 346 15.27 -8.74 -29.26
CA ALA C 346 14.32 -7.90 -29.98
C ALA C 346 13.83 -8.59 -31.25
N ALA D 2 -34.41 -81.13 -10.65
CA ALA D 2 -34.97 -79.80 -10.83
C ALA D 2 -35.80 -79.39 -9.63
N ASN D 3 -37.06 -79.03 -9.88
CA ASN D 3 -37.94 -78.53 -8.83
C ASN D 3 -38.38 -79.67 -7.91
N VAL D 4 -38.50 -79.37 -6.63
CA VAL D 4 -38.95 -80.36 -5.65
C VAL D 4 -40.44 -80.16 -5.39
N PRO D 5 -41.28 -81.17 -5.60
CA PRO D 5 -42.70 -81.03 -5.29
C PRO D 5 -42.95 -80.89 -3.79
N GLY D 6 -44.03 -80.19 -3.46
CA GLY D 6 -44.32 -79.93 -2.06
C GLY D 6 -45.65 -79.23 -1.89
N GLN D 7 -45.84 -78.68 -0.70
CA GLN D 7 -47.12 -78.08 -0.29
C GLN D 7 -47.26 -76.67 -0.87
N LYS D 8 -48.53 -76.29 -1.11
CA LYS D 8 -48.89 -74.93 -1.49
C LYS D 8 -49.92 -74.44 -0.48
N VAL D 9 -49.48 -73.68 0.51
CA VAL D 9 -50.33 -73.27 1.62
C VAL D 9 -51.06 -71.98 1.26
N GLY D 10 -50.66 -71.35 0.17
CA GLY D 10 -51.23 -70.05 -0.19
C GLY D 10 -52.18 -70.09 -1.37
N THR D 11 -52.12 -71.14 -2.17
CA THR D 11 -53.00 -71.29 -3.32
C THR D 11 -54.24 -72.07 -2.94
N ASP D 12 -55.38 -71.65 -3.47
CA ASP D 12 -56.64 -72.34 -3.27
C ASP D 12 -56.94 -73.25 -4.47
N GLN D 13 -57.37 -74.48 -4.19
CA GLN D 13 -57.54 -75.49 -5.22
C GLN D 13 -58.90 -76.17 -5.05
N GLY D 14 -59.94 -75.36 -4.85
CA GLY D 14 -61.29 -75.87 -4.77
C GLY D 14 -61.82 -76.31 -6.12
N LYS D 15 -62.90 -77.10 -6.08
CA LYS D 15 -63.47 -77.63 -7.31
C LYS D 15 -64.05 -76.51 -8.17
N GLY D 16 -63.85 -76.63 -9.48
CA GLY D 16 -64.40 -75.65 -10.41
C GLY D 16 -63.82 -74.27 -10.26
N LYS D 17 -62.54 -74.17 -9.93
CA LYS D 17 -61.87 -72.89 -9.72
C LYS D 17 -60.54 -72.88 -10.46
N SER D 18 -60.11 -71.68 -10.85
CA SER D 18 -58.84 -71.49 -11.54
C SER D 18 -57.82 -70.88 -10.58
N GLY D 19 -56.71 -71.58 -10.40
CA GLY D 19 -55.67 -71.10 -9.51
C GLY D 19 -54.50 -70.48 -10.24
N SER D 20 -54.41 -69.16 -10.23
CA SER D 20 -53.33 -68.45 -10.90
C SER D 20 -52.80 -67.35 -9.99
N ASP D 21 -52.69 -67.64 -8.70
CA ASP D 21 -52.17 -66.67 -7.75
C ASP D 21 -51.57 -67.39 -6.54
N ALA D 22 -50.26 -67.29 -6.37
CA ALA D 22 -49.55 -68.03 -5.33
C ALA D 22 -49.76 -67.48 -3.94
N LEU D 23 -50.34 -66.27 -3.81
CA LEU D 23 -50.63 -65.65 -2.52
C LEU D 23 -52.10 -65.19 -2.56
N ALA D 24 -53.00 -66.06 -2.11
CA ALA D 24 -54.43 -65.77 -2.12
C ALA D 24 -55.13 -66.17 -0.84
N LEU D 25 -54.42 -66.77 0.13
CA LEU D 25 -55.03 -67.12 1.40
C LEU D 25 -54.31 -66.46 2.58
N PHE D 26 -53.43 -65.51 2.33
CA PHE D 26 -52.76 -64.77 3.39
C PHE D 26 -53.49 -63.46 3.68
N LEU D 27 -53.20 -62.87 4.83
CA LEU D 27 -53.96 -61.74 5.34
C LEU D 27 -53.09 -60.49 5.45
N LYS D 28 -53.66 -59.36 5.04
CA LYS D 28 -53.03 -58.06 5.23
C LYS D 28 -53.28 -57.55 6.65
N VAL D 29 -52.25 -56.93 7.23
CA VAL D 29 -52.27 -56.53 8.62
C VAL D 29 -52.18 -55.01 8.72
N PHE D 30 -52.19 -54.51 9.95
CA PHE D 30 -52.15 -53.08 10.26
C PHE D 30 -50.77 -52.75 10.81
N ALA D 31 -50.11 -51.76 10.21
CA ALA D 31 -48.75 -51.39 10.59
C ALA D 31 -48.67 -50.90 12.03
N GLY D 32 -49.34 -49.79 12.33
CA GLY D 32 -49.34 -49.26 13.67
C GLY D 32 -49.02 -47.78 13.73
N GLU D 33 -49.01 -47.12 12.56
CA GLU D 33 -48.69 -45.70 12.48
C GLU D 33 -49.74 -44.99 11.65
N VAL D 34 -50.13 -43.80 12.10
CA VAL D 34 -51.11 -42.96 11.39
C VAL D 34 -50.39 -41.74 10.87
N LEU D 35 -50.58 -41.45 9.58
CA LEU D 35 -49.91 -40.31 8.92
C LEU D 35 -50.85 -39.11 8.95
N THR D 36 -50.63 -38.23 9.92
CA THR D 36 -51.39 -37.00 10.01
C THR D 36 -50.70 -35.86 9.25
N ALA D 37 -51.41 -34.76 9.08
CA ALA D 37 -50.87 -33.63 8.34
C ALA D 37 -49.95 -32.79 9.23
N PHE D 38 -49.13 -31.97 8.57
CA PHE D 38 -48.19 -31.11 9.27
C PHE D 38 -48.92 -29.92 9.90
N THR D 39 -48.37 -29.43 11.00
CA THR D 39 -49.04 -28.41 11.80
C THR D 39 -48.69 -27.01 11.33
N ARG D 40 -49.68 -26.11 11.35
CA ARG D 40 -49.50 -24.72 11.00
C ARG D 40 -49.47 -23.85 12.26
N ARG D 41 -48.77 -22.72 12.17
CA ARG D 41 -48.62 -21.82 13.32
C ARG D 41 -48.88 -20.38 12.88
N SER D 42 -49.28 -19.57 13.84
CA SER D 42 -49.60 -18.17 13.62
C SER D 42 -48.51 -17.28 14.23
N VAL D 43 -48.32 -16.11 13.60
CA VAL D 43 -47.23 -15.21 14.00
C VAL D 43 -47.77 -13.94 14.63
N THR D 44 -48.76 -13.31 14.00
CA THR D 44 -49.26 -12.02 14.47
C THR D 44 -50.21 -12.25 15.64
N ALA D 45 -49.65 -12.43 16.83
CA ALA D 45 -50.48 -12.62 18.02
C ALA D 45 -50.06 -11.67 19.12
N ASP D 46 -48.78 -11.32 19.17
CA ASP D 46 -48.24 -10.42 20.18
C ASP D 46 -47.45 -9.26 19.58
N LYS D 47 -47.78 -8.84 18.37
CA LYS D 47 -47.11 -7.74 17.70
C LYS D 47 -48.09 -6.60 17.39
N HIS D 48 -49.17 -6.52 18.15
CA HIS D 48 -50.15 -5.44 18.01
C HIS D 48 -50.89 -5.31 19.33
N ILE D 49 -51.92 -4.48 19.36
CA ILE D 49 -52.62 -4.10 20.59
C ILE D 49 -53.96 -4.82 20.67
N VAL D 50 -54.26 -5.37 21.85
CA VAL D 50 -55.50 -6.10 22.08
C VAL D 50 -56.18 -5.53 23.33
N ARG D 51 -57.51 -5.46 23.30
CA ARG D 51 -58.32 -4.99 24.42
C ARG D 51 -59.43 -5.99 24.73
N THR D 52 -60.35 -5.62 25.62
CA THR D 52 -61.46 -6.51 25.96
C THR D 52 -62.62 -5.68 26.51
N ILE D 53 -63.85 -6.06 26.13
CA ILE D 53 -65.05 -5.39 26.62
C ILE D 53 -66.00 -6.45 27.17
N GLN D 54 -67.11 -5.98 27.76
CA GLN D 54 -68.12 -6.86 28.32
C GLN D 54 -69.49 -6.69 27.67
N ASN D 55 -69.92 -5.47 27.40
CA ASN D 55 -71.18 -5.21 26.72
C ASN D 55 -70.91 -4.33 25.51
N GLY D 56 -71.93 -4.14 24.69
CA GLY D 56 -71.86 -3.14 23.65
C GLY D 56 -71.53 -3.66 22.27
N LYS D 57 -71.59 -2.79 21.28
CA LYS D 57 -71.35 -3.17 19.89
C LYS D 57 -70.11 -2.52 19.29
N SER D 58 -69.45 -1.60 19.99
CA SER D 58 -68.32 -0.87 19.44
C SER D 58 -67.39 -0.44 20.55
N ALA D 59 -66.32 0.26 20.17
CA ALA D 59 -65.38 0.88 21.09
C ALA D 59 -64.91 2.20 20.48
N GLN D 60 -64.42 3.09 21.33
CA GLN D 60 -64.05 4.44 20.90
C GLN D 60 -62.65 4.79 21.36
N PHE D 61 -61.91 5.49 20.49
CA PHE D 61 -60.57 6.00 20.80
C PHE D 61 -60.53 7.47 20.41
N PRO D 62 -60.20 8.38 21.33
CA PRO D 62 -60.08 9.80 20.97
C PRO D 62 -58.72 10.15 20.35
N VAL D 63 -58.68 11.31 19.70
CA VAL D 63 -57.51 11.79 18.96
C VAL D 63 -57.42 13.30 19.12
N MET D 64 -56.19 13.82 19.27
CA MET D 64 -55.98 15.26 19.44
C MET D 64 -54.53 15.65 19.23
N GLY D 65 -54.32 16.92 18.88
CA GLY D 65 -53.01 17.56 18.98
C GLY D 65 -52.72 18.67 17.98
N ARG D 66 -52.30 19.84 18.48
CA ARG D 66 -52.01 21.07 17.72
C ARG D 66 -51.30 22.07 18.61
N THR D 67 -50.66 23.10 18.05
CA THR D 67 -50.23 24.32 18.76
C THR D 67 -49.58 25.29 17.78
N SER D 68 -49.46 26.57 18.14
CA SER D 68 -48.74 27.58 17.35
C SER D 68 -48.28 28.70 18.28
N GLY D 69 -47.83 29.82 17.71
CA GLY D 69 -47.40 30.95 18.50
C GLY D 69 -47.38 32.23 17.67
N VAL D 70 -47.51 33.38 18.35
CA VAL D 70 -47.57 34.68 17.71
C VAL D 70 -46.81 35.71 18.53
N TYR D 71 -46.73 36.92 18.00
CA TYR D 71 -46.05 38.06 18.63
C TYR D 71 -47.08 39.05 19.14
N LEU D 72 -46.88 39.55 20.35
CA LEU D 72 -47.82 40.46 21.02
C LEU D 72 -47.18 41.83 21.20
N ALA D 73 -47.73 42.83 20.54
CA ALA D 73 -47.31 44.21 20.73
C ALA D 73 -47.78 44.70 22.09
N PRO D 74 -47.16 45.75 22.66
CA PRO D 74 -47.60 46.25 23.96
C PRO D 74 -48.80 47.17 23.83
N GLY D 75 -49.92 46.76 24.42
CA GLY D 75 -51.14 47.52 24.35
C GLY D 75 -52.32 46.71 23.86
N GLU D 76 -52.06 45.48 23.42
CA GLU D 76 -53.08 44.60 22.88
C GLU D 76 -53.41 43.49 23.88
N ARG D 77 -54.48 42.76 23.59
CA ARG D 77 -54.97 41.70 24.47
C ARG D 77 -54.94 40.35 23.77
N LEU D 78 -54.71 39.30 24.57
CA LEU D 78 -54.61 37.94 24.06
C LEU D 78 -55.91 37.40 23.51
N SER D 79 -57.05 37.92 23.93
CA SER D 79 -58.36 37.37 23.57
C SER D 79 -58.87 37.91 22.25
N ASP D 80 -57.99 38.41 21.39
CA ASP D 80 -58.37 38.90 20.09
C ASP D 80 -57.89 38.00 18.96
N LYS D 81 -56.78 37.28 19.16
CA LYS D 81 -56.20 36.38 18.17
C LYS D 81 -55.96 35.03 18.85
N ARG D 82 -56.99 34.19 18.85
CA ARG D 82 -56.93 32.91 19.55
C ARG D 82 -57.64 31.83 18.74
N LYS D 83 -57.00 30.66 18.64
CA LYS D 83 -57.59 29.48 18.03
C LYS D 83 -57.29 28.28 18.91
N GLY D 84 -58.07 27.21 18.74
CA GLY D 84 -57.98 26.04 19.59
C GLY D 84 -57.41 24.81 18.91
N ILE D 85 -57.33 23.74 19.70
CA ILE D 85 -56.83 22.44 19.25
C ILE D 85 -58.00 21.56 18.87
N LYS D 86 -57.80 20.71 17.86
CA LYS D 86 -58.87 19.92 17.26
C LYS D 86 -58.94 18.52 17.84
N HIS D 87 -60.10 17.88 17.67
CA HIS D 87 -60.36 16.54 18.18
C HIS D 87 -61.02 15.69 17.08
N THR D 88 -60.96 14.38 17.26
CA THR D 88 -61.51 13.40 16.32
C THR D 88 -61.60 12.07 17.06
N GLU D 89 -62.21 11.05 16.43
CA GLU D 89 -62.46 9.77 17.10
C GLU D 89 -62.33 8.63 16.10
N LYS D 90 -62.18 7.41 16.65
CA LYS D 90 -62.08 6.18 15.87
C LYS D 90 -62.95 5.10 16.50
N ASN D 91 -63.47 4.20 15.67
CA ASN D 91 -64.40 3.16 16.12
C ASN D 91 -64.02 1.80 15.56
N ILE D 92 -64.25 0.75 16.35
CA ILE D 92 -64.04 -0.64 15.96
C ILE D 92 -65.28 -1.44 16.33
N THR D 93 -65.78 -2.24 15.38
CA THR D 93 -67.06 -2.92 15.54
C THR D 93 -66.89 -4.43 15.51
N ILE D 94 -67.74 -5.13 16.27
CA ILE D 94 -67.76 -6.59 16.26
C ILE D 94 -68.32 -7.08 14.93
N ASP D 95 -67.89 -8.28 14.53
CA ASP D 95 -68.25 -8.86 13.24
C ASP D 95 -69.36 -9.90 13.30
N GLY D 96 -69.28 -10.87 14.20
CA GLY D 96 -70.29 -11.90 14.27
C GLY D 96 -69.81 -13.09 15.09
N LEU D 97 -70.24 -14.28 14.66
CA LEU D 97 -69.91 -15.53 15.33
C LEU D 97 -69.24 -16.46 14.32
N LEU D 98 -68.19 -17.15 14.75
CA LEU D 98 -67.42 -18.04 13.89
C LEU D 98 -67.43 -19.45 14.46
N THR D 99 -67.70 -20.44 13.62
CA THR D 99 -67.99 -21.80 14.09
C THR D 99 -67.32 -22.84 13.20
N ALA D 100 -67.22 -24.07 13.72
CA ALA D 100 -66.75 -25.24 12.98
C ALA D 100 -67.19 -26.49 13.73
N ASP D 101 -67.53 -27.55 12.99
CA ASP D 101 -68.10 -28.74 13.60
C ASP D 101 -67.91 -29.97 12.72
N VAL D 102 -68.07 -31.15 13.33
CA VAL D 102 -68.01 -32.44 12.63
C VAL D 102 -69.08 -33.36 13.20
N MET D 103 -69.40 -34.41 12.46
CA MET D 103 -70.42 -35.39 12.85
C MET D 103 -69.90 -36.80 12.60
N ILE D 104 -70.08 -37.68 13.59
CA ILE D 104 -69.57 -39.05 13.54
C ILE D 104 -70.74 -40.00 13.78
N PHE D 105 -70.91 -40.99 12.89
CA PHE D 105 -72.00 -41.94 13.01
C PHE D 105 -71.61 -43.07 13.96
N ASP D 106 -72.44 -44.10 14.05
CA ASP D 106 -72.24 -45.18 15.02
C ASP D 106 -71.94 -46.54 14.40
N ILE D 107 -72.48 -46.84 13.22
CA ILE D 107 -72.16 -48.11 12.57
C ILE D 107 -70.73 -48.09 12.06
N GLU D 108 -70.25 -46.94 11.60
CA GLU D 108 -68.90 -46.81 11.06
C GLU D 108 -67.84 -46.62 12.14
N ASP D 109 -68.25 -46.53 13.41
CA ASP D 109 -67.31 -46.38 14.51
C ASP D 109 -66.94 -47.74 15.09
N ALA D 110 -67.84 -48.72 15.02
CA ALA D 110 -67.58 -50.06 15.52
C ALA D 110 -66.94 -50.98 14.51
N MET D 111 -66.75 -50.54 13.26
CA MET D 111 -66.10 -51.32 12.22
C MET D 111 -64.69 -50.80 11.91
N ASN D 112 -64.07 -50.10 12.86
CA ASN D 112 -62.80 -49.43 12.63
C ASN D 112 -61.79 -49.89 13.67
N HIS D 113 -60.51 -49.82 13.31
CA HIS D 113 -59.45 -50.35 14.16
C HIS D 113 -58.59 -49.29 14.84
N TYR D 114 -58.84 -48.01 14.63
CA TYR D 114 -58.15 -46.94 15.33
C TYR D 114 -59.13 -45.83 15.72
N ASP D 115 -58.74 -45.04 16.72
CA ASP D 115 -59.57 -43.94 17.20
C ASP D 115 -59.28 -42.67 16.42
N VAL D 116 -60.29 -41.79 16.35
CA VAL D 116 -60.21 -40.60 15.52
C VAL D 116 -60.64 -39.32 16.23
N ALA D 117 -61.23 -39.42 17.44
CA ALA D 117 -61.82 -38.24 18.07
C ALA D 117 -60.74 -37.22 18.47
N GLY D 118 -59.61 -37.70 18.99
CA GLY D 118 -58.60 -36.78 19.50
C GLY D 118 -58.03 -35.88 18.44
N GLU D 119 -57.82 -36.39 17.22
CA GLU D 119 -57.27 -35.57 16.16
C GLU D 119 -58.29 -34.58 15.62
N TYR D 120 -59.57 -34.98 15.60
CA TYR D 120 -60.63 -34.03 15.24
C TYR D 120 -60.69 -32.87 16.21
N SER D 121 -60.62 -33.16 17.51
CA SER D 121 -60.62 -32.10 18.51
C SER D 121 -59.37 -31.24 18.47
N ASN D 122 -58.27 -31.73 17.89
CA ASN D 122 -57.08 -30.93 17.71
C ASN D 122 -57.14 -30.06 16.46
N GLN D 123 -57.73 -30.56 15.39
CA GLN D 123 -57.87 -29.78 14.17
C GLN D 123 -58.99 -28.75 14.24
N LEU D 124 -59.98 -28.93 15.12
CA LEU D 124 -61.02 -27.91 15.24
C LEU D 124 -60.47 -26.58 15.75
N GLY D 125 -59.60 -26.62 16.75
CA GLY D 125 -59.10 -25.40 17.36
C GLY D 125 -57.95 -24.76 16.63
N GLU D 126 -57.59 -25.33 15.47
CA GLU D 126 -56.52 -24.79 14.63
C GLU D 126 -57.02 -24.03 13.42
N ALA D 127 -58.20 -24.36 12.89
CA ALA D 127 -58.77 -23.61 11.78
C ALA D 127 -59.34 -22.27 12.20
N LEU D 128 -59.53 -22.04 13.49
CA LEU D 128 -60.04 -20.77 14.01
C LEU D 128 -58.92 -19.81 14.37
N ALA D 129 -57.66 -20.23 14.26
CA ALA D 129 -56.52 -19.36 14.51
C ALA D 129 -55.81 -18.90 13.26
N ILE D 130 -56.05 -19.55 12.11
CA ILE D 130 -55.51 -19.12 10.84
C ILE D 130 -56.44 -18.11 10.16
N ALA D 131 -57.67 -17.97 10.66
CA ALA D 131 -58.60 -16.96 10.18
C ALA D 131 -58.48 -15.62 10.87
N ALA D 132 -57.97 -15.60 12.10
CA ALA D 132 -57.68 -14.36 12.81
C ALA D 132 -56.26 -13.88 12.57
N ASP D 133 -55.50 -14.60 11.73
CA ASP D 133 -54.14 -14.20 11.38
C ASP D 133 -54.03 -13.62 9.98
N GLY D 134 -54.80 -14.12 9.02
CA GLY D 134 -54.89 -13.53 7.71
C GLY D 134 -55.84 -12.37 7.62
N ALA D 135 -56.53 -12.05 8.70
CA ALA D 135 -57.42 -10.90 8.76
C ALA D 135 -56.73 -9.64 9.27
N VAL D 136 -55.74 -9.78 10.16
CA VAL D 136 -54.93 -8.65 10.58
C VAL D 136 -54.02 -8.14 9.47
N LEU D 137 -53.51 -9.02 8.61
CA LEU D 137 -52.64 -8.62 7.51
C LEU D 137 -53.40 -8.04 6.33
N ALA D 138 -54.72 -8.16 6.29
CA ALA D 138 -55.52 -7.54 5.24
C ALA D 138 -56.03 -6.16 5.62
N GLU D 139 -55.95 -5.78 6.89
CA GLU D 139 -56.23 -4.43 7.34
C GLU D 139 -55.02 -3.53 7.25
N MET D 140 -53.83 -4.09 7.05
CA MET D 140 -52.61 -3.32 6.85
C MET D 140 -52.43 -2.87 5.42
N ALA D 141 -53.19 -3.44 4.48
CA ALA D 141 -53.16 -3.02 3.09
C ALA D 141 -54.36 -2.18 2.71
N ILE D 142 -55.26 -1.90 3.65
CA ILE D 142 -56.38 -1.00 3.40
C ILE D 142 -56.08 0.44 3.85
N LEU D 143 -55.21 0.62 4.84
CA LEU D 143 -54.73 1.95 5.20
C LEU D 143 -53.99 2.64 4.06
N CYS D 144 -53.47 1.88 3.11
CA CYS D 144 -52.75 2.44 1.97
C CYS D 144 -53.64 2.74 0.78
N ASN D 145 -54.94 2.43 0.88
CA ASN D 145 -55.87 2.63 -0.22
C ASN D 145 -56.93 3.68 0.11
N LEU D 146 -56.66 4.54 1.10
CA LEU D 146 -57.63 5.55 1.48
C LEU D 146 -57.78 6.59 0.37
N PRO D 147 -58.95 7.21 0.25
CA PRO D 147 -59.16 8.21 -0.80
C PRO D 147 -58.25 9.42 -0.62
N ALA D 148 -58.25 10.28 -1.64
CA ALA D 148 -57.37 11.43 -1.65
C ALA D 148 -57.71 12.41 -0.53
N ALA D 149 -59.00 12.64 -0.28
CA ALA D 149 -59.44 13.69 0.62
C ALA D 149 -59.63 13.24 2.06
N SER D 150 -59.39 11.96 2.36
CA SER D 150 -59.57 11.43 3.71
C SER D 150 -58.42 10.52 4.10
N ASN D 151 -57.19 10.94 3.79
CA ASN D 151 -56.03 10.09 4.02
C ASN D 151 -55.28 10.39 5.31
N GLU D 152 -55.78 11.29 6.15
CA GLU D 152 -55.15 11.60 7.42
C GLU D 152 -56.21 11.64 8.51
N ASN D 153 -55.77 11.65 9.77
CA ASN D 153 -56.67 11.83 10.89
C ASN D 153 -57.01 13.31 11.04
N ILE D 154 -56.00 14.12 11.31
CA ILE D 154 -56.13 15.58 11.35
C ILE D 154 -55.08 16.15 10.41
N ALA D 155 -55.48 17.11 9.57
CA ALA D 155 -54.57 17.70 8.60
C ALA D 155 -53.37 18.30 9.30
N GLY D 156 -52.18 17.91 8.85
CA GLY D 156 -50.92 18.31 9.45
C GLY D 156 -50.02 17.15 9.83
N LEU D 157 -50.62 16.01 10.21
CA LEU D 157 -49.86 14.83 10.55
C LEU D 157 -49.50 14.05 9.28
N GLY D 158 -49.00 12.83 9.42
CA GLY D 158 -48.47 12.07 8.30
C GLY D 158 -49.52 11.25 7.58
N THR D 159 -49.07 10.65 6.46
CA THR D 159 -49.86 9.78 5.60
C THR D 159 -49.16 8.42 5.49
N ALA D 160 -49.66 7.58 4.58
CA ALA D 160 -49.07 6.29 4.30
C ALA D 160 -48.28 6.34 2.99
N SER D 161 -47.14 5.66 2.97
CA SER D 161 -46.16 5.76 1.89
C SER D 161 -46.04 4.45 1.14
N VAL D 162 -46.00 4.52 -0.19
CA VAL D 162 -45.88 3.36 -1.06
C VAL D 162 -44.64 3.56 -1.94
N LEU D 163 -43.75 2.57 -1.94
CA LEU D 163 -42.46 2.67 -2.63
C LEU D 163 -42.37 1.64 -3.75
N GLU D 164 -41.80 2.04 -4.87
CA GLU D 164 -41.63 1.16 -6.02
C GLU D 164 -40.20 0.62 -6.10
N VAL D 165 -40.07 -0.56 -6.69
CA VAL D 165 -38.79 -1.25 -6.80
C VAL D 165 -38.26 -1.24 -8.23
N GLY D 166 -39.07 -1.63 -9.19
CA GLY D 166 -38.65 -1.64 -10.58
C GLY D 166 -39.53 -2.56 -11.39
N LYS D 167 -39.27 -2.57 -12.70
CA LYS D 167 -40.04 -3.41 -13.59
C LYS D 167 -39.68 -4.88 -13.38
N LYS D 168 -40.65 -5.74 -13.69
CA LYS D 168 -40.45 -7.18 -13.52
C LYS D 168 -39.67 -7.82 -14.65
N ALA D 169 -39.72 -7.23 -15.85
CA ALA D 169 -38.92 -7.77 -16.95
C ALA D 169 -37.43 -7.51 -16.73
N ASP D 170 -37.09 -6.32 -16.23
CA ASP D 170 -35.69 -5.99 -16.01
C ASP D 170 -35.08 -6.83 -14.90
N LEU D 171 -35.83 -7.06 -13.82
CA LEU D 171 -35.36 -7.85 -12.69
C LEU D 171 -35.72 -9.32 -12.96
N ASN D 172 -34.86 -9.99 -13.72
CA ASN D 172 -35.14 -11.37 -14.14
C ASN D 172 -34.13 -12.37 -13.58
N THR D 173 -33.45 -12.05 -12.49
CA THR D 173 -32.49 -12.95 -11.87
C THR D 173 -32.65 -12.87 -10.35
N PRO D 174 -32.58 -14.02 -9.65
CA PRO D 174 -32.73 -13.99 -8.20
C PRO D 174 -31.64 -13.20 -7.48
N ALA D 175 -30.64 -12.72 -8.22
CA ALA D 175 -29.58 -11.91 -7.66
C ALA D 175 -29.68 -10.44 -8.03
N LYS D 176 -30.47 -10.08 -9.04
CA LYS D 176 -30.72 -8.69 -9.39
C LYS D 176 -31.89 -8.10 -8.64
N LEU D 177 -32.65 -8.91 -7.89
CA LEU D 177 -33.79 -8.45 -7.13
C LEU D 177 -33.49 -8.23 -5.65
N GLY D 178 -32.61 -9.05 -5.08
CA GLY D 178 -32.25 -8.88 -3.68
C GLY D 178 -31.56 -7.57 -3.40
N GLU D 179 -30.70 -7.13 -4.32
CA GLU D 179 -30.02 -5.85 -4.11
C GLU D 179 -31.00 -4.69 -4.17
N ALA D 180 -31.99 -4.74 -5.07
CA ALA D 180 -33.01 -3.70 -5.12
C ALA D 180 -33.86 -3.70 -3.85
N ILE D 181 -34.24 -4.89 -3.37
CA ILE D 181 -35.02 -4.97 -2.14
C ILE D 181 -34.24 -4.41 -0.96
N ILE D 182 -32.95 -4.74 -0.85
CA ILE D 182 -32.13 -4.19 0.23
C ILE D 182 -31.94 -2.69 0.09
N GLY D 183 -31.78 -2.18 -1.13
CA GLY D 183 -31.63 -0.76 -1.34
C GLY D 183 -32.86 0.04 -0.98
N GLN D 184 -34.04 -0.52 -1.20
CA GLN D 184 -35.27 0.20 -0.86
C GLN D 184 -35.72 0.01 0.58
N LEU D 185 -34.97 -0.74 1.39
CA LEU D 185 -35.25 -0.82 2.82
C LEU D 185 -34.57 0.28 3.61
N THR D 186 -33.88 1.19 2.93
CA THR D 186 -33.30 2.38 3.55
C THR D 186 -34.16 3.62 3.36
N ILE D 187 -34.98 3.65 2.32
CA ILE D 187 -35.91 4.76 2.09
C ILE D 187 -37.20 4.45 2.82
N ALA D 188 -37.23 3.33 3.54
CA ALA D 188 -38.36 2.97 4.38
C ALA D 188 -38.14 3.25 5.85
N ARG D 189 -36.89 3.22 6.33
CA ARG D 189 -36.57 3.67 7.67
C ARG D 189 -36.59 5.19 7.78
N ALA D 190 -36.47 5.90 6.67
CA ALA D 190 -36.50 7.36 6.65
C ALA D 190 -37.90 7.93 6.61
N LYS D 191 -38.85 7.24 5.99
CA LYS D 191 -40.23 7.70 5.97
C LYS D 191 -40.88 7.64 7.34
N LEU D 192 -40.49 6.68 8.18
CA LEU D 192 -41.04 6.59 9.52
C LEU D 192 -40.42 7.61 10.48
N THR D 193 -39.19 8.06 10.22
CA THR D 193 -38.55 9.04 11.07
C THR D 193 -39.01 10.46 10.76
N SER D 194 -39.45 10.73 9.54
CA SER D 194 -39.98 12.04 9.20
C SER D 194 -41.28 12.35 9.90
N ASN D 195 -41.95 11.36 10.48
CA ASN D 195 -43.20 11.57 11.19
C ASN D 195 -43.05 11.40 12.70
N TYR D 196 -41.83 11.40 13.22
CA TYR D 196 -41.52 11.33 14.64
C TYR D 196 -41.93 10.01 15.29
N VAL D 197 -42.01 8.95 14.51
CA VAL D 197 -42.33 7.63 15.07
C VAL D 197 -41.14 7.12 15.88
N PRO D 198 -41.36 6.58 17.08
CA PRO D 198 -40.22 6.08 17.88
C PRO D 198 -39.53 4.90 17.23
N ALA D 199 -38.49 4.41 17.89
CA ALA D 199 -37.67 3.31 17.40
C ALA D 199 -37.68 2.19 18.44
N GLY D 200 -37.77 0.95 17.98
CA GLY D 200 -37.66 -0.17 18.87
C GLY D 200 -38.57 -1.35 18.59
N ASP D 201 -39.74 -1.11 17.97
CA ASP D 201 -40.68 -2.18 17.65
C ASP D 201 -41.12 -2.02 16.19
N ARG D 202 -40.33 -2.56 15.26
CA ARG D 202 -40.64 -2.50 13.85
C ARG D 202 -40.46 -3.87 13.21
N TYR D 203 -41.33 -4.20 12.26
CA TYR D 203 -41.39 -5.52 11.67
C TYR D 203 -41.58 -5.43 10.16
N PHE D 204 -41.19 -6.50 9.47
CA PHE D 204 -41.29 -6.61 8.02
C PHE D 204 -41.80 -8.00 7.64
N TYR D 205 -42.77 -8.04 6.72
CA TYR D 205 -43.46 -9.28 6.36
C TYR D 205 -43.29 -9.54 4.86
N THR D 206 -42.97 -10.78 4.50
CA THR D 206 -42.77 -11.15 3.11
C THR D 206 -42.96 -12.65 2.92
N THR D 207 -43.11 -13.07 1.66
CA THR D 207 -43.31 -14.46 1.29
C THR D 207 -41.99 -15.24 1.34
N PRO D 208 -42.06 -16.59 1.45
CA PRO D 208 -40.83 -17.37 1.58
C PRO D 208 -39.98 -17.44 0.31
N ASP D 209 -40.51 -17.06 -0.85
CA ASP D 209 -39.72 -17.08 -2.07
C ASP D 209 -39.04 -15.75 -2.38
N ASN D 210 -39.32 -14.71 -1.60
CA ASN D 210 -38.59 -13.46 -1.66
C ASN D 210 -37.58 -13.32 -0.52
N TYR D 211 -37.77 -14.10 0.55
CA TYR D 211 -36.80 -14.23 1.62
C TYR D 211 -35.54 -14.95 1.16
N SER D 212 -35.62 -15.69 0.06
CA SER D 212 -34.48 -16.40 -0.51
C SER D 212 -33.79 -15.60 -1.61
N ALA D 213 -34.26 -14.40 -1.91
CA ALA D 213 -33.57 -13.49 -2.81
C ALA D 213 -32.67 -12.51 -2.08
N ILE D 214 -32.90 -12.29 -0.78
CA ILE D 214 -31.99 -11.54 0.06
C ILE D 214 -30.83 -12.41 0.54
N LEU D 215 -30.95 -13.73 0.38
CA LEU D 215 -29.88 -14.66 0.70
C LEU D 215 -28.99 -14.97 -0.49
N ALA D 216 -29.46 -14.76 -1.72
CA ALA D 216 -28.68 -15.03 -2.91
C ALA D 216 -27.91 -13.82 -3.41
N ALA D 217 -27.97 -12.70 -2.68
CA ALA D 217 -27.19 -11.52 -3.00
C ALA D 217 -26.11 -11.24 -1.98
N LEU D 218 -25.93 -12.13 -1.01
CA LEU D 218 -24.91 -11.98 0.03
C LEU D 218 -24.04 -13.23 0.11
N MET D 219 -23.88 -13.93 -1.01
CA MET D 219 -23.08 -15.13 -1.13
C MET D 219 -21.74 -14.82 -1.79
N PRO D 220 -20.70 -15.65 -1.56
CA PRO D 220 -19.35 -15.29 -2.01
C PRO D 220 -19.19 -15.08 -3.50
N ASN D 221 -20.24 -15.33 -4.28
CA ASN D 221 -20.17 -15.11 -5.72
C ASN D 221 -20.80 -13.79 -6.17
N ALA D 222 -21.36 -13.00 -5.27
CA ALA D 222 -21.92 -11.70 -5.62
C ALA D 222 -21.42 -10.56 -4.74
N ALA D 223 -21.23 -10.78 -3.46
CA ALA D 223 -20.80 -9.73 -2.54
C ALA D 223 -19.27 -9.69 -2.45
N ASN D 224 -18.77 -8.64 -1.79
CA ASN D 224 -17.34 -8.45 -1.62
C ASN D 224 -16.85 -8.69 -0.20
N TYR D 225 -17.73 -8.68 0.80
CA TYR D 225 -17.33 -9.01 2.16
C TYR D 225 -18.55 -9.48 2.94
N ALA D 226 -18.29 -10.17 4.04
CA ALA D 226 -19.32 -10.90 4.78
C ALA D 226 -20.09 -9.97 5.71
N ALA D 227 -21.42 -10.06 5.69
CA ALA D 227 -22.27 -9.24 6.56
C ALA D 227 -23.68 -9.79 6.56
N LEU D 228 -24.29 -9.83 7.75
CA LEU D 228 -25.73 -9.95 8.03
C LEU D 228 -26.34 -11.34 7.88
N ILE D 229 -25.63 -12.37 7.44
CA ILE D 229 -26.24 -13.69 7.24
C ILE D 229 -25.33 -14.77 7.81
N ASP D 230 -25.92 -15.95 7.97
CA ASP D 230 -25.19 -17.17 8.34
C ASP D 230 -25.40 -18.19 7.24
N PRO D 231 -24.37 -18.55 6.47
CA PRO D 231 -24.58 -19.39 5.28
C PRO D 231 -24.83 -20.85 5.58
N GLU D 232 -24.67 -21.29 6.82
CA GLU D 232 -24.79 -22.70 7.18
C GLU D 232 -26.15 -23.08 7.72
N THR D 233 -27.00 -22.11 8.04
CA THR D 233 -28.33 -22.42 8.56
C THR D 233 -29.39 -21.67 7.77
N GLY D 234 -29.07 -20.46 7.33
CA GLY D 234 -30.00 -19.65 6.57
C GLY D 234 -30.85 -18.71 7.41
N ASN D 235 -30.21 -17.92 8.28
CA ASN D 235 -30.90 -16.95 9.11
C ASN D 235 -30.36 -15.54 8.83
N ILE D 236 -31.24 -14.55 8.95
CA ILE D 236 -30.89 -13.15 8.80
C ILE D 236 -31.13 -12.45 10.13
N ARG D 237 -30.18 -11.63 10.55
CA ARG D 237 -30.35 -10.82 11.75
C ARG D 237 -31.12 -9.55 11.38
N ASN D 238 -31.16 -8.58 12.29
CA ASN D 238 -31.90 -7.35 12.02
C ASN D 238 -31.26 -6.58 10.87
N VAL D 239 -32.10 -5.87 10.12
CA VAL D 239 -31.64 -5.06 9.00
C VAL D 239 -32.16 -3.64 9.15
N MET D 240 -31.30 -2.72 9.58
CA MET D 240 -31.65 -1.32 9.79
C MET D 240 -32.78 -1.16 10.80
N GLY D 241 -32.72 -1.91 11.89
CA GLY D 241 -33.70 -1.81 12.95
C GLY D 241 -34.97 -2.60 12.74
N PHE D 242 -35.10 -3.31 11.62
CA PHE D 242 -36.28 -4.10 11.32
C PHE D 242 -36.07 -5.55 11.77
N VAL D 243 -37.18 -6.26 11.93
CA VAL D 243 -37.19 -7.70 12.19
C VAL D 243 -37.93 -8.37 11.05
N VAL D 244 -37.31 -9.39 10.46
CA VAL D 244 -37.82 -10.02 9.24
C VAL D 244 -38.60 -11.27 9.59
N VAL D 245 -39.82 -11.37 9.06
CA VAL D 245 -40.72 -12.49 9.31
C VAL D 245 -41.21 -13.03 7.97
N GLU D 246 -41.22 -14.36 7.83
CA GLU D 246 -41.73 -15.02 6.63
C GLU D 246 -42.99 -15.79 6.97
N VAL D 247 -44.02 -15.62 6.13
CA VAL D 247 -45.31 -16.28 6.33
C VAL D 247 -45.75 -16.93 5.02
N PRO D 248 -46.14 -18.21 5.02
CA PRO D 248 -46.63 -18.83 3.77
C PRO D 248 -48.01 -18.36 3.35
N HIS D 249 -48.79 -17.75 4.24
CA HIS D 249 -50.14 -17.29 3.93
C HIS D 249 -50.19 -15.78 4.13
N LEU D 250 -49.89 -15.04 3.07
CA LEU D 250 -49.84 -13.58 3.12
C LEU D 250 -51.01 -12.93 2.40
N VAL D 251 -51.58 -13.59 1.39
CA VAL D 251 -52.53 -12.95 0.49
C VAL D 251 -53.89 -13.63 0.66
N GLN D 252 -54.03 -14.41 1.73
CA GLN D 252 -55.28 -15.08 2.06
C GLN D 252 -56.04 -14.22 3.06
N GLY D 253 -57.29 -13.89 2.74
CA GLY D 253 -58.06 -12.97 3.55
C GLY D 253 -58.73 -13.60 4.76
N GLY D 254 -60.00 -13.27 4.99
CA GLY D 254 -60.76 -13.79 6.10
C GLY D 254 -61.75 -14.85 5.68
N ALA D 255 -62.58 -15.26 6.63
CA ALA D 255 -63.54 -16.33 6.41
C ALA D 255 -64.73 -15.83 5.61
N GLY D 256 -65.62 -16.76 5.24
CA GLY D 256 -66.78 -16.41 4.44
C GLY D 256 -68.07 -16.98 4.96
N GLY D 257 -69.10 -17.02 4.13
CA GLY D 257 -70.40 -17.52 4.54
C GLY D 257 -70.78 -18.85 3.93
N THR D 258 -70.04 -19.28 2.91
CA THR D 258 -70.33 -20.53 2.22
C THR D 258 -69.02 -21.24 1.87
N ARG D 259 -68.99 -22.55 2.08
CA ARG D 259 -67.85 -23.38 1.73
C ARG D 259 -67.98 -23.86 0.29
N GLY D 260 -66.83 -24.10 -0.34
CA GLY D 260 -66.81 -24.57 -1.71
C GLY D 260 -67.15 -26.04 -1.83
N ALA D 261 -67.27 -26.49 -3.07
CA ALA D 261 -67.61 -27.89 -3.33
C ALA D 261 -66.55 -28.83 -2.78
N ASP D 262 -65.27 -28.50 -3.01
CA ASP D 262 -64.20 -29.28 -2.43
C ASP D 262 -64.19 -29.16 -0.91
N GLY D 263 -64.42 -27.96 -0.39
CA GLY D 263 -64.59 -27.73 1.03
C GLY D 263 -63.50 -26.93 1.71
N ALA D 267 -66.91 -19.46 -1.69
CA ALA D 267 -67.74 -19.22 -2.86
C ALA D 267 -68.82 -18.17 -2.65
N SER D 268 -68.78 -17.39 -1.57
CA SER D 268 -69.82 -16.40 -1.30
C SER D 268 -69.15 -15.18 -0.69
N GLY D 269 -69.91 -14.26 -0.11
CA GLY D 269 -69.37 -13.01 0.41
C GLY D 269 -68.33 -13.17 1.49
N GLN D 270 -67.16 -12.60 1.28
CA GLN D 270 -66.06 -12.68 2.22
C GLN D 270 -65.94 -11.39 3.02
N LYS D 271 -65.38 -11.51 4.22
CA LYS D 271 -65.09 -10.36 5.07
C LYS D 271 -63.58 -10.18 5.18
N HIS D 272 -63.14 -8.92 5.15
CA HIS D 272 -61.72 -8.57 5.19
C HIS D 272 -60.97 -9.21 4.02
N ALA D 273 -61.40 -8.86 2.81
CA ALA D 273 -60.78 -9.41 1.61
C ALA D 273 -59.44 -8.75 1.36
N PHE D 274 -58.75 -9.20 0.31
CA PHE D 274 -57.50 -8.61 -0.16
C PHE D 274 -57.74 -8.11 -1.57
N PRO D 275 -57.49 -6.83 -1.88
CA PRO D 275 -57.82 -6.31 -3.21
C PRO D 275 -57.12 -7.06 -4.34
N ALA D 276 -57.77 -7.17 -5.50
CA ALA D 276 -57.31 -8.06 -6.56
C ALA D 276 -56.70 -7.37 -7.77
N THR D 277 -56.88 -6.06 -7.93
CA THR D 277 -56.30 -5.36 -9.07
C THR D 277 -56.14 -3.88 -8.72
N ALA D 278 -55.24 -3.22 -9.45
CA ALA D 278 -54.93 -1.82 -9.22
C ALA D 278 -55.16 -1.01 -10.49
N ALA D 279 -56.27 -0.30 -10.55
CA ALA D 279 -56.60 0.50 -11.72
C ALA D 279 -56.68 1.99 -11.39
N GLY D 280 -57.45 2.34 -10.37
CA GLY D 280 -57.70 3.74 -10.05
C GLY D 280 -57.09 4.19 -8.73
N ALA D 281 -57.91 4.28 -7.70
CA ALA D 281 -57.47 4.67 -6.38
C ALA D 281 -56.88 3.52 -5.58
N VAL D 282 -56.57 2.40 -6.23
CA VAL D 282 -56.01 1.22 -5.57
C VAL D 282 -54.50 1.22 -5.83
N LYS D 283 -53.73 1.12 -4.75
CA LYS D 283 -52.26 1.10 -4.85
C LYS D 283 -51.70 -0.29 -4.59
N VAL D 284 -52.07 -0.92 -3.49
CA VAL D 284 -51.59 -2.25 -3.14
C VAL D 284 -52.65 -3.26 -3.57
N ALA D 285 -52.30 -4.12 -4.52
CA ALA D 285 -53.23 -5.11 -5.05
C ALA D 285 -52.69 -6.51 -4.86
N MET D 286 -53.36 -7.50 -5.45
CA MET D 286 -52.94 -8.89 -5.34
C MET D 286 -51.82 -9.28 -6.30
N ASP D 287 -51.56 -8.48 -7.33
CA ASP D 287 -50.52 -8.78 -8.31
C ASP D 287 -49.39 -7.76 -8.28
N ASN D 288 -49.18 -7.08 -7.15
CA ASN D 288 -48.14 -6.06 -7.06
C ASN D 288 -47.29 -6.23 -5.81
N VAL D 289 -47.87 -6.79 -4.75
CA VAL D 289 -47.28 -6.68 -3.43
C VAL D 289 -45.97 -7.46 -3.35
N VAL D 290 -45.04 -6.94 -2.56
CA VAL D 290 -43.78 -7.61 -2.27
C VAL D 290 -43.64 -7.79 -0.77
N GLY D 291 -43.93 -6.74 -0.01
CA GLY D 291 -43.83 -6.81 1.43
C GLY D 291 -44.61 -5.70 2.10
N LEU D 292 -44.62 -5.74 3.43
CA LEU D 292 -45.34 -4.77 4.25
C LEU D 292 -44.53 -4.46 5.50
N PHE D 293 -44.39 -3.18 5.83
CA PHE D 293 -43.71 -2.75 7.03
C PHE D 293 -44.61 -1.82 7.84
N SER D 294 -44.42 -1.82 9.16
CA SER D 294 -45.30 -1.06 10.04
C SER D 294 -44.66 -0.96 11.43
N HIS D 295 -45.34 -0.22 12.30
CA HIS D 295 -44.98 -0.07 13.71
C HIS D 295 -46.08 -0.71 14.56
N ARG D 296 -45.74 -1.02 15.80
CA ARG D 296 -46.64 -1.75 16.69
C ARG D 296 -47.65 -0.80 17.34
N SER D 297 -48.30 0.04 16.52
CA SER D 297 -49.35 0.91 17.04
C SER D 297 -50.45 1.18 16.02
N ALA D 298 -50.43 0.47 14.89
CA ALA D 298 -51.28 0.82 13.77
C ALA D 298 -52.50 -0.08 13.59
N VAL D 299 -52.60 -1.19 14.31
CA VAL D 299 -53.71 -2.13 14.16
C VAL D 299 -54.16 -2.58 15.55
N GLY D 300 -55.46 -2.82 15.71
CA GLY D 300 -56.02 -3.20 16.99
C GLY D 300 -56.99 -4.35 16.88
N THR D 301 -57.39 -4.86 18.04
CA THR D 301 -58.29 -6.00 18.15
C THR D 301 -59.09 -5.91 19.45
N VAL D 302 -60.38 -6.20 19.39
CA VAL D 302 -61.28 -6.17 20.54
C VAL D 302 -61.91 -7.54 20.69
N LYS D 303 -61.93 -8.06 21.91
CA LYS D 303 -62.45 -9.38 22.21
C LYS D 303 -63.71 -9.28 23.06
N LEU D 304 -64.72 -10.11 22.73
CA LEU D 304 -65.93 -10.21 23.53
C LEU D 304 -66.06 -11.57 24.22
N ARG D 305 -65.78 -12.66 23.52
CA ARG D 305 -65.84 -14.00 24.07
C ARG D 305 -64.65 -14.81 23.59
N ASP D 306 -64.31 -15.84 24.37
CA ASP D 306 -63.15 -16.69 24.12
C ASP D 306 -63.59 -18.04 23.55
N LEU D 307 -62.61 -18.92 23.33
CA LEU D 307 -62.85 -20.23 22.73
C LEU D 307 -63.55 -21.17 23.71
N ALA D 308 -64.43 -22.01 23.18
CA ALA D 308 -65.17 -22.97 23.99
C ALA D 308 -65.58 -24.15 23.14
N LEU D 309 -65.90 -25.26 23.79
CA LEU D 309 -66.29 -26.50 23.13
C LEU D 309 -67.57 -27.04 23.74
N GLU D 310 -68.37 -27.73 22.92
CA GLU D 310 -69.65 -28.28 23.36
C GLU D 310 -69.90 -29.60 22.64
N ARG D 311 -70.71 -30.45 23.28
CA ARG D 311 -71.02 -31.78 22.75
C ARG D 311 -72.52 -32.04 22.85
N ASP D 312 -73.03 -32.83 21.91
CA ASP D 312 -74.46 -33.12 21.84
C ASP D 312 -74.66 -34.49 21.22
N ARG D 313 -75.83 -35.07 21.51
CA ARG D 313 -76.22 -36.39 20.99
C ARG D 313 -77.49 -36.26 20.15
N ASP D 314 -77.47 -36.88 18.97
CA ASP D 314 -78.61 -36.88 18.06
C ASP D 314 -79.21 -38.27 17.99
N VAL D 315 -80.52 -38.36 18.20
CA VAL D 315 -81.19 -39.66 18.32
C VAL D 315 -82.15 -39.83 17.14
N ASP D 316 -81.90 -39.12 16.05
CA ASP D 316 -82.67 -39.31 14.83
C ASP D 316 -81.81 -39.77 13.66
N ALA D 317 -80.49 -39.59 13.71
CA ALA D 317 -79.58 -40.16 12.74
C ALA D 317 -78.46 -40.97 13.37
N GLN D 318 -78.49 -41.17 14.69
CA GLN D 318 -77.50 -41.97 15.42
C GLN D 318 -76.09 -41.41 15.27
N GLY D 319 -75.87 -40.18 15.74
CA GLY D 319 -74.57 -39.54 15.60
C GLY D 319 -74.26 -38.66 16.79
N ASP D 320 -73.08 -38.03 16.72
CA ASP D 320 -72.59 -37.13 17.76
C ASP D 320 -71.98 -35.89 17.10
N LEU D 321 -71.83 -34.83 17.89
CA LEU D 321 -71.41 -33.54 17.38
C LEU D 321 -70.43 -32.87 18.33
N ILE D 322 -69.52 -32.06 17.75
CA ILE D 322 -68.56 -31.26 18.50
C ILE D 322 -68.45 -29.89 17.81
N VAL D 323 -68.45 -28.81 18.60
CA VAL D 323 -68.49 -27.45 18.07
C VAL D 323 -67.51 -26.55 18.82
N GLY D 324 -67.00 -25.54 18.13
CA GLY D 324 -66.20 -24.49 18.76
C GLY D 324 -66.49 -23.15 18.13
N LYS D 325 -66.26 -22.08 18.91
CA LYS D 325 -66.72 -20.76 18.49
C LYS D 325 -66.05 -19.64 19.31
N TYR D 326 -66.07 -18.43 18.74
CA TYR D 326 -65.70 -17.20 19.45
C TYR D 326 -66.23 -16.01 18.66
N ALA D 327 -65.96 -14.80 19.18
CA ALA D 327 -66.39 -13.55 18.56
C ALA D 327 -65.35 -12.45 18.79
N MET D 328 -64.97 -11.74 17.71
CA MET D 328 -63.92 -10.72 17.76
C MET D 328 -64.21 -9.64 16.73
N GLY D 329 -63.36 -8.62 16.72
CA GLY D 329 -63.41 -7.56 15.72
C GLY D 329 -62.06 -6.94 15.52
N HIS D 330 -61.84 -6.42 14.31
CA HIS D 330 -60.53 -5.90 13.89
C HIS D 330 -60.67 -4.53 13.25
N GLY D 331 -59.59 -3.74 13.29
CA GLY D 331 -59.57 -2.42 12.67
C GLY D 331 -58.24 -1.75 12.83
N GLY D 332 -58.07 -0.61 12.11
CA GLY D 332 -56.83 0.13 12.14
C GLY D 332 -56.93 1.48 12.84
N LEU D 333 -55.79 1.95 13.36
CA LEU D 333 -55.78 3.14 14.21
C LEU D 333 -55.01 4.32 13.63
N ARG D 334 -53.73 4.15 13.32
CA ARG D 334 -52.89 5.26 12.87
C ARG D 334 -52.43 5.03 11.44
N PRO D 335 -52.77 5.90 10.48
CA PRO D 335 -52.34 5.69 9.10
C PRO D 335 -50.96 6.23 8.75
N GLU D 336 -50.20 6.77 9.71
CA GLU D 336 -48.87 7.30 9.44
C GLU D 336 -47.75 6.38 9.90
N ALA D 337 -48.08 5.15 10.30
CA ALA D 337 -47.08 4.18 10.74
C ALA D 337 -47.16 2.89 9.93
N ALA D 338 -47.33 3.00 8.61
CA ALA D 338 -47.47 1.83 7.76
C ALA D 338 -47.02 2.17 6.35
N GLY D 339 -46.73 1.12 5.58
CA GLY D 339 -46.30 1.29 4.22
C GLY D 339 -46.27 -0.03 3.48
N ALA D 340 -45.76 0.00 2.25
CA ALA D 340 -45.70 -1.20 1.43
C ALA D 340 -44.72 -1.01 0.28
N LEU D 341 -44.10 -2.10 -0.14
CA LEU D 341 -43.25 -2.16 -1.32
C LEU D 341 -43.98 -2.88 -2.44
N VAL D 342 -43.94 -2.30 -3.64
CA VAL D 342 -44.69 -2.83 -4.79
C VAL D 342 -43.78 -2.86 -6.01
N PHE D 343 -44.27 -3.54 -7.05
CA PHE D 343 -43.61 -3.56 -8.35
C PHE D 343 -44.00 -2.32 -9.15
N SER D 344 -43.25 -2.09 -10.24
CA SER D 344 -43.56 -0.91 -11.04
C SER D 344 -44.42 -1.27 -12.23
N PRO D 345 -45.33 -0.40 -12.65
CA PRO D 345 -46.22 -0.73 -13.77
C PRO D 345 -45.44 -0.95 -15.07
N ALA D 346 -45.95 -1.85 -15.89
CA ALA D 346 -45.31 -2.18 -17.16
C ALA D 346 -45.54 -1.09 -18.19
N ALA E 2 -59.58 47.66 20.41
CA ALA E 2 -59.66 47.41 21.84
C ALA E 2 -58.28 47.41 22.48
N ASN E 3 -57.56 48.53 22.34
CA ASN E 3 -56.22 48.68 22.86
C ASN E 3 -56.29 49.48 24.17
N VAL E 4 -55.84 48.88 25.25
CA VAL E 4 -55.85 49.53 26.56
C VAL E 4 -54.82 50.65 26.58
N PRO E 5 -55.20 51.88 26.91
CA PRO E 5 -54.20 52.95 27.04
C PRO E 5 -53.30 52.76 28.25
N GLY E 6 -52.10 53.31 28.14
CA GLY E 6 -51.13 53.13 29.21
C GLY E 6 -49.92 54.02 29.01
N GLN E 7 -48.85 53.67 29.72
CA GLN E 7 -47.63 54.46 29.73
C GLN E 7 -46.75 54.17 28.53
N LYS E 8 -46.07 55.20 28.06
CA LYS E 8 -45.09 55.12 26.97
C LYS E 8 -43.74 55.53 27.55
N VAL E 9 -43.02 54.57 28.12
CA VAL E 9 -41.76 54.84 28.80
C VAL E 9 -40.66 55.02 27.77
N GLY E 10 -40.94 54.64 26.51
CA GLY E 10 -39.94 54.72 25.47
C GLY E 10 -40.16 55.83 24.47
N THR E 11 -41.32 56.47 24.51
CA THR E 11 -41.61 57.56 23.58
C THR E 11 -41.21 58.90 24.18
N ASP E 12 -40.56 59.73 23.37
CA ASP E 12 -40.04 61.03 23.79
C ASP E 12 -41.09 62.09 23.49
N GLN E 13 -41.68 62.65 24.53
CA GLN E 13 -42.74 63.65 24.40
C GLN E 13 -42.32 64.92 25.13
N GLY E 14 -41.58 65.78 24.44
CA GLY E 14 -41.24 67.08 24.95
C GLY E 14 -42.08 68.17 24.30
N LYS E 15 -41.91 69.38 24.80
CA LYS E 15 -42.65 70.52 24.24
C LYS E 15 -42.02 70.92 22.91
N GLY E 16 -42.85 70.98 21.87
CA GLY E 16 -42.37 71.31 20.54
C GLY E 16 -41.71 70.16 19.80
N LYS E 17 -41.88 68.93 20.27
CA LYS E 17 -41.27 67.76 19.65
C LYS E 17 -42.35 66.83 19.11
N SER E 18 -42.06 66.22 17.97
CA SER E 18 -42.96 65.23 17.36
C SER E 18 -42.44 63.83 17.65
N GLY E 19 -43.24 63.04 18.34
CA GLY E 19 -42.81 61.70 18.74
C GLY E 19 -43.23 60.64 17.73
N SER E 20 -42.23 60.05 17.06
CA SER E 20 -42.49 59.03 16.05
C SER E 20 -41.91 57.69 16.47
N ASP E 21 -40.63 57.66 16.83
CA ASP E 21 -40.00 56.43 17.26
C ASP E 21 -40.51 56.02 18.64
N ALA E 22 -40.71 54.71 18.82
CA ALA E 22 -41.25 54.18 20.06
C ALA E 22 -40.17 53.52 20.92
N LEU E 23 -38.90 53.64 20.54
CA LEU E 23 -37.81 53.10 21.34
C LEU E 23 -36.65 54.09 21.39
N ALA E 24 -36.97 55.39 21.48
CA ALA E 24 -35.97 56.44 21.35
C ALA E 24 -35.33 56.83 22.68
N LEU E 25 -35.72 56.22 23.79
CA LEU E 25 -35.12 56.50 25.08
C LEU E 25 -34.43 55.31 25.71
N PHE E 26 -34.32 54.19 25.01
CA PHE E 26 -33.58 53.03 25.49
C PHE E 26 -32.16 53.05 24.92
N LEU E 27 -31.27 52.31 25.57
CA LEU E 27 -29.84 52.38 25.28
C LEU E 27 -29.34 51.07 24.70
N LYS E 28 -28.41 51.18 23.74
CA LYS E 28 -27.68 50.03 23.21
C LYS E 28 -26.48 49.72 24.09
N VAL E 29 -26.22 48.42 24.27
CA VAL E 29 -25.21 47.96 25.22
C VAL E 29 -24.11 47.20 24.48
N PHE E 30 -23.09 46.81 25.24
CA PHE E 30 -21.90 46.13 24.74
C PHE E 30 -22.00 44.65 25.08
N ALA E 31 -21.81 43.80 24.07
CA ALA E 31 -21.96 42.36 24.28
C ALA E 31 -20.86 41.80 25.17
N GLY E 32 -19.61 42.13 24.87
CA GLY E 32 -18.50 41.69 25.70
C GLY E 32 -17.52 40.78 25.00
N GLU E 33 -17.57 40.75 23.66
CA GLU E 33 -16.71 39.87 22.88
C GLU E 33 -16.25 40.59 21.63
N VAL E 34 -14.99 40.38 21.27
CA VAL E 34 -14.36 41.02 20.11
C VAL E 34 -14.05 39.95 19.07
N LEU E 35 -14.40 40.22 17.82
CA LEU E 35 -14.22 39.27 16.72
C LEU E 35 -12.94 39.63 15.98
N THR E 36 -11.86 38.92 16.30
CA THR E 36 -10.58 39.10 15.61
C THR E 36 -10.40 38.04 14.52
N ALA E 37 -9.52 38.35 13.57
CA ALA E 37 -9.32 37.47 12.43
C ALA E 37 -8.57 36.20 12.84
N PHE E 38 -8.75 35.16 12.03
CA PHE E 38 -8.10 33.87 12.31
C PHE E 38 -6.60 33.98 12.08
N THR E 39 -5.85 33.14 12.80
CA THR E 39 -4.39 33.21 12.79
C THR E 39 -3.81 32.43 11.61
N ARG E 40 -2.61 32.83 11.20
CA ARG E 40 -1.87 32.18 10.13
C ARG E 40 -0.53 31.69 10.66
N ARG E 41 -0.03 30.61 10.07
CA ARG E 41 1.22 29.99 10.50
C ARG E 41 2.08 29.66 9.29
N SER E 42 3.38 29.55 9.54
CA SER E 42 4.35 29.19 8.50
C SER E 42 4.79 27.75 8.67
N VAL E 43 5.18 27.13 7.56
CA VAL E 43 5.47 25.71 7.53
C VAL E 43 6.92 25.38 7.20
N THR E 44 7.68 26.30 6.61
CA THR E 44 9.04 26.02 6.18
C THR E 44 10.10 26.62 7.10
N ALA E 45 9.73 26.99 8.32
CA ALA E 45 10.67 27.71 9.20
C ALA E 45 11.88 26.85 9.55
N ASP E 46 11.66 25.56 9.81
CA ASP E 46 12.72 24.68 10.31
C ASP E 46 12.94 23.47 9.39
N LYS E 47 12.93 23.67 8.08
CA LYS E 47 13.11 22.59 7.12
C LYS E 47 14.18 22.93 6.08
N HIS E 48 15.17 23.74 6.46
CA HIS E 48 16.30 24.04 5.58
C HIS E 48 17.40 24.67 6.43
N ILE E 49 18.45 25.14 5.76
CA ILE E 49 19.67 25.61 6.40
C ILE E 49 19.57 27.11 6.68
N VAL E 50 20.03 27.52 7.86
CA VAL E 50 20.01 28.93 8.27
C VAL E 50 21.39 29.29 8.80
N ARG E 51 21.95 30.39 8.30
CA ARG E 51 23.25 30.89 8.73
C ARG E 51 23.14 32.36 9.09
N THR E 52 24.13 32.87 9.83
CA THR E 52 24.17 34.26 10.24
C THR E 52 25.54 34.85 9.95
N ILE E 53 25.56 36.16 9.68
CA ILE E 53 26.78 36.91 9.40
C ILE E 53 26.75 38.21 10.20
N GLN E 54 27.83 38.98 10.08
CA GLN E 54 27.98 40.23 10.82
C GLN E 54 28.04 41.47 9.94
N ASN E 55 28.74 41.42 8.82
CA ASN E 55 28.79 42.55 7.90
C ASN E 55 29.06 42.03 6.50
N GLY E 56 28.80 42.87 5.51
CA GLY E 56 29.01 42.48 4.13
C GLY E 56 27.74 42.51 3.31
N LYS E 57 27.85 42.27 2.01
CA LYS E 57 26.71 42.28 1.12
C LYS E 57 26.42 40.94 0.44
N SER E 58 27.23 39.91 0.69
CA SER E 58 27.02 38.61 0.07
C SER E 58 27.65 37.54 0.95
N ALA E 59 27.60 36.30 0.47
CA ALA E 59 28.20 35.16 1.15
C ALA E 59 28.63 34.13 0.10
N GLN E 60 29.52 33.23 0.50
CA GLN E 60 30.11 32.25 -0.41
C GLN E 60 30.04 30.85 0.20
N PHE E 61 29.77 29.86 -0.65
CA PHE E 61 29.77 28.46 -0.26
C PHE E 61 30.69 27.67 -1.18
N PRO E 62 31.74 27.02 -0.67
CA PRO E 62 32.61 26.21 -1.54
C PRO E 62 32.06 24.82 -1.82
N VAL E 63 32.52 24.23 -2.93
CA VAL E 63 32.07 22.93 -3.41
C VAL E 63 33.27 22.16 -3.95
N MET E 64 33.31 20.85 -3.70
CA MET E 64 34.40 20.01 -4.18
C MET E 64 33.98 18.54 -4.22
N GLY E 65 34.57 17.77 -5.15
CA GLY E 65 34.43 16.32 -5.13
C GLY E 65 34.93 15.58 -6.35
N ARG E 66 35.67 14.47 -6.14
CA ARG E 66 36.16 13.60 -7.21
C ARG E 66 36.62 12.24 -6.68
N THR E 67 37.30 11.45 -7.52
CA THR E 67 37.88 10.17 -7.14
C THR E 67 39.08 9.80 -8.01
N SER E 68 39.63 8.59 -7.81
CA SER E 68 40.88 8.19 -8.49
C SER E 68 41.15 6.70 -8.37
N GLY E 69 42.37 6.28 -8.74
CA GLY E 69 42.84 4.92 -8.51
C GLY E 69 43.41 4.17 -9.71
N VAL E 70 44.70 3.81 -9.62
CA VAL E 70 45.39 3.01 -10.63
C VAL E 70 46.37 2.09 -9.90
N TYR E 71 47.04 1.23 -10.67
CA TYR E 71 48.04 0.32 -10.12
C TYR E 71 49.42 0.64 -10.67
N LEU E 72 50.44 0.46 -9.82
CA LEU E 72 51.80 0.89 -10.09
C LEU E 72 52.72 -0.31 -10.17
N ALA E 73 53.47 -0.42 -11.27
CA ALA E 73 54.45 -1.48 -11.45
C ALA E 73 55.70 -1.18 -10.64
N PRO E 74 56.50 -2.20 -10.30
CA PRO E 74 57.71 -1.97 -9.50
C PRO E 74 58.80 -1.28 -10.30
N GLY E 75 59.13 -0.05 -9.90
CA GLY E 75 60.17 0.71 -10.56
C GLY E 75 59.67 1.94 -11.29
N GLU E 76 58.50 2.42 -10.91
CA GLU E 76 57.86 3.56 -11.55
C GLU E 76 57.72 4.71 -10.54
N ARG E 77 57.32 5.87 -11.04
CA ARG E 77 57.18 7.08 -10.25
C ARG E 77 55.72 7.48 -10.16
N LEU E 78 55.31 7.93 -8.96
CA LEU E 78 53.94 8.32 -8.72
C LEU E 78 53.55 9.61 -9.44
N SER E 79 54.51 10.41 -9.88
CA SER E 79 54.26 11.73 -10.42
C SER E 79 54.16 11.74 -11.95
N ASP E 80 53.90 10.59 -12.55
CA ASP E 80 53.71 10.49 -14.00
C ASP E 80 52.28 10.19 -14.39
N LYS E 81 51.41 9.89 -13.43
CA LYS E 81 50.03 9.53 -13.72
C LYS E 81 49.10 10.23 -12.72
N ARG E 82 49.33 11.52 -12.50
CA ARG E 82 48.65 12.27 -11.47
C ARG E 82 47.69 13.29 -12.07
N LYS E 83 46.57 13.50 -11.39
CA LYS E 83 45.56 14.48 -11.77
C LYS E 83 45.12 15.27 -10.54
N GLY E 84 44.04 16.03 -10.66
CA GLY E 84 43.59 16.83 -9.54
C GLY E 84 42.09 16.78 -9.38
N ILE E 85 41.64 17.35 -8.27
CA ILE E 85 40.22 17.46 -7.93
C ILE E 85 39.75 18.86 -8.24
N LYS E 86 38.45 19.02 -8.52
CA LYS E 86 37.90 20.27 -9.00
C LYS E 86 37.14 21.03 -7.90
N HIS E 87 36.98 22.35 -8.12
CA HIS E 87 36.36 23.23 -7.15
C HIS E 87 35.41 24.19 -7.87
N THR E 88 34.45 24.73 -7.12
CA THR E 88 33.54 25.76 -7.60
C THR E 88 32.91 26.46 -6.39
N GLU E 89 31.89 27.29 -6.62
CA GLU E 89 31.34 28.12 -5.56
C GLU E 89 29.91 28.54 -5.89
N LYS E 90 29.23 29.07 -4.86
CA LYS E 90 27.87 29.60 -4.96
C LYS E 90 27.76 30.89 -4.15
N ASN E 91 26.80 31.75 -4.51
CA ASN E 91 26.64 33.05 -3.87
C ASN E 91 25.17 33.31 -3.51
N ILE E 92 24.96 34.06 -2.43
CA ILE E 92 23.64 34.52 -2.00
C ILE E 92 23.76 35.96 -1.54
N THR E 93 22.82 36.81 -1.96
CA THR E 93 22.90 38.25 -1.74
C THR E 93 21.76 38.75 -0.86
N ILE E 94 22.05 39.78 -0.07
CA ILE E 94 21.06 40.40 0.81
C ILE E 94 20.09 41.23 -0.01
N ASP E 95 18.83 41.29 0.44
CA ASP E 95 17.77 41.98 -0.27
C ASP E 95 17.61 43.44 0.13
N GLY E 96 17.33 43.71 1.40
CA GLY E 96 17.08 45.09 1.84
C GLY E 96 16.45 45.10 3.22
N LEU E 97 15.64 46.12 3.46
CA LEU E 97 14.97 46.33 4.75
C LEU E 97 13.47 46.28 4.54
N LEU E 98 12.78 45.53 5.41
CA LEU E 98 11.34 45.35 5.32
C LEU E 98 10.68 45.83 6.61
N THR E 99 9.59 46.58 6.50
CA THR E 99 9.04 47.31 7.64
C THR E 99 7.52 47.31 7.63
N ALA E 100 6.93 47.63 8.79
CA ALA E 100 5.49 47.79 8.96
C ALA E 100 5.23 48.62 10.23
N ASP E 101 4.20 49.45 10.21
CA ASP E 101 3.98 50.41 11.29
C ASP E 101 2.52 50.81 11.41
N VAL E 102 2.17 51.38 12.57
CA VAL E 102 0.85 51.97 12.83
C VAL E 102 1.03 53.24 13.66
N MET E 103 0.00 54.09 13.67
CA MET E 103 0.02 55.35 14.40
C MET E 103 -1.32 55.54 15.12
N ILE E 104 -1.26 55.89 16.41
CA ILE E 104 -2.43 55.93 17.28
C ILE E 104 -2.46 57.28 17.99
N PHE E 105 -3.65 57.91 18.05
CA PHE E 105 -3.82 59.17 18.74
C PHE E 105 -4.37 58.95 20.16
N ASP E 106 -4.31 60.01 20.97
CA ASP E 106 -4.58 59.91 22.40
C ASP E 106 -6.01 60.24 22.81
N ILE E 107 -6.78 60.92 21.97
CA ILE E 107 -8.18 61.20 22.32
C ILE E 107 -9.09 60.04 21.91
N GLU E 108 -8.86 59.45 20.74
CA GLU E 108 -9.59 58.27 20.30
C GLU E 108 -9.27 57.04 21.13
N ASP E 109 -8.11 57.01 21.79
CA ASP E 109 -7.77 55.95 22.72
C ASP E 109 -8.44 56.12 24.08
N ALA E 110 -9.00 57.31 24.36
CA ALA E 110 -9.74 57.55 25.58
C ALA E 110 -11.25 57.51 25.38
N MET E 111 -11.74 57.79 24.17
CA MET E 111 -13.17 57.70 23.89
C MET E 111 -13.59 56.31 23.43
N ASN E 112 -12.87 55.26 23.82
CA ASN E 112 -13.10 53.90 23.32
C ASN E 112 -13.28 52.95 24.49
N HIS E 113 -13.96 51.83 24.23
CA HIS E 113 -14.37 50.91 25.29
C HIS E 113 -13.73 49.53 25.23
N TYR E 114 -12.71 49.31 24.40
CA TYR E 114 -11.93 48.09 24.45
C TYR E 114 -10.48 48.38 24.08
N ASP E 115 -9.58 47.53 24.57
CA ASP E 115 -8.15 47.71 24.37
C ASP E 115 -7.74 47.23 22.98
N VAL E 116 -6.85 48.00 22.34
CA VAL E 116 -6.43 47.71 20.98
C VAL E 116 -4.90 47.60 20.89
N ALA E 117 -4.21 48.21 21.85
CA ALA E 117 -2.75 48.33 21.75
C ALA E 117 -2.08 46.96 21.76
N GLY E 118 -2.55 46.04 22.60
CA GLY E 118 -1.91 44.75 22.72
C GLY E 118 -2.13 43.81 21.56
N GLU E 119 -3.15 44.07 20.73
CA GLU E 119 -3.46 43.22 19.59
C GLU E 119 -2.86 43.73 18.28
N TYR E 120 -2.62 45.04 18.17
CA TYR E 120 -1.92 45.61 17.02
C TYR E 120 -0.49 45.11 16.89
N SER E 121 0.13 44.66 17.98
CA SER E 121 1.49 44.16 17.97
C SER E 121 1.58 42.67 17.69
N ASN E 122 0.45 41.98 17.59
CA ASN E 122 0.42 40.59 17.17
C ASN E 122 0.21 40.41 15.68
N GLN E 123 -0.38 41.40 15.01
CA GLN E 123 -0.54 41.39 13.57
C GLN E 123 0.62 42.06 12.84
N LEU E 124 1.60 42.57 13.58
CA LEU E 124 2.81 43.13 12.99
C LEU E 124 3.94 42.12 12.90
N GLY E 125 3.90 41.07 13.71
CA GLY E 125 4.90 40.03 13.70
C GLY E 125 4.61 38.83 12.84
N GLU E 126 3.36 38.64 12.41
CA GLU E 126 3.02 37.55 11.52
C GLU E 126 2.79 38.00 10.08
N ALA E 127 2.72 39.31 9.84
CA ALA E 127 2.73 39.81 8.47
C ALA E 127 4.11 39.77 7.85
N LEU E 128 5.16 39.68 8.67
CA LEU E 128 6.53 39.59 8.21
C LEU E 128 7.03 38.15 8.12
N ALA E 129 6.33 37.20 8.73
CA ALA E 129 6.70 35.80 8.66
C ALA E 129 6.03 35.05 7.53
N ILE E 130 5.09 35.66 6.82
CA ILE E 130 4.46 35.03 5.66
C ILE E 130 5.18 35.37 4.37
N ALA E 131 5.78 36.56 4.26
CA ALA E 131 6.58 36.89 3.09
C ALA E 131 7.84 36.01 2.99
N ALA E 132 8.51 35.78 4.11
CA ALA E 132 9.67 34.91 4.14
C ALA E 132 9.33 33.46 3.88
N ASP E 133 8.05 33.08 4.03
CA ASP E 133 7.61 31.73 3.74
C ASP E 133 7.21 31.53 2.28
N GLY E 134 6.76 32.59 1.61
CA GLY E 134 6.43 32.50 0.20
C GLY E 134 7.62 32.84 -0.67
N ALA E 135 8.65 33.45 -0.10
CA ALA E 135 9.89 33.70 -0.82
C ALA E 135 10.77 32.47 -0.98
N VAL E 136 10.64 31.49 -0.09
CA VAL E 136 11.44 30.27 -0.20
C VAL E 136 10.84 29.25 -1.15
N LEU E 137 9.51 29.13 -1.19
CA LEU E 137 8.84 28.20 -2.10
C LEU E 137 8.98 28.61 -3.56
N ALA E 138 9.34 29.86 -3.84
CA ALA E 138 9.59 30.31 -5.20
C ALA E 138 11.02 30.11 -5.63
N GLU E 139 11.90 29.68 -4.73
CA GLU E 139 13.28 29.36 -5.07
C GLU E 139 13.48 27.88 -5.40
N MET E 140 12.53 27.02 -5.02
CA MET E 140 12.57 25.62 -5.39
C MET E 140 12.07 25.39 -6.82
N ALA E 141 11.45 26.39 -7.44
CA ALA E 141 10.98 26.28 -8.81
C ALA E 141 11.91 26.95 -9.80
N ILE E 142 13.05 27.48 -9.36
CA ILE E 142 14.04 28.06 -10.25
C ILE E 142 15.30 27.20 -10.36
N LEU E 143 15.51 26.28 -9.41
CA LEU E 143 16.51 25.23 -9.61
C LEU E 143 16.13 24.30 -10.76
N CYS E 144 14.86 24.25 -11.15
CA CYS E 144 14.39 23.37 -12.20
C CYS E 144 14.30 24.07 -13.55
N ASN E 145 14.74 25.31 -13.67
CA ASN E 145 14.68 26.07 -14.90
C ASN E 145 16.07 26.47 -15.40
N LEU E 146 17.09 25.76 -14.95
CA LEU E 146 18.46 26.08 -15.32
C LEU E 146 18.71 25.73 -16.80
N PRO E 147 19.59 26.48 -17.46
CA PRO E 147 19.91 26.18 -18.86
C PRO E 147 20.55 24.81 -19.01
N ALA E 148 20.40 24.24 -20.20
CA ALA E 148 20.86 22.88 -20.46
C ALA E 148 22.38 22.77 -20.31
N ALA E 149 23.11 23.76 -20.80
CA ALA E 149 24.57 23.70 -20.79
C ALA E 149 25.15 23.91 -19.39
N SER E 150 24.35 24.31 -18.41
CA SER E 150 24.80 24.59 -17.05
C SER E 150 23.86 23.98 -16.02
N ASN E 151 23.48 22.72 -16.24
CA ASN E 151 22.43 22.11 -15.42
C ASN E 151 22.95 21.38 -14.19
N GLU E 152 24.24 21.39 -13.93
CA GLU E 152 24.78 20.77 -12.71
C GLU E 152 26.06 21.47 -12.29
N ASN E 153 26.39 21.32 -11.01
CA ASN E 153 27.58 21.94 -10.42
C ASN E 153 28.86 21.43 -11.07
N ILE E 154 29.15 20.14 -10.88
CA ILE E 154 30.31 19.50 -11.45
C ILE E 154 29.84 18.30 -12.26
N ALA E 155 30.33 18.20 -13.49
CA ALA E 155 29.86 17.16 -14.41
C ALA E 155 30.06 15.78 -13.80
N GLY E 156 28.96 15.08 -13.53
CA GLY E 156 29.01 13.76 -12.93
C GLY E 156 28.41 13.65 -11.54
N LEU E 157 27.77 14.70 -11.00
CA LEU E 157 27.20 14.64 -9.66
C LEU E 157 25.68 14.48 -9.66
N GLY E 158 24.99 14.91 -10.70
CA GLY E 158 23.56 14.73 -10.81
C GLY E 158 22.84 16.02 -11.20
N THR E 159 21.61 15.86 -11.67
CA THR E 159 20.78 16.97 -12.13
C THR E 159 19.41 16.90 -11.46
N ALA E 160 18.50 17.77 -11.90
CA ALA E 160 17.16 17.87 -11.37
C ALA E 160 16.16 17.12 -12.26
N SER E 161 15.05 16.70 -11.65
CA SER E 161 14.07 15.83 -12.28
C SER E 161 12.75 16.55 -12.43
N VAL E 162 12.15 16.45 -13.61
CA VAL E 162 10.81 16.97 -13.87
C VAL E 162 9.98 15.83 -14.44
N LEU E 163 8.93 15.44 -13.73
CA LEU E 163 8.15 14.26 -14.05
C LEU E 163 6.73 14.67 -14.45
N GLU E 164 6.28 14.18 -15.60
CA GLU E 164 4.96 14.52 -16.10
C GLU E 164 3.92 13.50 -15.64
N VAL E 165 2.68 13.95 -15.51
CA VAL E 165 1.60 13.13 -15.01
C VAL E 165 0.63 12.71 -16.11
N GLY E 166 0.21 13.63 -16.96
CA GLY E 166 -0.75 13.33 -18.00
C GLY E 166 -1.54 14.57 -18.36
N LYS E 167 -2.27 14.46 -19.48
CA LYS E 167 -3.04 15.61 -19.96
C LYS E 167 -4.17 15.95 -19.00
N LYS E 168 -4.50 17.23 -18.94
CA LYS E 168 -5.51 17.69 -18.00
C LYS E 168 -6.93 17.32 -18.44
N ALA E 169 -7.17 17.27 -19.76
CA ALA E 169 -8.50 16.94 -20.25
C ALA E 169 -8.91 15.51 -19.87
N ASP E 170 -7.97 14.56 -19.97
CA ASP E 170 -8.30 13.17 -19.70
C ASP E 170 -8.55 12.93 -18.21
N LEU E 171 -7.75 13.55 -17.35
CA LEU E 171 -7.87 13.37 -15.91
C LEU E 171 -8.90 14.36 -15.37
N ASN E 172 -10.18 13.99 -15.56
CA ASN E 172 -11.28 14.87 -15.20
C ASN E 172 -11.84 14.58 -13.80
N THR E 173 -12.07 13.31 -13.47
CA THR E 173 -12.57 12.92 -12.17
C THR E 173 -11.51 13.20 -11.10
N PRO E 174 -11.91 13.61 -9.90
CA PRO E 174 -10.93 13.81 -8.82
C PRO E 174 -10.38 12.52 -8.25
N ALA E 175 -10.90 11.36 -8.65
CA ALA E 175 -10.33 10.08 -8.28
C ALA E 175 -9.47 9.47 -9.38
N LYS E 176 -9.41 10.11 -10.55
CA LYS E 176 -8.53 9.70 -11.63
C LYS E 176 -7.18 10.39 -11.57
N LEU E 177 -7.01 11.36 -10.67
CA LEU E 177 -5.77 12.12 -10.53
C LEU E 177 -4.92 11.67 -9.36
N GLY E 178 -5.55 11.28 -8.25
CA GLY E 178 -4.81 10.74 -7.12
C GLY E 178 -4.09 9.45 -7.44
N GLU E 179 -4.66 8.62 -8.31
CA GLU E 179 -3.97 7.40 -8.73
C GLU E 179 -2.67 7.71 -9.46
N ALA E 180 -2.70 8.68 -10.38
CA ALA E 180 -1.48 9.10 -11.06
C ALA E 180 -0.48 9.76 -10.13
N ILE E 181 -0.96 10.60 -9.20
CA ILE E 181 -0.07 11.25 -8.26
C ILE E 181 0.64 10.22 -7.39
N ILE E 182 -0.09 9.21 -6.91
CA ILE E 182 0.53 8.14 -6.14
C ILE E 182 1.47 7.31 -7.00
N GLY E 183 1.12 7.07 -8.27
CA GLY E 183 1.98 6.29 -9.13
C GLY E 183 3.32 6.95 -9.39
N GLN E 184 3.34 8.28 -9.48
CA GLN E 184 4.57 9.00 -9.77
C GLN E 184 5.41 9.31 -8.55
N LEU E 185 4.99 8.91 -7.35
CA LEU E 185 5.79 9.08 -6.14
C LEU E 185 6.65 7.87 -5.85
N THR E 186 6.60 6.83 -6.68
CA THR E 186 7.53 5.71 -6.60
C THR E 186 8.63 5.77 -7.64
N ILE E 187 8.47 6.61 -8.67
CA ILE E 187 9.53 6.89 -9.62
C ILE E 187 10.40 8.06 -9.17
N ALA E 188 9.84 8.99 -8.41
CA ALA E 188 10.60 10.07 -7.81
C ALA E 188 11.36 9.63 -6.57
N ARG E 189 11.07 8.44 -6.05
CA ARG E 189 11.80 7.85 -4.96
C ARG E 189 13.07 7.14 -5.41
N ALA E 190 13.11 6.70 -6.66
CA ALA E 190 14.27 6.02 -7.24
C ALA E 190 15.22 6.96 -7.94
N LYS E 191 14.87 8.25 -8.06
CA LYS E 191 15.77 9.25 -8.61
C LYS E 191 16.63 9.91 -7.56
N LEU E 192 16.18 9.96 -6.32
CA LEU E 192 16.99 10.48 -5.22
C LEU E 192 17.93 9.45 -4.65
N THR E 193 17.81 8.18 -5.02
CA THR E 193 18.70 7.13 -4.56
C THR E 193 19.85 6.87 -5.52
N SER E 194 19.64 7.07 -6.83
CA SER E 194 20.73 6.98 -7.79
C SER E 194 21.76 8.08 -7.62
N ASN E 195 21.46 9.12 -6.85
CA ASN E 195 22.38 10.23 -6.61
C ASN E 195 22.95 10.25 -5.21
N TYR E 196 22.72 9.19 -4.42
CA TYR E 196 23.27 9.00 -3.08
C TYR E 196 22.71 9.96 -2.05
N VAL E 197 21.51 10.47 -2.23
CA VAL E 197 20.89 11.38 -1.27
C VAL E 197 20.45 10.58 -0.03
N PRO E 198 20.76 11.05 1.18
CA PRO E 198 20.36 10.30 2.38
C PRO E 198 18.85 10.19 2.50
N ALA E 199 18.40 9.09 3.12
CA ALA E 199 16.97 8.81 3.28
C ALA E 199 16.55 9.17 4.70
N GLY E 200 16.68 10.44 5.07
CA GLY E 200 16.28 10.83 6.40
C GLY E 200 15.34 12.02 6.55
N ASP E 201 15.28 12.91 5.54
CA ASP E 201 14.47 14.13 5.62
C ASP E 201 13.99 14.50 4.22
N ARG E 202 12.79 14.05 3.86
CA ARG E 202 12.21 14.29 2.54
C ARG E 202 10.80 14.83 2.71
N TYR E 203 10.43 15.81 1.89
CA TYR E 203 9.16 16.52 2.03
C TYR E 203 8.49 16.70 0.68
N PHE E 204 7.17 16.81 0.70
CA PHE E 204 6.35 17.03 -0.48
C PHE E 204 5.34 18.14 -0.17
N TYR E 205 5.25 19.14 -1.05
CA TYR E 205 4.43 20.32 -0.84
C TYR E 205 3.35 20.40 -1.91
N THR E 206 2.10 20.64 -1.49
CA THR E 206 0.99 20.73 -2.43
C THR E 206 -0.13 21.57 -1.82
N THR E 207 -1.06 21.99 -2.68
CA THR E 207 -2.18 22.82 -2.27
C THR E 207 -3.28 21.99 -1.61
N PRO E 208 -4.16 22.62 -0.82
CA PRO E 208 -5.25 21.86 -0.19
C PRO E 208 -6.26 21.28 -1.17
N ASP E 209 -6.26 21.72 -2.42
CA ASP E 209 -7.14 21.18 -3.45
C ASP E 209 -6.66 19.84 -4.00
N ASN E 210 -5.35 19.63 -4.13
CA ASN E 210 -4.79 18.37 -4.59
C ASN E 210 -4.51 17.40 -3.44
N TYR E 211 -4.61 17.87 -2.20
CA TYR E 211 -4.52 17.01 -1.03
C TYR E 211 -5.78 16.18 -0.82
N SER E 212 -6.91 16.63 -1.37
CA SER E 212 -8.17 15.90 -1.29
C SER E 212 -8.43 15.04 -2.51
N ALA E 213 -7.49 15.00 -3.47
CA ALA E 213 -7.57 14.08 -4.59
C ALA E 213 -6.81 12.79 -4.34
N ILE E 214 -5.96 12.74 -3.32
CA ILE E 214 -5.33 11.51 -2.85
C ILE E 214 -6.14 10.82 -1.79
N LEU E 215 -7.00 11.55 -1.08
CA LEU E 215 -7.92 10.96 -0.12
C LEU E 215 -9.15 10.34 -0.79
N ALA E 216 -9.39 10.64 -2.06
CA ALA E 216 -10.50 10.07 -2.80
C ALA E 216 -10.14 8.81 -3.57
N ALA E 217 -8.85 8.53 -3.73
CA ALA E 217 -8.40 7.32 -4.42
C ALA E 217 -8.08 6.17 -3.48
N LEU E 218 -8.31 6.34 -2.19
CA LEU E 218 -8.05 5.31 -1.19
C LEU E 218 -9.31 5.00 -0.37
N MET E 219 -10.47 5.30 -0.93
CA MET E 219 -11.77 5.09 -0.32
C MET E 219 -12.41 3.80 -0.82
N PRO E 220 -13.38 3.23 -0.07
CA PRO E 220 -13.89 1.90 -0.42
C PRO E 220 -14.44 1.75 -1.83
N ASN E 221 -14.66 2.85 -2.55
CA ASN E 221 -15.18 2.78 -3.90
C ASN E 221 -14.09 2.73 -4.96
N ALA E 222 -12.81 2.79 -4.55
CA ALA E 222 -11.72 2.80 -5.52
C ALA E 222 -10.56 1.85 -5.21
N ALA E 223 -10.36 1.45 -3.96
CA ALA E 223 -9.22 0.62 -3.59
C ALA E 223 -9.68 -0.76 -3.15
N ASN E 224 -8.77 -1.72 -3.20
CA ASN E 224 -9.08 -3.10 -2.86
C ASN E 224 -8.88 -3.42 -1.38
N TYR E 225 -8.02 -2.69 -0.67
CA TYR E 225 -7.85 -2.90 0.76
C TYR E 225 -7.35 -1.61 1.40
N ALA E 226 -7.43 -1.56 2.72
CA ALA E 226 -7.20 -0.34 3.48
C ALA E 226 -5.71 -0.10 3.70
N ALA E 227 -5.28 1.14 3.49
CA ALA E 227 -3.88 1.51 3.70
C ALA E 227 -3.77 3.01 3.89
N LEU E 228 -2.86 3.41 4.79
CA LEU E 228 -2.38 4.79 4.93
C LEU E 228 -3.37 5.73 5.62
N ILE E 229 -4.45 6.08 4.94
CA ILE E 229 -5.33 7.16 5.37
C ILE E 229 -6.16 6.79 6.59
N ASP E 230 -6.78 7.79 7.20
CA ASP E 230 -7.72 7.62 8.31
C ASP E 230 -9.04 8.25 7.90
N PRO E 231 -10.12 7.47 7.75
CA PRO E 231 -11.36 8.02 7.19
C PRO E 231 -12.15 8.90 8.13
N GLU E 232 -11.94 8.80 9.44
CA GLU E 232 -12.74 9.55 10.40
C GLU E 232 -12.19 10.93 10.73
N THR E 233 -10.94 11.22 10.38
CA THR E 233 -10.35 12.53 10.64
C THR E 233 -9.78 13.20 9.39
N GLY E 234 -9.38 12.44 8.38
CA GLY E 234 -8.83 13.01 7.18
C GLY E 234 -7.33 13.23 7.20
N ASN E 235 -6.56 12.25 7.65
CA ASN E 235 -5.11 12.38 7.75
C ASN E 235 -4.42 11.39 6.83
N ILE E 236 -3.23 11.77 6.37
CA ILE E 236 -2.37 10.93 5.54
C ILE E 236 -1.06 10.73 6.28
N ARG E 237 -0.64 9.47 6.39
CA ARG E 237 0.66 9.18 6.98
C ARG E 237 1.75 9.31 5.92
N ASN E 238 2.97 8.87 6.25
CA ASN E 238 4.07 8.96 5.31
C ASN E 238 3.80 8.07 4.10
N VAL E 239 4.27 8.52 2.94
CA VAL E 239 4.10 7.79 1.67
C VAL E 239 5.48 7.62 1.07
N MET E 240 6.07 6.43 1.25
CA MET E 240 7.39 6.09 0.74
C MET E 240 8.49 7.00 1.28
N GLY E 241 8.48 7.26 2.58
CA GLY E 241 9.50 8.05 3.22
C GLY E 241 9.28 9.55 3.16
N PHE E 242 8.34 10.01 2.34
CA PHE E 242 8.01 11.42 2.23
C PHE E 242 7.11 11.85 3.38
N VAL E 243 7.04 13.16 3.59
CA VAL E 243 6.11 13.77 4.54
C VAL E 243 5.25 14.76 3.76
N VAL E 244 3.94 14.64 3.89
CA VAL E 244 3.01 15.42 3.07
C VAL E 244 2.60 16.68 3.84
N VAL E 245 2.72 17.83 3.18
CA VAL E 245 2.41 19.12 3.78
C VAL E 245 1.50 19.89 2.83
N GLU E 246 0.45 20.50 3.36
CA GLU E 246 -0.47 21.32 2.58
C GLU E 246 -0.28 22.79 2.94
N VAL E 247 -0.21 23.64 1.91
CA VAL E 247 0.14 25.05 2.07
C VAL E 247 -0.90 25.90 1.34
N PRO E 248 -1.72 26.68 2.04
CA PRO E 248 -2.70 27.53 1.36
C PRO E 248 -2.09 28.61 0.47
N HIS E 249 -0.85 29.04 0.73
CA HIS E 249 -0.19 30.09 -0.04
C HIS E 249 1.05 29.50 -0.69
N LEU E 250 0.87 28.92 -1.88
CA LEU E 250 1.96 28.24 -2.57
C LEU E 250 2.52 29.04 -3.74
N VAL E 251 1.66 29.66 -4.55
CA VAL E 251 2.09 30.34 -5.76
C VAL E 251 2.13 31.86 -5.55
N GLN E 252 2.21 32.29 -4.29
CA GLN E 252 2.39 33.68 -3.94
C GLN E 252 3.87 33.96 -3.68
N GLY E 253 4.34 35.09 -4.19
CA GLY E 253 5.75 35.42 -4.11
C GLY E 253 6.14 36.20 -2.88
N GLY E 254 7.15 37.06 -3.02
CA GLY E 254 7.62 37.89 -1.92
C GLY E 254 6.91 39.23 -1.86
N ALA E 255 7.52 40.16 -1.12
CA ALA E 255 6.93 41.46 -0.88
C ALA E 255 7.24 42.41 -2.04
N GLY E 256 6.63 43.59 -2.00
CA GLY E 256 6.80 44.58 -3.05
C GLY E 256 7.27 45.93 -2.55
N GLY E 257 6.96 46.99 -3.29
CA GLY E 257 7.42 48.32 -2.92
C GLY E 257 6.32 49.32 -2.61
N THR E 258 5.07 49.00 -2.95
CA THR E 258 3.95 49.91 -2.77
C THR E 258 2.69 49.11 -2.43
N ARG E 259 1.84 49.69 -1.58
CA ARG E 259 0.56 49.10 -1.23
C ARG E 259 -0.48 49.40 -2.30
N GLY E 260 -1.58 48.65 -2.24
CA GLY E 260 -2.70 48.87 -3.12
C GLY E 260 -3.79 49.72 -2.46
N ALA E 261 -4.94 49.83 -3.12
CA ALA E 261 -6.04 50.59 -2.48
C ALA E 261 -6.49 49.84 -1.22
N ASP E 262 -6.64 48.53 -1.32
CA ASP E 262 -7.12 47.72 -0.18
C ASP E 262 -6.04 47.68 0.89
N GLY E 263 -4.82 48.09 0.55
CA GLY E 263 -3.72 47.97 1.50
C GLY E 263 -3.38 46.52 1.76
N ALA E 267 1.29 46.88 -6.01
CA ALA E 267 1.21 47.75 -7.19
C ALA E 267 2.56 48.14 -7.78
N SER E 268 3.67 47.58 -7.31
CA SER E 268 4.99 47.94 -7.84
C SER E 268 5.89 46.72 -7.94
N GLY E 269 7.19 46.95 -8.12
CA GLY E 269 8.14 45.88 -8.35
C GLY E 269 8.19 44.83 -7.25
N GLN E 270 8.01 43.58 -7.65
CA GLN E 270 7.99 42.45 -6.72
C GLN E 270 9.32 41.72 -6.78
N LYS E 271 9.74 41.18 -5.63
CA LYS E 271 10.96 40.38 -5.55
C LYS E 271 10.60 38.93 -5.31
N HIS E 272 11.34 38.03 -5.96
CA HIS E 272 11.11 36.59 -5.88
C HIS E 272 9.70 36.24 -6.36
N ALA E 273 9.44 36.54 -7.63
CA ALA E 273 8.14 36.26 -8.23
C ALA E 273 8.12 34.85 -8.81
N PHE E 274 7.03 34.14 -8.54
CA PHE E 274 6.89 32.78 -9.05
C PHE E 274 6.66 32.85 -10.56
N PRO E 275 7.36 32.05 -11.35
CA PRO E 275 7.28 32.19 -12.81
C PRO E 275 5.85 32.01 -13.32
N ALA E 276 5.52 32.76 -14.38
CA ALA E 276 4.14 32.86 -14.81
C ALA E 276 3.75 31.88 -15.91
N THR E 277 4.43 31.95 -17.06
CA THR E 277 4.01 31.20 -18.24
C THR E 277 5.09 30.23 -18.69
N ALA E 278 4.69 29.00 -19.00
CA ALA E 278 5.59 27.95 -19.46
C ALA E 278 5.98 28.19 -20.92
N ALA E 279 7.24 27.92 -21.23
CA ALA E 279 7.78 28.17 -22.56
C ALA E 279 8.87 27.15 -22.89
N GLY E 280 9.68 27.44 -23.90
CA GLY E 280 10.73 26.53 -24.30
C GLY E 280 11.79 26.27 -23.25
N ALA E 281 12.29 27.33 -22.63
CA ALA E 281 13.32 27.23 -21.61
C ALA E 281 12.76 27.17 -20.19
N VAL E 282 11.44 27.28 -20.03
CA VAL E 282 10.80 27.30 -18.73
C VAL E 282 9.98 26.02 -18.58
N LYS E 283 10.25 25.27 -17.51
CA LYS E 283 9.57 24.00 -17.26
C LYS E 283 8.46 24.11 -16.23
N VAL E 284 8.65 24.90 -15.18
CA VAL E 284 7.68 25.03 -14.10
C VAL E 284 7.07 26.42 -14.15
N ALA E 285 5.74 26.51 -14.11
CA ALA E 285 5.04 27.78 -14.12
C ALA E 285 3.77 27.64 -13.29
N MET E 286 3.00 28.73 -13.25
CA MET E 286 1.74 28.73 -12.48
C MET E 286 0.68 27.84 -13.09
N ASP E 287 0.70 27.65 -14.41
CA ASP E 287 -0.31 26.86 -15.10
C ASP E 287 0.09 25.41 -15.29
N ASN E 288 1.13 24.95 -14.59
CA ASN E 288 1.59 23.57 -14.70
C ASN E 288 1.78 22.87 -13.37
N VAL E 289 2.09 23.57 -12.28
CA VAL E 289 2.63 22.91 -11.10
C VAL E 289 1.55 22.07 -10.41
N VAL E 290 1.99 20.94 -9.84
CA VAL E 290 1.11 20.08 -9.05
C VAL E 290 1.74 19.89 -7.67
N GLY E 291 3.06 19.98 -7.60
CA GLY E 291 3.74 19.82 -6.32
C GLY E 291 5.24 19.94 -6.49
N LEU E 292 5.94 19.94 -5.35
CA LEU E 292 7.39 20.07 -5.29
C LEU E 292 7.91 19.16 -4.20
N PHE E 293 9.04 18.48 -4.48
CA PHE E 293 9.66 17.59 -3.51
C PHE E 293 11.16 17.82 -3.45
N SER E 294 11.74 17.58 -2.28
CA SER E 294 13.16 17.87 -2.07
C SER E 294 13.72 17.29 -0.78
N HIS E 295 15.03 17.45 -0.59
CA HIS E 295 15.76 17.12 0.63
C HIS E 295 16.16 18.43 1.29
N ARG E 296 16.38 18.40 2.60
CA ARG E 296 16.63 19.65 3.33
C ARG E 296 18.08 20.09 3.21
N SER E 297 18.61 20.16 2.00
CA SER E 297 19.96 20.65 1.78
C SER E 297 20.04 21.44 0.47
N ALA E 298 18.90 21.74 -0.14
CA ALA E 298 18.86 22.36 -1.45
C ALA E 298 18.63 23.87 -1.41
N VAL E 299 18.14 24.42 -0.30
CA VAL E 299 17.81 25.83 -0.18
C VAL E 299 18.32 26.34 1.16
N GLY E 300 18.82 27.58 1.16
CA GLY E 300 19.41 28.15 2.36
C GLY E 300 18.96 29.57 2.59
N THR E 301 19.33 30.11 3.76
CA THR E 301 18.97 31.45 4.19
C THR E 301 20.12 32.06 4.98
N VAL E 302 20.33 33.37 4.80
CA VAL E 302 21.38 34.11 5.49
C VAL E 302 20.72 35.29 6.20
N LYS E 303 21.08 35.49 7.47
CA LYS E 303 20.51 36.56 8.28
C LYS E 303 21.60 37.58 8.63
N LEU E 304 21.31 38.85 8.40
CA LEU E 304 22.16 39.93 8.88
C LEU E 304 21.62 40.55 10.16
N ARG E 305 20.33 40.89 10.17
CA ARG E 305 19.65 41.37 11.37
C ARG E 305 18.35 40.59 11.53
N ASP E 306 17.90 40.47 12.77
CA ASP E 306 16.74 39.66 13.11
C ASP E 306 15.58 40.54 13.56
N LEU E 307 14.43 39.91 13.79
CA LEU E 307 13.20 40.64 14.08
C LEU E 307 13.29 41.39 15.40
N ALA E 308 12.70 42.59 15.44
CA ALA E 308 12.69 43.42 16.63
C ALA E 308 11.54 44.41 16.54
N LEU E 309 11.09 44.87 17.71
CA LEU E 309 10.02 45.85 17.82
C LEU E 309 10.53 47.10 18.53
N GLU E 310 9.89 48.23 18.25
CA GLU E 310 10.30 49.51 18.79
C GLU E 310 9.08 50.37 19.09
N ARG E 311 9.24 51.31 20.03
CA ARG E 311 8.18 52.23 20.41
C ARG E 311 8.72 53.65 20.47
N ASP E 312 7.84 54.61 20.22
CA ASP E 312 8.22 56.01 20.16
C ASP E 312 7.03 56.87 20.57
N ARG E 313 7.32 58.07 21.06
CA ARG E 313 6.29 59.00 21.53
C ARG E 313 6.43 60.32 20.78
N ASP E 314 5.33 60.79 20.21
CA ASP E 314 5.30 62.03 19.45
C ASP E 314 4.57 63.11 20.24
N VAL E 315 5.20 64.27 20.39
CA VAL E 315 4.65 65.37 21.17
C VAL E 315 4.05 66.46 20.30
N ASP E 316 4.55 66.65 19.08
CA ASP E 316 3.99 67.64 18.17
C ASP E 316 2.63 67.25 17.62
N ALA E 317 2.29 65.97 17.64
CA ALA E 317 0.99 65.50 17.17
C ALA E 317 0.25 64.63 18.18
N GLN E 318 0.80 64.43 19.37
CA GLN E 318 0.11 63.72 20.45
C GLN E 318 -0.26 62.29 20.07
N GLY E 319 0.74 61.45 19.79
CA GLY E 319 0.46 60.08 19.39
C GLY E 319 1.60 59.15 19.71
N ASP E 320 1.44 57.90 19.27
CA ASP E 320 2.39 56.82 19.51
C ASP E 320 2.63 56.04 18.22
N LEU E 321 3.78 55.40 18.13
CA LEU E 321 4.21 54.69 16.93
C LEU E 321 4.85 53.34 17.30
N ILE E 322 4.64 52.34 16.45
CA ILE E 322 5.19 51.00 16.63
C ILE E 322 5.72 50.51 15.29
N VAL E 323 6.93 49.92 15.28
CA VAL E 323 7.59 49.50 14.06
C VAL E 323 8.19 48.10 14.25
N GLY E 324 8.34 47.38 13.14
CA GLY E 324 9.08 46.13 13.13
C GLY E 324 9.82 45.94 11.82
N LYS E 325 10.96 45.22 11.88
CA LYS E 325 11.84 45.16 10.71
C LYS E 325 12.83 43.99 10.84
N TYR E 326 13.40 43.60 9.69
CA TYR E 326 14.52 42.66 9.62
C TYR E 326 15.16 42.73 8.24
N ALA E 327 16.23 41.95 8.05
CA ALA E 327 16.97 41.88 6.78
C ALA E 327 17.45 40.45 6.55
N MET E 328 17.23 39.93 5.34
CA MET E 328 17.50 38.52 5.05
C MET E 328 17.88 38.36 3.58
N GLY E 329 18.16 37.12 3.20
CA GLY E 329 18.43 36.77 1.80
C GLY E 329 18.21 35.29 1.57
N HIS E 330 17.87 34.94 0.33
CA HIS E 330 17.46 33.57 -0.02
C HIS E 330 18.15 33.11 -1.30
N GLY E 331 18.30 31.79 -1.43
CA GLY E 331 18.90 31.22 -2.62
C GLY E 331 18.94 29.71 -2.53
N GLY E 332 19.34 29.08 -3.65
CA GLY E 332 19.39 27.64 -3.77
C GLY E 332 20.80 27.12 -3.96
N LEU E 333 21.06 25.92 -3.45
CA LEU E 333 22.43 25.41 -3.36
C LEU E 333 22.72 24.17 -4.21
N ARG E 334 21.99 23.08 -4.00
CA ARG E 334 22.32 21.81 -4.66
C ARG E 334 21.25 21.47 -5.70
N PRO E 335 21.60 21.40 -6.99
CA PRO E 335 20.60 21.04 -8.00
C PRO E 335 20.18 19.58 -7.98
N GLU E 336 20.94 18.69 -7.35
CA GLU E 336 20.69 17.26 -7.43
C GLU E 336 19.79 16.73 -6.32
N ALA E 337 19.10 17.62 -5.60
CA ALA E 337 18.16 17.22 -4.56
C ALA E 337 16.84 17.96 -4.70
N ALA E 338 16.30 18.00 -5.93
CA ALA E 338 15.08 18.75 -6.20
C ALA E 338 14.30 18.08 -7.32
N GLY E 339 13.02 18.43 -7.42
CA GLY E 339 12.17 17.87 -8.45
C GLY E 339 10.81 18.54 -8.45
N ALA E 340 9.97 18.11 -9.39
CA ALA E 340 8.63 18.67 -9.54
C ALA E 340 7.74 17.71 -10.32
N LEU E 341 6.44 17.88 -10.15
CA LEU E 341 5.41 17.17 -10.92
C LEU E 341 4.57 18.19 -11.65
N VAL E 342 4.35 17.98 -12.95
CA VAL E 342 3.66 18.94 -13.80
C VAL E 342 2.65 18.21 -14.69
N PHE E 343 1.84 19.00 -15.40
CA PHE E 343 0.90 18.48 -16.38
C PHE E 343 1.58 18.34 -17.73
N SER E 344 1.18 17.31 -18.47
CA SER E 344 1.71 17.08 -19.80
C SER E 344 1.20 18.13 -20.77
N PRO E 345 1.98 18.50 -21.78
CA PRO E 345 1.56 19.54 -22.72
C PRO E 345 0.27 19.16 -23.43
N ALA E 346 -0.55 20.17 -23.70
CA ALA E 346 -1.83 19.96 -24.38
C ALA E 346 -1.61 19.58 -25.84
N ALA F 2 59.06 3.12 -15.80
CA ALA F 2 60.19 2.31 -15.34
C ALA F 2 61.51 3.01 -15.62
N ASN F 3 61.94 3.86 -14.69
CA ASN F 3 63.21 4.57 -14.88
C ASN F 3 64.04 4.66 -13.61
N VAL F 4 63.77 3.83 -12.60
CA VAL F 4 64.56 3.82 -11.37
C VAL F 4 65.14 2.42 -11.19
N PRO F 5 66.45 2.23 -11.38
CA PRO F 5 67.04 0.90 -11.21
C PRO F 5 67.02 0.45 -9.76
N GLY F 6 66.97 -0.87 -9.57
CA GLY F 6 66.93 -1.42 -8.23
C GLY F 6 67.13 -2.92 -8.25
N GLN F 7 66.87 -3.53 -7.10
CA GLN F 7 67.05 -4.96 -6.94
C GLN F 7 66.01 -5.74 -7.75
N LYS F 8 66.38 -6.94 -8.16
CA LYS F 8 65.49 -7.81 -8.93
C LYS F 8 65.32 -9.16 -8.26
N VAL F 9 65.06 -9.17 -6.95
CA VAL F 9 64.72 -10.41 -6.29
C VAL F 9 63.45 -10.99 -6.91
N GLY F 10 63.48 -12.28 -7.23
CA GLY F 10 62.38 -12.87 -7.96
C GLY F 10 62.79 -13.34 -9.34
N THR F 11 63.79 -12.67 -9.91
CA THR F 11 64.32 -13.07 -11.21
C THR F 11 65.57 -13.94 -11.03
N ASP F 12 65.68 -14.98 -11.86
CA ASP F 12 66.79 -15.91 -11.79
C ASP F 12 67.92 -15.43 -12.70
N GLN F 13 69.03 -15.00 -12.11
CA GLN F 13 70.20 -14.54 -12.84
C GLN F 13 71.38 -15.41 -12.43
N GLY F 14 71.54 -16.55 -13.11
CA GLY F 14 72.67 -17.42 -12.91
C GLY F 14 73.65 -17.28 -14.06
N LYS F 15 74.74 -18.04 -13.99
CA LYS F 15 75.75 -18.01 -15.03
C LYS F 15 75.21 -18.66 -16.30
N GLY F 16 75.18 -17.89 -17.38
CA GLY F 16 74.70 -18.39 -18.66
C GLY F 16 73.24 -18.77 -18.69
N LYS F 17 72.38 -17.91 -18.15
CA LYS F 17 70.94 -18.15 -18.17
C LYS F 17 70.21 -16.85 -18.44
N SER F 18 69.08 -16.94 -19.13
CA SER F 18 68.25 -15.77 -19.43
C SER F 18 67.19 -15.58 -18.36
N GLY F 19 66.82 -14.32 -18.14
CA GLY F 19 65.87 -13.99 -17.08
C GLY F 19 64.42 -14.24 -17.45
N SER F 20 63.93 -13.52 -18.46
CA SER F 20 62.55 -13.65 -18.93
C SER F 20 61.54 -13.44 -17.81
N ASP F 21 61.08 -14.54 -17.22
CA ASP F 21 60.06 -14.47 -16.17
C ASP F 21 60.56 -13.68 -14.97
N ALA F 22 59.71 -12.81 -14.43
CA ALA F 22 60.05 -11.94 -13.33
C ALA F 22 59.43 -12.38 -12.00
N LEU F 23 58.87 -13.59 -11.93
CA LEU F 23 58.34 -14.13 -10.69
C LEU F 23 58.73 -15.60 -10.54
N ALA F 24 59.94 -15.93 -10.99
CA ALA F 24 60.35 -17.34 -11.07
C ALA F 24 60.86 -17.90 -9.75
N LEU F 25 61.18 -17.06 -8.77
CA LEU F 25 61.72 -17.54 -7.50
C LEU F 25 60.72 -17.47 -6.35
N PHE F 26 59.45 -17.23 -6.65
CA PHE F 26 58.41 -17.20 -5.62
C PHE F 26 57.64 -18.52 -5.61
N LEU F 27 56.96 -18.77 -4.48
CA LEU F 27 56.32 -20.05 -4.22
C LEU F 27 54.81 -19.91 -4.17
N LYS F 28 54.12 -20.89 -4.74
CA LYS F 28 52.67 -21.01 -4.60
C LYS F 28 52.33 -21.81 -3.35
N VAL F 29 51.33 -21.34 -2.60
CA VAL F 29 51.02 -21.86 -1.28
C VAL F 29 49.64 -22.51 -1.29
N PHE F 30 49.28 -23.08 -0.14
CA PHE F 30 48.03 -23.81 0.04
C PHE F 30 47.06 -22.96 0.85
N ALA F 31 45.85 -22.78 0.31
CA ALA F 31 44.84 -21.91 0.94
C ALA F 31 44.44 -22.43 2.32
N GLY F 32 43.85 -23.62 2.38
CA GLY F 32 43.47 -24.20 3.65
C GLY F 32 42.05 -24.74 3.69
N GLU F 33 41.40 -24.81 2.52
CA GLU F 33 40.02 -25.27 2.44
C GLU F 33 39.89 -26.21 1.24
N VAL F 34 39.10 -27.27 1.42
CA VAL F 34 38.86 -28.27 0.40
C VAL F 34 37.41 -28.18 -0.07
N LEU F 35 37.20 -28.23 -1.38
CA LEU F 35 35.87 -28.11 -1.98
C LEU F 35 35.35 -29.51 -2.30
N THR F 36 34.50 -30.02 -1.43
CA THR F 36 33.87 -31.32 -1.66
C THR F 36 32.46 -31.13 -2.22
N ALA F 37 31.96 -32.18 -2.87
CA ALA F 37 30.66 -32.13 -3.53
C ALA F 37 29.53 -32.06 -2.51
N PHE F 38 28.39 -31.53 -2.95
CA PHE F 38 27.21 -31.38 -2.10
C PHE F 38 26.55 -32.74 -1.86
N THR F 39 25.96 -32.89 -0.68
CA THR F 39 25.37 -34.17 -0.29
C THR F 39 24.01 -34.38 -0.95
N ARG F 40 23.56 -35.64 -0.93
CA ARG F 40 22.30 -36.05 -1.53
C ARG F 40 21.52 -36.90 -0.54
N ARG F 41 20.19 -36.84 -0.63
CA ARG F 41 19.32 -37.57 0.29
C ARG F 41 18.22 -38.27 -0.47
N SER F 42 17.68 -39.32 0.14
CA SER F 42 16.64 -40.15 -0.44
C SER F 42 15.34 -39.97 0.33
N VAL F 43 14.22 -40.05 -0.39
CA VAL F 43 12.91 -39.73 0.16
C VAL F 43 12.02 -40.97 0.28
N THR F 44 12.06 -41.86 -0.72
CA THR F 44 11.19 -43.03 -0.74
C THR F 44 11.83 -44.15 0.07
N ALA F 45 11.62 -44.13 1.38
CA ALA F 45 12.21 -45.17 2.23
C ALA F 45 11.20 -45.73 3.23
N ASP F 46 10.15 -44.96 3.53
CA ASP F 46 9.13 -45.37 4.48
C ASP F 46 7.72 -45.04 4.01
N LYS F 47 7.48 -45.13 2.71
CA LYS F 47 6.18 -44.83 2.11
C LYS F 47 5.70 -45.99 1.25
N HIS F 48 6.12 -47.21 1.60
CA HIS F 48 5.67 -48.41 0.88
C HIS F 48 5.91 -49.61 1.79
N ILE F 49 5.72 -50.82 1.24
CA ILE F 49 5.77 -52.06 2.00
C ILE F 49 7.17 -52.65 1.91
N VAL F 50 7.68 -53.12 3.05
CA VAL F 50 9.01 -53.72 3.14
C VAL F 50 8.88 -55.06 3.85
N ARG F 51 9.40 -56.12 3.22
CA ARG F 51 9.38 -57.47 3.76
C ARG F 51 10.71 -58.15 3.53
N THR F 52 11.02 -59.13 4.37
CA THR F 52 12.30 -59.83 4.35
C THR F 52 12.09 -61.34 4.28
N ILE F 53 13.05 -62.04 3.69
CA ILE F 53 13.02 -63.49 3.57
C ILE F 53 14.38 -64.05 3.96
N GLN F 54 14.44 -65.38 4.10
CA GLN F 54 15.66 -66.07 4.48
C GLN F 54 16.28 -66.88 3.35
N ASN F 55 15.47 -67.56 2.55
CA ASN F 55 15.97 -68.38 1.45
C ASN F 55 15.11 -68.14 0.22
N GLY F 56 15.60 -68.59 -0.92
CA GLY F 56 14.81 -68.66 -2.13
C GLY F 56 15.19 -67.58 -3.12
N LYS F 57 14.47 -67.59 -4.24
CA LYS F 57 14.71 -66.66 -5.33
C LYS F 57 13.50 -65.82 -5.71
N SER F 58 12.37 -65.94 -5.01
CA SER F 58 11.17 -65.20 -5.37
C SER F 58 10.24 -65.12 -4.16
N ALA F 59 9.05 -64.57 -4.38
CA ALA F 59 8.01 -64.50 -3.38
C ALA F 59 6.66 -64.48 -4.09
N GLN F 60 5.59 -64.79 -3.34
CA GLN F 60 4.26 -64.90 -3.91
C GLN F 60 3.24 -64.16 -3.06
N PHE F 61 2.30 -63.49 -3.73
CA PHE F 61 1.17 -62.83 -3.08
C PHE F 61 -0.13 -63.28 -3.75
N PRO F 62 -1.07 -63.88 -3.02
CA PRO F 62 -2.37 -64.22 -3.62
C PRO F 62 -3.44 -63.16 -3.42
N VAL F 63 -4.40 -63.13 -4.35
CA VAL F 63 -5.47 -62.12 -4.35
C VAL F 63 -6.82 -62.82 -4.59
N MET F 64 -7.89 -62.23 -4.09
CA MET F 64 -9.24 -62.77 -4.27
C MET F 64 -10.31 -61.78 -3.84
N GLY F 65 -11.46 -61.80 -4.52
CA GLY F 65 -12.64 -61.07 -4.08
C GLY F 65 -13.78 -61.01 -5.09
N ARG F 66 -15.01 -61.29 -4.62
CA ARG F 66 -16.22 -61.35 -5.47
C ARG F 66 -17.51 -61.38 -4.64
N THR F 67 -18.63 -61.73 -5.29
CA THR F 67 -19.92 -62.24 -4.77
C THR F 67 -21.13 -61.36 -5.10
N SER F 68 -22.31 -61.95 -5.12
CA SER F 68 -23.56 -61.29 -5.49
C SER F 68 -24.71 -61.99 -4.74
N GLY F 69 -25.94 -61.76 -5.20
CA GLY F 69 -27.11 -62.38 -4.59
C GLY F 69 -28.26 -62.48 -5.57
N VAL F 70 -29.18 -63.41 -5.31
CA VAL F 70 -30.32 -63.68 -6.19
C VAL F 70 -31.56 -63.98 -5.34
N TYR F 71 -32.70 -64.14 -6.02
CA TYR F 71 -33.98 -64.43 -5.40
C TYR F 71 -34.33 -65.90 -5.61
N LEU F 72 -34.78 -66.57 -4.55
CA LEU F 72 -35.08 -67.99 -4.57
C LEU F 72 -36.58 -68.20 -4.42
N ALA F 73 -37.21 -68.78 -5.45
CA ALA F 73 -38.62 -69.13 -5.41
C ALA F 73 -38.81 -70.34 -4.51
N PRO F 74 -40.04 -70.58 -4.00
CA PRO F 74 -40.27 -71.78 -3.19
C PRO F 74 -40.56 -73.00 -4.06
N GLY F 75 -39.65 -73.97 -4.00
CA GLY F 75 -39.71 -75.13 -4.88
C GLY F 75 -38.57 -75.17 -5.87
N GLU F 76 -37.42 -74.64 -5.48
CA GLU F 76 -36.24 -74.60 -6.33
C GLU F 76 -35.02 -75.04 -5.53
N ARG F 77 -33.94 -75.32 -6.24
CA ARG F 77 -32.72 -75.86 -5.65
C ARG F 77 -31.61 -74.82 -5.67
N LEU F 78 -30.85 -74.75 -4.58
CA LEU F 78 -29.73 -73.83 -4.49
C LEU F 78 -28.46 -74.45 -5.04
N SER F 79 -28.54 -75.09 -6.20
CA SER F 79 -27.34 -75.65 -6.82
C SER F 79 -27.41 -75.46 -8.34
N ASP F 80 -28.46 -74.80 -8.81
CA ASP F 80 -28.63 -74.53 -10.23
C ASP F 80 -28.36 -73.06 -10.55
N LYS F 81 -27.90 -72.28 -9.56
CA LYS F 81 -27.70 -70.85 -9.71
C LYS F 81 -26.39 -70.40 -9.08
N ARG F 82 -25.41 -71.30 -8.98
CA ARG F 82 -24.21 -71.07 -8.20
C ARG F 82 -23.01 -70.72 -9.08
N LYS F 83 -22.18 -69.79 -8.60
CA LYS F 83 -20.91 -69.46 -9.22
C LYS F 83 -19.82 -69.50 -8.14
N GLY F 84 -18.62 -69.02 -8.46
CA GLY F 84 -17.53 -69.07 -7.49
C GLY F 84 -16.65 -67.83 -7.53
N ILE F 85 -15.95 -67.60 -6.42
CA ILE F 85 -15.00 -66.50 -6.31
C ILE F 85 -13.68 -66.89 -6.97
N LYS F 86 -13.00 -65.89 -7.54
CA LYS F 86 -11.81 -66.11 -8.35
C LYS F 86 -10.52 -65.81 -7.57
N HIS F 87 -9.40 -66.31 -8.10
CA HIS F 87 -8.09 -66.19 -7.48
C HIS F 87 -7.04 -65.87 -8.55
N THR F 88 -5.91 -65.30 -8.10
CA THR F 88 -4.76 -64.99 -8.96
C THR F 88 -3.57 -64.75 -8.02
N GLU F 89 -2.37 -64.59 -8.59
CA GLU F 89 -1.16 -64.40 -7.78
C GLU F 89 -0.27 -63.33 -8.41
N LYS F 90 0.70 -62.86 -7.63
CA LYS F 90 1.71 -61.90 -8.05
C LYS F 90 3.08 -62.35 -7.57
N ASN F 91 4.15 -61.93 -8.27
CA ASN F 91 5.49 -62.38 -7.99
C ASN F 91 6.49 -61.22 -7.96
N ILE F 92 7.53 -61.36 -7.15
CA ILE F 92 8.64 -60.42 -7.06
C ILE F 92 9.94 -61.22 -6.99
N THR F 93 10.93 -60.84 -7.81
CA THR F 93 12.15 -61.62 -7.95
C THR F 93 13.38 -60.83 -7.51
N ILE F 94 14.37 -61.56 -6.99
CA ILE F 94 15.67 -61.00 -6.65
C ILE F 94 16.51 -60.90 -7.91
N ASP F 95 17.29 -59.81 -8.04
CA ASP F 95 17.96 -59.52 -9.30
C ASP F 95 19.48 -59.50 -9.23
N GLY F 96 20.09 -59.61 -8.06
CA GLY F 96 21.52 -59.84 -8.02
C GLY F 96 22.20 -59.06 -6.91
N LEU F 97 23.49 -58.84 -7.10
CA LEU F 97 24.37 -58.18 -6.14
C LEU F 97 24.89 -56.87 -6.72
N LEU F 98 24.92 -55.83 -5.88
CA LEU F 98 25.36 -54.50 -6.29
C LEU F 98 26.57 -54.07 -5.45
N THR F 99 27.61 -53.58 -6.11
CA THR F 99 28.89 -53.34 -5.46
C THR F 99 29.54 -52.04 -5.94
N ALA F 100 30.50 -51.55 -5.15
CA ALA F 100 31.31 -50.39 -5.47
C ALA F 100 32.58 -50.42 -4.64
N ASP F 101 33.71 -49.96 -5.23
CA ASP F 101 35.01 -50.11 -4.57
C ASP F 101 35.99 -49.03 -5.03
N VAL F 102 37.06 -48.86 -4.24
CA VAL F 102 38.17 -47.98 -4.58
C VAL F 102 39.48 -48.67 -4.22
N MET F 103 40.57 -48.19 -4.83
CA MET F 103 41.92 -48.72 -4.59
C MET F 103 42.90 -47.55 -4.43
N ILE F 104 43.65 -47.55 -3.34
CA ILE F 104 44.56 -46.47 -3.00
C ILE F 104 45.98 -47.01 -2.88
N PHE F 105 46.93 -46.37 -3.54
CA PHE F 105 48.33 -46.75 -3.46
C PHE F 105 49.00 -46.08 -2.26
N ASP F 106 50.32 -46.19 -2.18
CA ASP F 106 51.04 -45.84 -0.96
C ASP F 106 51.95 -44.63 -1.07
N ILE F 107 52.78 -44.55 -2.12
CA ILE F 107 53.70 -43.41 -2.25
C ILE F 107 52.93 -42.13 -2.56
N GLU F 108 51.91 -42.22 -3.40
CA GLU F 108 51.05 -41.08 -3.71
C GLU F 108 50.29 -40.58 -2.50
N ASP F 109 50.08 -41.42 -1.49
CA ASP F 109 49.51 -41.01 -0.23
C ASP F 109 50.52 -40.33 0.68
N ALA F 110 51.81 -40.42 0.35
CA ALA F 110 52.86 -39.76 1.11
C ALA F 110 53.32 -38.46 0.49
N MET F 111 53.20 -38.30 -0.83
CA MET F 111 53.48 -37.01 -1.47
C MET F 111 52.30 -36.06 -1.46
N ASN F 112 51.33 -36.23 -0.57
CA ASN F 112 50.11 -35.44 -0.58
C ASN F 112 49.98 -34.63 0.70
N HIS F 113 49.33 -33.48 0.60
CA HIS F 113 49.27 -32.51 1.69
C HIS F 113 47.92 -32.41 2.37
N TYR F 114 46.91 -33.14 1.90
CA TYR F 114 45.64 -33.26 2.60
C TYR F 114 45.22 -34.72 2.62
N ASP F 115 44.40 -35.07 3.61
CA ASP F 115 44.05 -36.46 3.88
C ASP F 115 42.73 -36.82 3.23
N VAL F 116 42.75 -37.86 2.39
CA VAL F 116 41.53 -38.36 1.76
C VAL F 116 41.38 -39.86 2.03
N ALA F 117 40.78 -40.20 3.16
CA ALA F 117 40.42 -41.58 3.45
C ALA F 117 39.01 -41.66 4.02
N GLY F 118 38.54 -40.55 4.59
CA GLY F 118 37.22 -40.45 5.17
C GLY F 118 36.16 -39.89 4.26
N GLU F 119 36.54 -39.31 3.13
CA GLU F 119 35.58 -38.85 2.14
C GLU F 119 35.39 -39.87 1.01
N TYR F 120 36.29 -40.83 0.89
CA TYR F 120 36.10 -41.96 -0.02
C TYR F 120 35.10 -42.97 0.53
N SER F 121 34.97 -43.08 1.84
CA SER F 121 34.04 -44.01 2.47
C SER F 121 32.64 -43.43 2.65
N ASN F 122 32.47 -42.13 2.45
CA ASN F 122 31.16 -41.50 2.49
C ASN F 122 30.48 -41.41 1.14
N GLN F 123 31.22 -41.65 0.05
CA GLN F 123 30.65 -41.67 -1.28
C GLN F 123 30.29 -43.07 -1.75
N LEU F 124 30.57 -44.09 -0.95
CA LEU F 124 30.20 -45.46 -1.27
C LEU F 124 28.84 -45.83 -0.68
N GLY F 125 28.53 -45.31 0.51
CA GLY F 125 27.27 -45.61 1.15
C GLY F 125 26.08 -44.83 0.63
N GLU F 126 26.32 -43.74 -0.10
CA GLU F 126 25.24 -42.95 -0.68
C GLU F 126 25.11 -43.10 -2.19
N ALA F 127 26.06 -43.79 -2.82
CA ALA F 127 25.91 -44.15 -4.22
C ALA F 127 25.03 -45.38 -4.42
N LEU F 128 24.80 -46.14 -3.35
CA LEU F 128 23.94 -47.32 -3.38
C LEU F 128 22.52 -47.05 -2.92
N ALA F 129 22.27 -45.92 -2.27
CA ALA F 129 20.93 -45.55 -1.84
C ALA F 129 20.17 -44.76 -2.89
N ILE F 130 20.86 -44.23 -3.90
CA ILE F 130 20.20 -43.55 -5.02
C ILE F 130 19.76 -44.51 -6.10
N ALA F 131 20.34 -45.71 -6.16
CA ALA F 131 19.90 -46.74 -7.08
C ALA F 131 18.69 -47.52 -6.59
N ALA F 132 18.47 -47.59 -5.27
CA ALA F 132 17.28 -48.20 -4.69
C ALA F 132 16.14 -47.21 -4.55
N ASP F 133 16.34 -45.98 -5.03
CA ASP F 133 15.32 -44.95 -5.00
C ASP F 133 14.76 -44.63 -6.38
N GLY F 134 15.58 -44.68 -7.44
CA GLY F 134 15.11 -44.46 -8.79
C GLY F 134 14.49 -45.65 -9.46
N ALA F 135 14.49 -46.83 -8.82
CA ALA F 135 13.81 -48.01 -9.33
C ALA F 135 12.37 -48.11 -8.85
N VAL F 136 12.12 -47.72 -7.60
CA VAL F 136 10.75 -47.65 -7.09
C VAL F 136 9.90 -46.65 -7.86
N LEU F 137 10.44 -45.49 -8.21
CA LEU F 137 9.71 -44.50 -8.98
C LEU F 137 9.52 -44.89 -10.43
N ALA F 138 10.34 -45.80 -10.96
CA ALA F 138 10.15 -46.34 -12.29
C ALA F 138 9.17 -47.50 -12.32
N GLU F 139 9.04 -48.24 -11.22
CA GLU F 139 8.02 -49.26 -11.11
C GLU F 139 6.61 -48.69 -10.98
N MET F 140 6.49 -47.42 -10.59
CA MET F 140 5.19 -46.76 -10.48
C MET F 140 4.67 -46.21 -11.80
N ALA F 141 5.49 -46.25 -12.85
CA ALA F 141 5.09 -45.76 -14.16
C ALA F 141 4.86 -46.87 -15.17
N ILE F 142 5.02 -48.14 -14.77
CA ILE F 142 4.71 -49.26 -15.64
C ILE F 142 3.34 -49.85 -15.35
N LEU F 143 2.73 -49.53 -14.21
CA LEU F 143 1.34 -49.88 -13.94
C LEU F 143 0.37 -49.14 -14.84
N CYS F 144 0.81 -48.11 -15.54
CA CYS F 144 -0.05 -47.32 -16.40
C CYS F 144 0.11 -47.64 -17.88
N ASN F 145 0.98 -48.57 -18.24
CA ASN F 145 1.23 -48.93 -19.63
C ASN F 145 0.88 -50.39 -19.91
N LEU F 146 -0.13 -50.92 -19.24
CA LEU F 146 -0.47 -52.32 -19.38
C LEU F 146 -1.05 -52.58 -20.78
N PRO F 147 -0.80 -53.77 -21.34
CA PRO F 147 -1.16 -54.01 -22.75
C PRO F 147 -2.64 -54.22 -22.93
N ALA F 148 -3.02 -54.48 -24.20
CA ALA F 148 -4.40 -54.58 -24.68
C ALA F 148 -5.37 -53.80 -23.82
N ALA F 149 -6.07 -54.49 -22.91
CA ALA F 149 -6.65 -53.77 -21.79
C ALA F 149 -5.99 -54.23 -20.50
N SER F 150 -6.17 -55.51 -20.15
CA SER F 150 -5.40 -56.25 -19.14
C SER F 150 -4.98 -55.36 -17.97
N ASN F 151 -5.87 -54.48 -17.52
CA ASN F 151 -5.49 -53.40 -16.63
C ASN F 151 -5.92 -53.62 -15.19
N GLU F 152 -6.39 -54.82 -14.85
CA GLU F 152 -6.84 -55.10 -13.50
C GLU F 152 -6.59 -56.56 -13.18
N ASN F 153 -6.43 -56.84 -11.88
CA ASN F 153 -6.16 -58.21 -11.45
C ASN F 153 -7.32 -59.13 -11.80
N ILE F 154 -8.53 -58.75 -11.40
CA ILE F 154 -9.74 -59.50 -11.71
C ILE F 154 -10.76 -58.53 -12.28
N ALA F 155 -11.49 -58.97 -13.31
CA ALA F 155 -12.49 -58.12 -13.94
C ALA F 155 -13.60 -57.78 -12.95
N GLY F 156 -13.77 -56.48 -12.69
CA GLY F 156 -14.73 -55.99 -11.71
C GLY F 156 -14.13 -54.97 -10.76
N LEU F 157 -12.83 -55.07 -10.48
CA LEU F 157 -12.12 -54.09 -9.68
C LEU F 157 -11.75 -52.89 -10.53
N GLY F 158 -10.91 -51.99 -10.01
CA GLY F 158 -10.57 -50.77 -10.70
C GLY F 158 -9.35 -50.89 -11.60
N THR F 159 -9.14 -49.82 -12.37
CA THR F 159 -7.98 -49.68 -13.26
C THR F 159 -7.19 -48.44 -12.89
N ALA F 160 -6.21 -48.08 -13.71
CA ALA F 160 -5.40 -46.89 -13.50
C ALA F 160 -5.89 -45.75 -14.39
N SER F 161 -5.93 -44.54 -13.83
CA SER F 161 -6.51 -43.38 -14.48
C SER F 161 -5.40 -42.40 -14.87
N VAL F 162 -5.44 -41.94 -16.12
CA VAL F 162 -4.46 -41.02 -16.67
C VAL F 162 -5.21 -39.76 -17.12
N LEU F 163 -4.77 -38.61 -16.66
CA LEU F 163 -5.43 -37.33 -16.90
C LEU F 163 -4.51 -36.40 -17.66
N GLU F 164 -5.11 -35.47 -18.40
CA GLU F 164 -4.36 -34.53 -19.23
C GLU F 164 -4.51 -33.10 -18.73
N VAL F 165 -3.47 -32.30 -18.96
CA VAL F 165 -3.44 -30.91 -18.52
C VAL F 165 -3.71 -29.93 -19.65
N GLY F 166 -3.09 -30.10 -20.81
CA GLY F 166 -3.29 -29.19 -21.92
C GLY F 166 -2.05 -29.15 -22.78
N LYS F 167 -2.17 -28.43 -23.90
CA LYS F 167 -1.05 -28.29 -24.82
C LYS F 167 0.07 -27.46 -24.19
N LYS F 168 1.31 -27.83 -24.52
CA LYS F 168 2.46 -27.17 -23.94
C LYS F 168 2.71 -25.78 -24.51
N ALA F 169 2.32 -25.54 -25.76
CA ALA F 169 2.53 -24.22 -26.36
C ALA F 169 1.66 -23.17 -25.71
N ASP F 170 0.43 -23.53 -25.32
CA ASP F 170 -0.49 -22.56 -24.75
C ASP F 170 -0.10 -22.14 -23.34
N LEU F 171 0.46 -23.05 -22.55
CA LEU F 171 0.83 -22.76 -21.16
C LEU F 171 2.29 -22.30 -21.15
N ASN F 172 2.47 -20.99 -21.35
CA ASN F 172 3.81 -20.42 -21.46
C ASN F 172 4.23 -19.59 -20.25
N THR F 173 3.28 -19.01 -19.54
CA THR F 173 3.53 -18.21 -18.35
C THR F 173 3.49 -19.10 -17.11
N PRO F 174 4.39 -18.86 -16.14
CA PRO F 174 4.43 -19.74 -14.95
C PRO F 174 3.15 -19.74 -14.14
N ALA F 175 2.33 -18.69 -14.21
CA ALA F 175 1.06 -18.66 -13.50
C ALA F 175 -0.08 -19.30 -14.28
N LYS F 176 0.08 -19.52 -15.58
CA LYS F 176 -0.94 -20.21 -16.36
C LYS F 176 -0.93 -21.71 -16.11
N LEU F 177 0.25 -22.31 -15.95
CA LEU F 177 0.38 -23.73 -15.73
C LEU F 177 -0.06 -24.16 -14.33
N GLY F 178 0.17 -23.31 -13.34
CA GLY F 178 -0.21 -23.65 -11.98
C GLY F 178 -1.72 -23.80 -11.79
N GLU F 179 -2.50 -22.92 -12.40
CA GLU F 179 -3.95 -23.04 -12.30
C GLU F 179 -4.47 -24.26 -13.03
N ALA F 180 -3.79 -24.70 -14.09
CA ALA F 180 -4.15 -25.93 -14.79
C ALA F 180 -3.78 -27.17 -14.01
N ILE F 181 -2.65 -27.16 -13.29
CA ILE F 181 -2.27 -28.28 -12.44
C ILE F 181 -3.14 -28.40 -11.20
N ILE F 182 -3.49 -27.28 -10.56
CA ILE F 182 -4.39 -27.33 -9.40
C ILE F 182 -5.79 -27.79 -9.77
N GLY F 183 -6.29 -27.44 -10.94
CA GLY F 183 -7.63 -27.85 -11.35
C GLY F 183 -7.77 -29.30 -11.70
N GLN F 184 -6.67 -30.06 -11.78
CA GLN F 184 -6.71 -31.48 -12.07
C GLN F 184 -6.41 -32.34 -10.85
N LEU F 185 -6.12 -31.74 -9.69
CA LEU F 185 -6.00 -32.48 -8.45
C LEU F 185 -7.33 -32.60 -7.72
N THR F 186 -8.38 -31.95 -8.23
CA THR F 186 -9.73 -32.14 -7.72
C THR F 186 -10.44 -33.32 -8.37
N ILE F 187 -10.03 -33.71 -9.58
CA ILE F 187 -10.53 -34.92 -10.22
C ILE F 187 -9.79 -36.17 -9.76
N ALA F 188 -8.50 -36.05 -9.44
CA ALA F 188 -7.73 -37.15 -8.90
C ALA F 188 -8.18 -37.58 -7.52
N ARG F 189 -8.80 -36.68 -6.76
CA ARG F 189 -9.41 -37.03 -5.49
C ARG F 189 -10.71 -37.81 -5.66
N ALA F 190 -11.44 -37.55 -6.75
CA ALA F 190 -12.70 -38.25 -6.99
C ALA F 190 -12.48 -39.61 -7.65
N LYS F 191 -11.43 -39.72 -8.47
CA LYS F 191 -11.17 -40.99 -9.14
C LYS F 191 -10.60 -42.06 -8.23
N LEU F 192 -10.03 -41.68 -7.07
CA LEU F 192 -9.54 -42.65 -6.10
C LEU F 192 -10.57 -43.01 -5.05
N THR F 193 -11.75 -42.40 -5.05
CA THR F 193 -12.79 -42.76 -4.10
C THR F 193 -13.92 -43.56 -4.73
N SER F 194 -14.00 -43.58 -6.07
CA SER F 194 -14.93 -44.47 -6.76
C SER F 194 -14.48 -45.92 -6.71
N ASN F 195 -13.21 -46.17 -6.36
CA ASN F 195 -12.67 -47.51 -6.23
C ASN F 195 -12.52 -47.94 -4.78
N TYR F 196 -13.15 -47.22 -3.85
CA TYR F 196 -13.19 -47.56 -2.43
C TYR F 196 -11.82 -47.52 -1.77
N VAL F 197 -10.86 -46.81 -2.36
CA VAL F 197 -9.54 -46.67 -1.73
C VAL F 197 -9.68 -45.82 -0.47
N PRO F 198 -9.13 -46.24 0.66
CA PRO F 198 -9.22 -45.42 1.88
C PRO F 198 -8.43 -44.12 1.71
N ALA F 199 -8.61 -43.22 2.67
CA ALA F 199 -7.96 -41.90 2.62
C ALA F 199 -7.25 -41.62 3.93
N GLY F 200 -6.03 -42.14 4.09
CA GLY F 200 -5.18 -41.67 5.16
C GLY F 200 -3.73 -41.47 4.77
N ASP F 201 -3.30 -42.04 3.63
CA ASP F 201 -1.90 -42.03 3.17
C ASP F 201 -1.88 -41.85 1.66
N ARG F 202 -1.82 -40.61 1.19
CA ARG F 202 -1.78 -40.32 -0.23
C ARG F 202 -0.65 -39.33 -0.51
N TYR F 203 0.05 -39.52 -1.63
CA TYR F 203 1.25 -38.76 -1.93
C TYR F 203 1.24 -38.31 -3.38
N PHE F 204 2.00 -37.25 -3.66
CA PHE F 204 2.17 -36.70 -5.00
C PHE F 204 3.65 -36.43 -5.23
N TYR F 205 4.16 -36.85 -6.40
CA TYR F 205 5.59 -36.75 -6.72
C TYR F 205 5.77 -35.91 -7.97
N THR F 206 6.63 -34.90 -7.90
CA THR F 206 6.86 -34.00 -9.03
C THR F 206 8.27 -33.41 -8.94
N THR F 207 8.74 -32.87 -10.07
CA THR F 207 10.04 -32.23 -10.16
C THR F 207 10.02 -30.84 -9.53
N PRO F 208 11.18 -30.32 -9.10
CA PRO F 208 11.21 -28.97 -8.52
C PRO F 208 10.85 -27.86 -9.49
N ASP F 209 10.80 -28.13 -10.80
CA ASP F 209 10.46 -27.12 -11.79
C ASP F 209 8.95 -26.97 -11.98
N ASN F 210 8.17 -27.92 -11.47
CA ASN F 210 6.71 -27.84 -11.49
C ASN F 210 6.13 -27.60 -10.11
N TYR F 211 6.93 -27.79 -9.05
CA TYR F 211 6.57 -27.42 -7.69
C TYR F 211 6.51 -25.92 -7.49
N SER F 212 7.20 -25.15 -8.34
CA SER F 212 7.24 -23.70 -8.27
C SER F 212 6.18 -23.03 -9.13
N ALA F 213 5.50 -23.77 -10.00
CA ALA F 213 4.38 -23.23 -10.75
C ALA F 213 3.09 -23.18 -9.93
N ILE F 214 3.01 -23.95 -8.84
CA ILE F 214 1.88 -23.87 -7.91
C ILE F 214 2.03 -22.73 -6.93
N LEU F 215 3.25 -22.27 -6.65
CA LEU F 215 3.48 -21.16 -5.75
C LEU F 215 3.17 -19.81 -6.38
N ALA F 216 3.27 -19.69 -7.70
CA ALA F 216 2.96 -18.44 -8.39
C ALA F 216 1.50 -18.28 -8.74
N ALA F 217 0.69 -19.33 -8.56
CA ALA F 217 -0.73 -19.27 -8.81
C ALA F 217 -1.53 -18.90 -7.57
N LEU F 218 -0.86 -18.66 -6.45
CA LEU F 218 -1.51 -18.29 -5.20
C LEU F 218 -0.91 -17.00 -4.65
N MET F 219 -0.63 -16.05 -5.53
CA MET F 219 -0.02 -14.77 -5.21
C MET F 219 -1.05 -13.66 -5.32
N PRO F 220 -0.82 -12.50 -4.69
CA PRO F 220 -1.82 -11.43 -4.68
C PRO F 220 -2.29 -10.98 -6.05
N ASN F 221 -1.46 -11.20 -7.07
CA ASN F 221 -1.81 -10.81 -8.44
C ASN F 221 -2.74 -11.81 -9.12
N ALA F 222 -3.01 -12.95 -8.49
CA ALA F 222 -3.83 -13.97 -9.13
C ALA F 222 -5.02 -14.42 -8.30
N ALA F 223 -4.86 -14.54 -6.98
CA ALA F 223 -5.93 -15.05 -6.13
C ALA F 223 -6.70 -13.89 -5.50
N ASN F 224 -7.70 -14.24 -4.67
CA ASN F 224 -8.50 -13.25 -3.95
C ASN F 224 -8.31 -13.26 -2.45
N TYR F 225 -7.81 -14.35 -1.86
CA TYR F 225 -7.53 -14.39 -0.43
C TYR F 225 -6.44 -15.41 -0.16
N ALA F 226 -5.87 -15.32 1.04
CA ALA F 226 -4.68 -16.08 1.40
C ALA F 226 -5.03 -17.52 1.73
N ALA F 227 -4.22 -18.46 1.21
CA ALA F 227 -4.46 -19.87 1.47
C ALA F 227 -3.26 -20.75 1.11
N LEU F 228 -2.89 -21.65 2.04
CA LEU F 228 -2.10 -22.86 1.77
C LEU F 228 -0.59 -22.67 1.58
N ILE F 229 -0.07 -21.44 1.56
CA ILE F 229 1.35 -21.24 1.26
C ILE F 229 1.97 -20.26 2.26
N ASP F 230 3.29 -20.15 2.17
CA ASP F 230 4.07 -19.19 2.95
C ASP F 230 5.03 -18.49 2.00
N PRO F 231 4.85 -17.19 1.73
CA PRO F 231 5.63 -16.54 0.68
C PRO F 231 7.05 -16.16 1.05
N GLU F 232 7.41 -16.14 2.34
CA GLU F 232 8.74 -15.74 2.75
C GLU F 232 9.72 -16.91 2.83
N THR F 233 9.26 -18.14 2.68
CA THR F 233 10.14 -19.30 2.69
C THR F 233 9.87 -20.20 1.49
N GLY F 234 8.64 -20.17 0.99
CA GLY F 234 8.26 -21.02 -0.13
C GLY F 234 7.94 -22.44 0.28
N ASN F 235 6.92 -22.62 1.12
CA ASN F 235 6.50 -23.93 1.59
C ASN F 235 5.00 -24.12 1.36
N ILE F 236 4.60 -25.36 1.10
CA ILE F 236 3.20 -25.70 0.86
C ILE F 236 2.77 -26.73 1.89
N ARG F 237 1.52 -26.61 2.34
CA ARG F 237 0.89 -27.60 3.20
C ARG F 237 0.15 -28.62 2.34
N ASN F 238 -0.66 -29.45 2.97
CA ASN F 238 -1.43 -30.46 2.25
C ASN F 238 -2.43 -29.79 1.31
N VAL F 239 -2.68 -30.45 0.17
CA VAL F 239 -3.62 -29.96 -0.83
C VAL F 239 -4.65 -31.07 -1.06
N MET F 240 -5.82 -30.93 -0.44
CA MET F 240 -6.94 -31.87 -0.58
C MET F 240 -6.56 -33.29 -0.17
N GLY F 241 -5.87 -33.43 0.96
CA GLY F 241 -5.52 -34.74 1.46
C GLY F 241 -4.28 -35.36 0.88
N PHE F 242 -3.62 -34.68 -0.06
CA PHE F 242 -2.39 -35.17 -0.67
C PHE F 242 -1.18 -34.56 0.02
N VAL F 243 -0.04 -35.23 -0.11
CA VAL F 243 1.24 -34.73 0.39
C VAL F 243 2.16 -34.52 -0.80
N VAL F 244 2.76 -33.34 -0.88
CA VAL F 244 3.56 -32.94 -2.05
C VAL F 244 5.03 -33.16 -1.75
N VAL F 245 5.72 -33.87 -2.64
CA VAL F 245 7.12 -34.22 -2.49
C VAL F 245 7.84 -33.87 -3.78
N GLU F 246 9.01 -33.24 -3.67
CA GLU F 246 9.82 -32.86 -4.82
C GLU F 246 11.10 -33.68 -4.87
N VAL F 247 11.43 -34.20 -6.05
CA VAL F 247 12.62 -35.03 -6.22
C VAL F 247 13.39 -34.60 -7.46
N PRO F 248 14.69 -34.33 -7.34
CA PRO F 248 15.48 -34.00 -8.54
C PRO F 248 15.71 -35.19 -9.46
N HIS F 249 15.88 -36.39 -8.91
CA HIS F 249 16.13 -37.59 -9.70
C HIS F 249 14.83 -38.37 -9.90
N LEU F 250 13.94 -37.81 -10.72
CA LEU F 250 12.65 -38.45 -10.95
C LEU F 250 12.67 -39.40 -12.14
N VAL F 251 13.38 -39.05 -13.21
CA VAL F 251 13.30 -39.82 -14.45
C VAL F 251 14.60 -40.58 -14.68
N GLN F 252 15.30 -40.94 -13.60
CA GLN F 252 16.50 -41.74 -13.66
C GLN F 252 16.21 -43.13 -13.14
N GLY F 253 16.57 -44.15 -13.91
CA GLY F 253 16.22 -45.52 -13.57
C GLY F 253 17.16 -46.18 -12.58
N GLY F 254 17.45 -47.46 -12.79
CA GLY F 254 18.33 -48.22 -11.92
C GLY F 254 19.74 -48.33 -12.45
N ALA F 255 20.49 -49.25 -11.84
CA ALA F 255 21.90 -49.45 -12.18
C ALA F 255 22.04 -50.27 -13.46
N GLY F 256 23.28 -50.53 -13.85
CA GLY F 256 23.56 -51.27 -15.06
C GLY F 256 24.62 -52.34 -14.90
N GLY F 257 25.18 -52.82 -16.02
CA GLY F 257 26.15 -53.88 -15.97
C GLY F 257 27.54 -53.49 -16.43
N THR F 258 27.69 -52.26 -16.94
CA THR F 258 28.97 -51.76 -17.41
C THR F 258 29.00 -50.25 -17.20
N ARG F 259 30.20 -49.69 -17.10
CA ARG F 259 30.38 -48.26 -16.83
C ARG F 259 30.91 -47.57 -18.07
N GLY F 260 30.60 -46.29 -18.18
CA GLY F 260 31.03 -45.48 -19.30
C GLY F 260 32.45 -44.96 -19.13
N ALA F 261 32.90 -44.22 -20.14
CA ALA F 261 34.28 -43.72 -20.14
C ALA F 261 34.51 -42.76 -18.97
N ASP F 262 33.56 -41.83 -18.76
CA ASP F 262 33.70 -40.91 -17.62
C ASP F 262 33.46 -41.63 -16.31
N GLY F 263 32.65 -42.67 -16.32
CA GLY F 263 32.36 -43.44 -15.13
C GLY F 263 31.05 -43.14 -14.45
N ALA F 267 26.47 -47.99 -20.34
CA ALA F 267 26.68 -48.42 -21.71
C ALA F 267 26.22 -49.84 -21.98
N SER F 268 25.48 -50.48 -21.07
CA SER F 268 25.09 -51.86 -21.23
C SER F 268 23.65 -52.00 -20.74
N GLY F 269 23.16 -53.23 -20.52
CA GLY F 269 21.78 -53.45 -20.16
C GLY F 269 21.37 -52.85 -18.84
N GLN F 270 20.43 -51.90 -18.87
CA GLN F 270 19.91 -51.28 -17.66
C GLN F 270 18.67 -52.00 -17.17
N LYS F 271 18.52 -52.08 -15.85
CA LYS F 271 17.37 -52.72 -15.23
C LYS F 271 16.47 -51.66 -14.61
N HIS F 272 15.16 -51.83 -14.78
CA HIS F 272 14.14 -50.89 -14.31
C HIS F 272 14.37 -49.50 -14.94
N ALA F 273 14.23 -49.46 -16.26
CA ALA F 273 14.45 -48.24 -17.02
C ALA F 273 13.14 -47.51 -17.27
N PHE F 274 13.16 -46.19 -17.08
CA PHE F 274 12.01 -45.34 -17.37
C PHE F 274 11.77 -45.30 -18.87
N PRO F 275 10.52 -45.52 -19.34
CA PRO F 275 10.27 -45.55 -20.80
C PRO F 275 10.66 -44.26 -21.50
N ALA F 276 10.80 -44.30 -22.81
CA ALA F 276 11.41 -43.20 -23.58
C ALA F 276 10.39 -42.36 -24.34
N THR F 277 9.58 -42.97 -25.20
CA THR F 277 8.64 -42.22 -26.03
C THR F 277 7.26 -42.89 -25.99
N ALA F 278 6.21 -42.09 -26.11
CA ALA F 278 4.85 -42.59 -26.15
C ALA F 278 4.31 -42.49 -27.57
N ALA F 279 4.21 -43.64 -28.24
CA ALA F 279 3.76 -43.67 -29.63
C ALA F 279 2.45 -44.42 -29.80
N GLY F 280 2.39 -45.65 -29.30
CA GLY F 280 1.23 -46.49 -29.49
C GLY F 280 0.47 -46.78 -28.22
N ALA F 281 0.68 -47.97 -27.65
CA ALA F 281 0.04 -48.38 -26.41
C ALA F 281 0.78 -47.89 -25.17
N VAL F 282 1.68 -46.92 -25.32
CA VAL F 282 2.43 -46.36 -24.21
C VAL F 282 1.88 -44.97 -23.90
N LYS F 283 1.58 -44.71 -22.64
CA LYS F 283 0.99 -43.44 -22.23
C LYS F 283 2.00 -42.53 -21.54
N VAL F 284 2.86 -43.08 -20.68
CA VAL F 284 3.79 -42.27 -19.90
C VAL F 284 5.20 -42.45 -20.49
N ALA F 285 5.83 -41.33 -20.84
CA ALA F 285 7.20 -41.32 -21.32
C ALA F 285 7.98 -40.23 -20.61
N MET F 286 9.25 -40.01 -20.97
CA MET F 286 10.04 -38.97 -20.32
C MET F 286 9.74 -37.57 -20.84
N ASP F 287 8.95 -37.44 -21.90
CA ASP F 287 8.59 -36.14 -22.45
C ASP F 287 7.12 -35.79 -22.21
N ASN F 288 6.50 -36.43 -21.22
CA ASN F 288 5.10 -36.16 -20.90
C ASN F 288 4.89 -35.93 -19.41
N VAL F 289 5.76 -36.53 -18.58
CA VAL F 289 5.47 -36.62 -17.15
C VAL F 289 5.37 -35.25 -16.51
N VAL F 290 4.36 -35.08 -15.66
CA VAL F 290 4.24 -33.92 -14.80
C VAL F 290 4.30 -34.41 -13.35
N GLY F 291 3.58 -35.48 -13.05
CA GLY F 291 3.58 -36.01 -11.69
C GLY F 291 2.96 -37.39 -11.63
N LEU F 292 3.05 -37.99 -10.44
CA LEU F 292 2.55 -39.35 -10.19
C LEU F 292 1.95 -39.39 -8.79
N PHE F 293 0.70 -39.83 -8.67
CA PHE F 293 0.04 -39.95 -7.38
C PHE F 293 -0.35 -41.40 -7.12
N SER F 294 -0.42 -41.77 -5.85
CA SER F 294 -0.68 -43.16 -5.48
C SER F 294 -1.04 -43.33 -4.01
N HIS F 295 -1.20 -44.58 -3.58
CA HIS F 295 -1.48 -44.95 -2.20
C HIS F 295 -0.36 -45.86 -1.71
N ARG F 296 -0.29 -46.07 -0.40
CA ARG F 296 0.78 -46.87 0.18
C ARG F 296 0.40 -48.35 0.07
N SER F 297 0.00 -48.79 -1.12
CA SER F 297 -0.33 -50.20 -1.31
C SER F 297 0.04 -50.69 -2.70
N ALA F 298 0.72 -49.86 -3.49
CA ALA F 298 0.89 -50.15 -4.91
C ALA F 298 2.25 -50.72 -5.27
N VAL F 299 3.27 -50.57 -4.41
CA VAL F 299 4.60 -51.09 -4.72
C VAL F 299 5.16 -51.78 -3.49
N GLY F 300 6.13 -52.68 -3.70
CA GLY F 300 6.73 -53.44 -2.62
C GLY F 300 8.22 -53.63 -2.82
N THR F 301 8.85 -54.19 -1.80
CA THR F 301 10.29 -54.43 -1.78
C THR F 301 10.60 -55.63 -0.90
N VAL F 302 11.49 -56.50 -1.38
CA VAL F 302 11.90 -57.70 -0.68
C VAL F 302 13.40 -57.63 -0.40
N LYS F 303 13.80 -57.87 0.84
CA LYS F 303 15.20 -57.75 1.26
C LYS F 303 15.76 -59.14 1.55
N LEU F 304 16.93 -59.43 0.98
CA LEU F 304 17.67 -60.64 1.30
C LEU F 304 18.81 -60.34 2.27
N ARG F 305 19.71 -59.43 1.89
CA ARG F 305 20.83 -59.02 2.71
C ARG F 305 20.89 -57.51 2.78
N ASP F 306 21.50 -56.99 3.85
CA ASP F 306 21.54 -55.57 4.11
C ASP F 306 22.97 -55.05 3.93
N LEU F 307 23.12 -53.73 3.96
CA LEU F 307 24.37 -53.09 3.60
C LEU F 307 25.48 -53.39 4.60
N ALA F 308 26.70 -53.53 4.11
CA ALA F 308 27.86 -53.79 4.95
C ALA F 308 29.12 -53.33 4.23
N LEU F 309 30.19 -53.13 5.00
CA LEU F 309 31.47 -52.66 4.49
C LEU F 309 32.59 -53.60 4.89
N GLU F 310 33.65 -53.63 4.08
CA GLU F 310 34.76 -54.54 4.30
C GLU F 310 36.06 -53.90 3.82
N ARG F 311 37.16 -54.25 4.49
CA ARG F 311 38.48 -53.70 4.20
C ARG F 311 39.48 -54.82 3.96
N ASP F 312 40.49 -54.53 3.14
CA ASP F 312 41.50 -55.52 2.76
C ASP F 312 42.86 -54.85 2.59
N ARG F 313 43.90 -55.64 2.36
CA ARG F 313 45.24 -55.11 2.13
C ARG F 313 46.02 -55.96 1.14
N ASP F 314 46.69 -55.32 0.19
CA ASP F 314 47.47 -56.00 -0.84
C ASP F 314 48.94 -55.70 -0.67
N VAL F 315 49.77 -56.73 -0.78
CA VAL F 315 51.20 -56.62 -0.53
C VAL F 315 52.03 -56.75 -1.81
N ASP F 316 51.47 -57.34 -2.85
CA ASP F 316 52.16 -57.45 -4.13
C ASP F 316 52.14 -56.16 -4.94
N ALA F 317 51.30 -55.19 -4.56
CA ALA F 317 51.26 -53.90 -5.22
C ALA F 317 51.16 -52.74 -4.25
N GLN F 318 51.21 -53.00 -2.94
CA GLN F 318 51.23 -51.96 -1.92
C GLN F 318 50.00 -51.06 -1.98
N GLY F 319 48.81 -51.61 -1.74
CA GLY F 319 47.59 -50.83 -1.80
C GLY F 319 46.56 -51.30 -0.80
N ASP F 320 45.43 -50.59 -0.77
CA ASP F 320 44.31 -50.91 0.11
C ASP F 320 43.04 -51.04 -0.73
N LEU F 321 41.96 -51.51 -0.08
CA LEU F 321 40.70 -51.76 -0.76
C LEU F 321 39.53 -51.59 0.21
N ILE F 322 38.44 -51.02 -0.30
CA ILE F 322 37.18 -50.87 0.44
C ILE F 322 36.04 -51.26 -0.48
N VAL F 323 35.05 -51.99 0.06
CA VAL F 323 33.94 -52.54 -0.72
C VAL F 323 32.63 -52.37 0.05
N GLY F 324 31.53 -52.20 -0.70
CA GLY F 324 30.19 -52.18 -0.13
C GLY F 324 29.17 -52.87 -1.02
N LYS F 325 28.11 -53.45 -0.45
CA LYS F 325 27.25 -54.34 -1.21
C LYS F 325 25.95 -54.66 -0.47
N TYR F 326 24.93 -55.06 -1.23
CA TYR F 326 23.64 -55.51 -0.71
C TYR F 326 22.87 -56.21 -1.83
N ALA F 327 21.67 -56.71 -1.50
CA ALA F 327 20.81 -57.40 -2.46
C ALA F 327 19.34 -57.23 -2.09
N MET F 328 18.54 -56.72 -3.04
CA MET F 328 17.11 -56.49 -2.82
C MET F 328 16.36 -56.80 -4.11
N GLY F 329 15.07 -56.44 -4.12
CA GLY F 329 14.23 -56.62 -5.30
C GLY F 329 12.97 -55.78 -5.19
N HIS F 330 12.42 -55.39 -6.34
CA HIS F 330 11.32 -54.43 -6.39
C HIS F 330 10.22 -54.91 -7.32
N GLY F 331 9.00 -54.43 -7.07
CA GLY F 331 7.86 -54.79 -7.90
C GLY F 331 6.60 -54.08 -7.43
N GLY F 332 5.55 -54.17 -8.26
CA GLY F 332 4.29 -53.51 -8.01
C GLY F 332 3.14 -54.47 -7.77
N LEU F 333 2.15 -54.00 -6.98
CA LEU F 333 1.09 -54.90 -6.50
C LEU F 333 -0.31 -54.58 -7.00
N ARG F 334 -0.82 -53.37 -6.73
CA ARG F 334 -2.22 -53.03 -7.01
C ARG F 334 -2.34 -51.96 -8.08
N PRO F 335 -2.93 -52.26 -9.24
CA PRO F 335 -3.06 -51.27 -10.30
C PRO F 335 -4.24 -50.31 -10.15
N GLU F 336 -5.05 -50.43 -9.11
CA GLU F 336 -6.21 -49.56 -8.92
C GLU F 336 -5.94 -48.44 -7.92
N ALA F 337 -4.70 -48.23 -7.51
CA ALA F 337 -4.36 -47.12 -6.63
C ALA F 337 -3.20 -46.32 -7.20
N ALA F 338 -3.28 -45.98 -8.49
CA ALA F 338 -2.18 -45.32 -9.18
C ALA F 338 -2.74 -44.41 -10.27
N GLY F 339 -1.88 -43.53 -10.78
CA GLY F 339 -2.27 -42.63 -11.83
C GLY F 339 -1.13 -41.70 -12.20
N ALA F 340 -1.41 -40.81 -13.16
CA ALA F 340 -0.40 -39.87 -13.64
C ALA F 340 -1.08 -38.67 -14.30
N LEU F 341 -0.34 -37.56 -14.33
CA LEU F 341 -0.74 -36.36 -15.06
C LEU F 341 0.23 -36.14 -16.21
N VAL F 342 -0.30 -35.90 -17.41
CA VAL F 342 0.53 -35.80 -18.60
C VAL F 342 0.13 -34.56 -19.40
N PHE F 343 1.01 -34.15 -20.30
CA PHE F 343 0.71 -33.08 -21.24
C PHE F 343 -0.19 -33.60 -22.36
N SER F 344 -0.66 -32.68 -23.20
CA SER F 344 -1.53 -33.14 -24.25
C SER F 344 -0.79 -33.19 -25.58
N PRO F 345 -1.09 -34.17 -26.44
CA PRO F 345 -0.37 -34.26 -27.72
C PRO F 345 -0.61 -33.04 -28.60
N ALA F 346 0.40 -32.68 -29.37
CA ALA F 346 0.32 -31.52 -30.26
C ALA F 346 -0.48 -31.84 -31.51
N ALA G 2 40.74 -63.53 -15.89
CA ALA G 2 39.48 -63.29 -16.59
C ALA G 2 38.30 -63.71 -15.73
N ASN G 3 38.05 -65.01 -15.65
CA ASN G 3 36.96 -65.56 -14.85
C ASN G 3 37.51 -66.68 -13.98
N VAL G 4 37.26 -66.60 -12.68
CA VAL G 4 37.72 -67.64 -11.76
C VAL G 4 36.75 -68.81 -11.79
N PRO G 5 37.20 -70.03 -12.03
CA PRO G 5 36.30 -71.19 -11.96
C PRO G 5 35.85 -71.48 -10.54
N GLY G 6 34.69 -72.11 -10.45
CA GLY G 6 34.11 -72.38 -9.14
C GLY G 6 32.93 -73.30 -9.22
N GLN G 7 32.13 -73.28 -8.16
CA GLN G 7 31.00 -74.20 -7.99
C GLN G 7 29.71 -73.55 -8.47
N LYS G 8 28.96 -74.28 -9.30
CA LYS G 8 27.63 -73.86 -9.75
C LYS G 8 26.60 -74.69 -8.97
N VAL G 9 25.99 -74.07 -7.96
CA VAL G 9 25.05 -74.78 -7.09
C VAL G 9 23.62 -74.74 -7.64
N GLY G 10 23.32 -73.81 -8.54
CA GLY G 10 21.97 -73.66 -9.04
C GLY G 10 21.76 -74.08 -10.47
N THR G 11 22.76 -74.71 -11.08
CA THR G 11 22.67 -75.17 -12.46
C THR G 11 22.43 -76.67 -12.49
N ASP G 12 21.60 -77.12 -13.42
CA ASP G 12 21.26 -78.53 -13.58
C ASP G 12 22.20 -79.15 -14.61
N GLN G 13 23.03 -80.08 -14.16
CA GLN G 13 24.05 -80.71 -14.98
C GLN G 13 23.89 -82.23 -14.94
N GLY G 14 23.07 -82.75 -15.84
CA GLY G 14 22.86 -84.18 -15.98
C GLY G 14 23.06 -84.61 -17.43
N LYS G 15 23.03 -85.93 -17.62
CA LYS G 15 23.21 -86.48 -18.97
C LYS G 15 22.02 -86.11 -19.85
N GLY G 16 22.31 -85.53 -21.01
CA GLY G 16 21.29 -85.17 -21.97
C GLY G 16 20.49 -83.94 -21.65
N LYS G 17 20.74 -83.30 -20.50
CA LYS G 17 20.01 -82.12 -20.09
C LYS G 17 20.77 -80.85 -20.50
N SER G 18 20.08 -79.73 -20.43
CA SER G 18 20.62 -78.45 -20.87
C SER G 18 20.80 -77.51 -19.68
N GLY G 19 21.93 -76.81 -19.65
CA GLY G 19 22.25 -75.90 -18.57
C GLY G 19 22.19 -74.44 -18.97
N SER G 20 21.17 -74.08 -19.75
CA SER G 20 21.02 -72.73 -20.26
C SER G 20 20.40 -71.78 -19.24
N ASP G 21 19.97 -72.28 -18.09
CA ASP G 21 19.40 -71.45 -17.03
C ASP G 21 20.25 -71.61 -15.78
N ALA G 22 20.53 -70.49 -15.11
CA ALA G 22 21.47 -70.46 -13.99
C ALA G 22 20.78 -70.47 -12.63
N LEU G 23 19.45 -70.60 -12.60
CA LEU G 23 18.75 -70.68 -11.32
C LEU G 23 17.66 -71.76 -11.32
N ALA G 24 17.88 -72.89 -11.99
CA ALA G 24 16.83 -73.87 -12.16
C ALA G 24 16.62 -74.75 -10.93
N LEU G 25 17.55 -74.76 -9.98
CA LEU G 25 17.45 -75.64 -8.81
C LEU G 25 17.09 -74.88 -7.53
N PHE G 26 16.62 -73.64 -7.63
CA PHE G 26 16.19 -72.89 -6.46
C PHE G 26 14.67 -72.90 -6.34
N LEU G 27 14.18 -72.52 -5.16
CA LEU G 27 12.77 -72.67 -4.81
C LEU G 27 12.13 -71.32 -4.54
N LYS G 28 10.88 -71.18 -4.97
CA LYS G 28 10.06 -70.02 -4.66
C LYS G 28 9.36 -70.21 -3.32
N VAL G 29 9.24 -69.12 -2.57
CA VAL G 29 8.79 -69.15 -1.19
C VAL G 29 7.51 -68.30 -1.07
N PHE G 30 6.86 -68.39 0.09
CA PHE G 30 5.62 -67.67 0.38
C PHE G 30 5.93 -66.43 1.21
N ALA G 31 5.36 -65.29 0.80
CA ALA G 31 5.68 -64.02 1.45
C ALA G 31 5.09 -63.95 2.85
N GLY G 32 3.77 -64.05 2.97
CA GLY G 32 3.12 -64.00 4.26
C GLY G 32 1.99 -62.99 4.35
N GLU G 33 1.56 -62.48 3.19
CA GLU G 33 0.50 -61.49 3.12
C GLU G 33 -0.52 -61.89 2.07
N VAL G 34 -1.80 -61.73 2.39
CA VAL G 34 -2.90 -61.98 1.47
C VAL G 34 -3.54 -60.65 1.13
N LEU G 35 -3.73 -60.39 -0.17
CA LEU G 35 -4.27 -59.13 -0.64
C LEU G 35 -5.77 -59.28 -0.88
N THR G 36 -6.55 -58.93 0.14
CA THR G 36 -8.01 -58.98 0.04
C THR G 36 -8.56 -57.65 -0.43
N ALA G 37 -9.76 -57.69 -1.02
CA ALA G 37 -10.34 -56.51 -1.63
C ALA G 37 -10.76 -55.48 -0.57
N PHE G 38 -10.95 -54.24 -1.03
CA PHE G 38 -11.31 -53.15 -0.14
C PHE G 38 -12.78 -53.25 0.28
N THR G 39 -13.05 -52.89 1.53
CA THR G 39 -14.39 -53.02 2.08
C THR G 39 -15.33 -51.95 1.54
N ARG G 40 -16.63 -52.25 1.60
CA ARG G 40 -17.68 -51.33 1.18
C ARG G 40 -18.63 -51.07 2.34
N ARG G 41 -19.13 -49.85 2.45
CA ARG G 41 -20.02 -49.45 3.51
C ARG G 41 -21.25 -48.75 2.95
N SER G 42 -22.37 -48.87 3.67
CA SER G 42 -23.63 -48.29 3.28
C SER G 42 -23.96 -47.07 4.13
N VAL G 43 -24.74 -46.15 3.56
CA VAL G 43 -25.05 -44.89 4.20
C VAL G 43 -26.50 -44.86 4.68
N THR G 44 -27.42 -45.34 3.86
CA THR G 44 -28.84 -45.28 4.18
C THR G 44 -29.22 -46.44 5.10
N ALA G 45 -29.05 -46.24 6.41
CA ALA G 45 -29.42 -47.28 7.36
C ALA G 45 -30.24 -46.69 8.51
N ASP G 46 -30.09 -45.39 8.75
CA ASP G 46 -30.81 -44.69 9.81
C ASP G 46 -31.29 -43.32 9.36
N LYS G 47 -31.75 -43.22 8.11
CA LYS G 47 -32.30 -41.99 7.55
C LYS G 47 -33.69 -42.23 6.96
N HIS G 48 -34.43 -43.18 7.52
CA HIS G 48 -35.79 -43.47 7.08
C HIS G 48 -36.50 -44.22 8.22
N ILE G 49 -37.70 -44.74 7.93
CA ILE G 49 -38.56 -45.35 8.93
C ILE G 49 -38.45 -46.86 8.83
N VAL G 50 -38.40 -47.53 9.99
CA VAL G 50 -38.22 -48.98 10.04
C VAL G 50 -39.22 -49.56 11.04
N ARG G 51 -40.10 -50.46 10.56
CA ARG G 51 -41.08 -51.14 11.39
C ARG G 51 -40.97 -52.65 11.17
N THR G 52 -41.49 -53.43 12.12
CA THR G 52 -41.41 -54.88 12.09
C THR G 52 -42.80 -55.48 12.29
N ILE G 53 -43.08 -56.58 11.58
CA ILE G 53 -44.33 -57.30 11.73
C ILE G 53 -44.02 -58.74 12.12
N GLN G 54 -45.08 -59.53 12.35
CA GLN G 54 -44.93 -60.91 12.78
C GLN G 54 -45.46 -61.93 11.78
N ASN G 55 -46.51 -61.60 11.02
CA ASN G 55 -47.02 -62.49 9.98
C ASN G 55 -47.90 -61.67 9.05
N GLY G 56 -48.00 -62.12 7.80
CA GLY G 56 -48.81 -61.41 6.82
C GLY G 56 -48.06 -61.15 5.53
N LYS G 57 -48.75 -60.66 4.51
CA LYS G 57 -48.14 -60.42 3.22
C LYS G 57 -48.07 -58.94 2.85
N SER G 58 -48.63 -58.04 3.65
CA SER G 58 -48.62 -56.61 3.34
C SER G 58 -48.82 -55.83 4.64
N ALA G 59 -48.81 -54.51 4.52
CA ALA G 59 -49.05 -53.60 5.63
C ALA G 59 -49.79 -52.38 5.10
N GLN G 60 -50.43 -51.64 6.02
CA GLN G 60 -51.28 -50.52 5.64
C GLN G 60 -51.01 -49.31 6.53
N PHE G 61 -51.04 -48.12 5.92
CA PHE G 61 -50.90 -46.85 6.62
C PHE G 61 -52.05 -45.93 6.21
N PRO G 62 -52.80 -45.38 7.15
CA PRO G 62 -53.87 -44.43 6.80
C PRO G 62 -53.43 -42.98 6.83
N VAL G 63 -54.17 -42.15 6.06
CA VAL G 63 -53.83 -40.75 5.83
C VAL G 63 -55.11 -39.92 5.95
N MET G 64 -55.00 -38.72 6.55
CA MET G 64 -56.16 -37.85 6.72
C MET G 64 -55.71 -36.41 7.01
N GLY G 65 -56.66 -35.48 6.86
CA GLY G 65 -56.50 -34.11 7.34
C GLY G 65 -57.14 -33.01 6.51
N ARG G 66 -57.95 -32.15 7.15
CA ARG G 66 -58.63 -31.02 6.52
C ARG G 66 -59.42 -30.18 7.52
N THR G 67 -59.60 -28.88 7.27
CA THR G 67 -60.38 -27.96 8.11
C THR G 67 -60.93 -26.77 7.33
N SER G 68 -61.82 -25.98 7.96
CA SER G 68 -62.31 -24.71 7.41
C SER G 68 -63.09 -23.99 8.52
N GLY G 69 -63.76 -22.89 8.16
CA GLY G 69 -64.60 -22.16 9.09
C GLY G 69 -65.48 -21.16 8.37
N VAL G 70 -66.62 -20.83 8.98
CA VAL G 70 -67.61 -19.94 8.38
C VAL G 70 -68.25 -19.05 9.44
N TYR G 71 -69.07 -18.10 8.97
CA TYR G 71 -69.80 -17.16 9.82
C TYR G 71 -71.26 -17.60 9.93
N LEU G 72 -71.82 -17.51 11.14
CA LEU G 72 -73.19 -17.94 11.41
C LEU G 72 -74.04 -16.73 11.77
N ALA G 73 -74.99 -16.40 10.90
CA ALA G 73 -75.94 -15.32 11.16
C ALA G 73 -76.98 -15.79 12.17
N PRO G 74 -77.64 -14.86 12.88
CA PRO G 74 -78.66 -15.27 13.85
C PRO G 74 -79.94 -15.71 13.14
N GLY G 75 -80.28 -16.99 13.31
CA GLY G 75 -81.45 -17.54 12.68
C GLY G 75 -81.15 -18.54 11.59
N GLU G 76 -79.98 -19.19 11.68
CA GLU G 76 -79.56 -20.17 10.71
C GLU G 76 -79.11 -21.43 11.43
N ARG G 77 -79.23 -22.58 10.76
CA ARG G 77 -78.91 -23.86 11.35
C ARG G 77 -77.55 -24.35 10.84
N LEU G 78 -76.80 -25.00 11.72
CA LEU G 78 -75.46 -25.48 11.37
C LEU G 78 -75.50 -26.54 10.28
N SER G 79 -76.48 -27.45 10.34
CA SER G 79 -76.50 -28.61 9.46
C SER G 79 -76.73 -28.27 8.00
N ASP G 80 -77.13 -27.03 7.70
CA ASP G 80 -77.39 -26.64 6.32
C ASP G 80 -76.11 -26.31 5.56
N LYS G 81 -74.99 -26.12 6.28
CA LYS G 81 -73.69 -25.81 5.67
C LYS G 81 -72.61 -26.62 6.40
N ARG G 82 -72.30 -27.80 5.87
CA ARG G 82 -71.35 -28.71 6.51
C ARG G 82 -70.69 -29.60 5.46
N LYS G 83 -69.38 -29.77 5.58
CA LYS G 83 -68.62 -30.73 4.79
C LYS G 83 -67.71 -31.53 5.71
N GLY G 84 -67.12 -32.59 5.18
CA GLY G 84 -66.35 -33.54 5.97
C GLY G 84 -64.87 -33.59 5.59
N ILE G 85 -64.12 -34.29 6.44
CA ILE G 85 -62.69 -34.51 6.22
C ILE G 85 -62.48 -35.83 5.49
N LYS G 86 -61.35 -35.95 4.78
CA LYS G 86 -61.11 -37.04 3.85
C LYS G 86 -60.02 -37.99 4.35
N HIS G 87 -60.06 -39.22 3.85
CA HIS G 87 -59.13 -40.28 4.23
C HIS G 87 -58.60 -40.99 2.98
N THR G 88 -57.46 -41.66 3.13
CA THR G 88 -56.85 -42.48 2.07
C THR G 88 -55.95 -43.50 2.76
N GLU G 89 -55.16 -44.25 1.97
CA GLU G 89 -54.31 -45.30 2.51
C GLU G 89 -53.10 -45.55 1.60
N LYS G 90 -52.10 -46.22 2.17
CA LYS G 90 -50.86 -46.57 1.47
C LYS G 90 -50.48 -48.02 1.81
N ASN G 91 -49.81 -48.70 0.86
CA ASN G 91 -49.52 -50.12 0.97
C ASN G 91 -48.05 -50.43 0.70
N ILE G 92 -47.51 -51.41 1.42
CA ILE G 92 -46.15 -51.92 1.23
C ILE G 92 -46.19 -53.43 1.26
N THR G 93 -45.50 -54.08 0.32
CA THR G 93 -45.58 -55.53 0.14
C THR G 93 -44.20 -56.17 0.27
N ILE G 94 -44.20 -57.43 0.72
CA ILE G 94 -42.95 -58.21 0.84
C ILE G 94 -42.54 -58.74 -0.53
N ASP G 95 -41.22 -58.91 -0.70
CA ASP G 95 -40.65 -59.27 -2.00
C ASP G 95 -40.32 -60.75 -2.17
N GLY G 96 -39.70 -61.39 -1.19
CA GLY G 96 -39.34 -62.79 -1.32
C GLY G 96 -38.21 -63.14 -0.37
N LEU G 97 -37.37 -64.09 -0.80
CA LEU G 97 -36.23 -64.56 -0.03
C LEU G 97 -34.96 -64.32 -0.83
N LEU G 98 -33.92 -63.83 -0.16
CA LEU G 98 -32.64 -63.50 -0.78
C LEU G 98 -31.52 -64.31 -0.15
N THR G 99 -30.70 -64.95 -0.99
CA THR G 99 -29.72 -65.94 -0.50
C THR G 99 -28.39 -65.79 -1.23
N ALA G 100 -27.35 -66.34 -0.62
CA ALA G 100 -26.00 -66.42 -1.21
C ALA G 100 -25.25 -67.57 -0.55
N ASP G 101 -24.51 -68.35 -1.35
CA ASP G 101 -23.91 -69.59 -0.87
C ASP G 101 -22.55 -69.82 -1.53
N VAL G 102 -21.75 -70.69 -0.89
CA VAL G 102 -20.43 -71.07 -1.39
C VAL G 102 -20.16 -72.52 -0.98
N MET G 103 -19.46 -73.27 -1.84
CA MET G 103 -19.20 -74.68 -1.64
C MET G 103 -17.69 -74.95 -1.72
N ILE G 104 -17.16 -75.64 -0.72
CA ILE G 104 -15.72 -75.90 -0.59
C ILE G 104 -15.50 -77.39 -0.61
N PHE G 105 -14.66 -77.86 -1.53
CA PHE G 105 -14.32 -79.28 -1.59
C PHE G 105 -13.23 -79.62 -0.57
N ASP G 106 -12.92 -80.91 -0.48
CA ASP G 106 -12.07 -81.42 0.60
C ASP G 106 -10.66 -81.78 0.16
N ILE G 107 -10.47 -82.22 -1.08
CA ILE G 107 -9.13 -82.53 -1.56
C ILE G 107 -8.32 -81.24 -1.71
N GLU G 108 -8.97 -80.20 -2.23
CA GLU G 108 -8.25 -78.92 -2.49
C GLU G 108 -8.12 -78.16 -1.19
N ASP G 109 -8.01 -78.85 -0.07
CA ASP G 109 -7.97 -78.10 1.20
C ASP G 109 -6.78 -78.60 2.00
N ALA G 110 -6.07 -79.59 1.48
CA ALA G 110 -4.85 -80.04 2.16
C ALA G 110 -3.65 -79.44 1.42
N MET G 111 -3.76 -79.32 0.10
CA MET G 111 -2.67 -78.81 -0.72
C MET G 111 -2.63 -77.28 -0.74
N ASN G 112 -3.06 -76.63 0.35
CA ASN G 112 -3.11 -75.19 0.43
C ASN G 112 -2.38 -74.72 1.67
N HIS G 113 -1.72 -73.57 1.57
CA HIS G 113 -0.86 -73.08 2.64
C HIS G 113 -1.42 -71.91 3.43
N TYR G 114 -2.65 -71.46 3.15
CA TYR G 114 -3.30 -70.44 3.95
C TYR G 114 -4.78 -70.77 4.10
N ASP G 115 -5.41 -70.12 5.09
CA ASP G 115 -6.81 -70.34 5.41
C ASP G 115 -7.70 -69.39 4.60
N VAL G 116 -8.91 -69.86 4.29
CA VAL G 116 -9.81 -69.11 3.42
C VAL G 116 -11.23 -69.02 4.00
N ALA G 117 -11.48 -69.73 5.10
CA ALA G 117 -12.85 -69.86 5.60
C ALA G 117 -13.40 -68.53 6.08
N GLY G 118 -12.63 -67.83 6.91
CA GLY G 118 -13.11 -66.56 7.45
C GLY G 118 -13.38 -65.52 6.39
N GLU G 119 -12.50 -65.45 5.37
CA GLU G 119 -12.69 -64.47 4.32
C GLU G 119 -13.95 -64.74 3.52
N TYR G 120 -14.23 -66.02 3.23
CA TYR G 120 -15.50 -66.37 2.59
C TYR G 120 -16.70 -66.05 3.46
N SER G 121 -16.63 -66.31 4.77
CA SER G 121 -17.76 -66.02 5.63
C SER G 121 -17.94 -64.54 5.89
N ASN G 122 -16.93 -63.71 5.65
CA ASN G 122 -17.00 -62.27 5.88
C ASN G 122 -17.43 -61.53 4.62
N GLN G 123 -17.58 -62.22 3.50
CA GLN G 123 -18.02 -61.61 2.25
C GLN G 123 -19.46 -61.92 1.92
N LEU G 124 -20.13 -62.79 2.68
CA LEU G 124 -21.53 -63.11 2.45
C LEU G 124 -22.48 -62.16 3.15
N GLY G 125 -22.07 -61.57 4.26
CA GLY G 125 -22.91 -60.63 4.98
C GLY G 125 -22.67 -59.20 4.53
N GLU G 126 -21.95 -59.03 3.42
CA GLU G 126 -21.68 -57.71 2.86
C GLU G 126 -22.33 -57.50 1.51
N ALA G 127 -22.61 -58.56 0.76
CA ALA G 127 -23.37 -58.46 -0.47
C ALA G 127 -24.87 -58.40 -0.25
N LEU G 128 -25.33 -58.72 0.96
CA LEU G 128 -26.73 -58.60 1.32
C LEU G 128 -27.07 -57.23 1.90
N ALA G 129 -26.07 -56.38 2.12
CA ALA G 129 -26.30 -55.03 2.61
C ALA G 129 -26.16 -53.96 1.53
N ILE G 130 -25.50 -54.26 0.42
CA ILE G 130 -25.41 -53.35 -0.72
C ILE G 130 -26.63 -53.49 -1.63
N ALA G 131 -27.39 -54.57 -1.48
CA ALA G 131 -28.63 -54.75 -2.22
C ALA G 131 -29.82 -54.07 -1.58
N ALA G 132 -29.82 -53.90 -0.26
CA ALA G 132 -30.86 -53.16 0.45
C ALA G 132 -30.53 -51.67 0.55
N ASP G 133 -29.45 -51.23 -0.08
CA ASP G 133 -29.05 -49.83 -0.10
C ASP G 133 -29.31 -49.15 -1.42
N GLY G 134 -29.12 -49.84 -2.54
CA GLY G 134 -29.48 -49.32 -3.84
C GLY G 134 -30.93 -49.48 -4.20
N ALA G 135 -31.71 -50.15 -3.36
CA ALA G 135 -33.15 -50.29 -3.57
C ALA G 135 -33.95 -49.20 -2.88
N VAL G 136 -33.41 -48.62 -1.81
CA VAL G 136 -34.06 -47.49 -1.13
C VAL G 136 -33.87 -46.24 -1.98
N LEU G 137 -32.71 -46.12 -2.62
CA LEU G 137 -32.41 -44.95 -3.44
C LEU G 137 -33.13 -44.96 -4.78
N ALA G 138 -33.67 -46.11 -5.20
CA ALA G 138 -34.45 -46.20 -6.43
C ALA G 138 -35.93 -45.97 -6.20
N GLU G 139 -36.36 -45.91 -4.94
CA GLU G 139 -37.74 -45.56 -4.60
C GLU G 139 -37.94 -44.06 -4.43
N MET G 140 -36.87 -43.30 -4.21
CA MET G 140 -36.96 -41.85 -4.12
C MET G 140 -37.01 -41.17 -5.47
N ALA G 141 -36.66 -41.88 -6.55
CA ALA G 141 -36.75 -41.35 -7.90
C ALA G 141 -38.01 -41.79 -8.63
N ILE G 142 -38.86 -42.60 -8.00
CA ILE G 142 -40.14 -42.97 -8.58
C ILE G 142 -41.28 -42.11 -8.01
N LEU G 143 -41.10 -41.54 -6.81
CA LEU G 143 -42.08 -40.59 -6.28
C LEU G 143 -42.23 -39.36 -7.16
N CYS G 144 -41.25 -39.07 -8.01
CA CYS G 144 -41.26 -37.89 -8.85
C CYS G 144 -41.76 -38.17 -10.26
N ASN G 145 -42.20 -39.39 -10.54
CA ASN G 145 -42.69 -39.78 -11.86
C ASN G 145 -44.17 -40.11 -11.85
N LEU G 146 -44.90 -39.63 -10.85
CA LEU G 146 -46.32 -39.88 -10.76
C LEU G 146 -47.05 -39.17 -11.91
N PRO G 147 -48.15 -39.75 -12.41
CA PRO G 147 -48.87 -39.13 -13.52
C PRO G 147 -49.44 -37.78 -13.14
N ALA G 148 -49.91 -37.06 -14.16
CA ALA G 148 -50.39 -35.70 -13.96
C ALA G 148 -51.61 -35.66 -13.04
N ALA G 149 -52.54 -36.60 -13.25
CA ALA G 149 -53.79 -36.57 -12.49
C ALA G 149 -53.57 -36.92 -11.02
N SER G 150 -53.01 -38.09 -10.74
CA SER G 150 -52.82 -38.53 -9.36
C SER G 150 -51.41 -38.27 -8.86
N ASN G 151 -51.02 -36.99 -8.75
CA ASN G 151 -49.66 -36.64 -8.35
C ASN G 151 -49.54 -36.23 -6.89
N GLU G 152 -50.59 -36.39 -6.08
CA GLU G 152 -50.51 -36.10 -4.66
C GLU G 152 -51.60 -36.87 -3.93
N ASN G 153 -51.39 -37.05 -2.62
CA ASN G 153 -52.29 -37.87 -1.80
C ASN G 153 -53.70 -37.31 -1.79
N ILE G 154 -53.87 -36.12 -1.21
CA ILE G 154 -55.16 -35.44 -1.15
C ILE G 154 -55.00 -34.06 -1.74
N ALA G 155 -55.91 -33.68 -2.63
CA ALA G 155 -55.83 -32.36 -3.26
C ALA G 155 -55.85 -31.27 -2.20
N GLY G 156 -54.88 -30.36 -2.28
CA GLY G 156 -54.68 -29.32 -1.29
C GLY G 156 -53.31 -29.38 -0.63
N LEU G 157 -52.74 -30.57 -0.49
CA LEU G 157 -51.39 -30.72 0.04
C LEU G 157 -50.38 -30.47 -1.06
N GLY G 158 -49.10 -30.79 -0.81
CA GLY G 158 -48.03 -30.44 -1.72
C GLY G 158 -47.66 -31.55 -2.69
N THR G 159 -47.16 -31.13 -3.85
CA THR G 159 -46.62 -32.01 -4.87
C THR G 159 -45.11 -32.18 -4.72
N ALA G 160 -44.46 -32.75 -5.74
CA ALA G 160 -43.02 -32.94 -5.75
C ALA G 160 -42.35 -31.91 -6.64
N SER G 161 -41.08 -31.63 -6.37
CA SER G 161 -40.33 -30.56 -7.01
C SER G 161 -39.29 -31.13 -7.97
N VAL G 162 -39.22 -30.58 -9.17
CA VAL G 162 -38.20 -30.95 -10.16
C VAL G 162 -37.62 -29.65 -10.71
N LEU G 163 -36.36 -29.37 -10.37
CA LEU G 163 -35.70 -28.12 -10.73
C LEU G 163 -34.58 -28.39 -11.72
N GLU G 164 -34.50 -27.57 -12.76
CA GLU G 164 -33.45 -27.69 -13.76
C GLU G 164 -32.28 -26.75 -13.44
N VAL G 165 -31.12 -27.07 -13.99
CA VAL G 165 -29.92 -26.27 -13.74
C VAL G 165 -29.35 -25.65 -15.01
N GLY G 166 -29.80 -26.06 -16.19
CA GLY G 166 -29.27 -25.55 -17.44
C GLY G 166 -28.85 -26.66 -18.38
N LYS G 167 -28.45 -26.25 -19.58
CA LYS G 167 -28.04 -27.21 -20.59
C LYS G 167 -26.68 -27.82 -20.24
N LYS G 168 -26.32 -28.87 -20.98
CA LYS G 168 -25.05 -29.55 -20.77
C LYS G 168 -23.96 -29.09 -21.73
N ALA G 169 -24.33 -28.59 -22.91
CA ALA G 169 -23.36 -28.06 -23.85
C ALA G 169 -22.91 -26.65 -23.49
N ASP G 170 -23.56 -26.00 -22.53
CA ASP G 170 -23.19 -24.66 -22.11
C ASP G 170 -22.40 -24.63 -20.80
N LEU G 171 -22.53 -25.67 -19.97
CA LEU G 171 -21.75 -25.79 -18.75
C LEU G 171 -20.66 -26.82 -19.00
N ASN G 172 -19.55 -26.38 -19.59
CA ASN G 172 -18.48 -27.28 -20.00
C ASN G 172 -17.24 -27.20 -19.11
N THR G 173 -17.32 -26.50 -17.98
CA THR G 173 -16.20 -26.35 -17.07
C THR G 173 -16.62 -26.72 -15.65
N PRO G 174 -15.77 -27.43 -14.89
CA PRO G 174 -16.17 -27.85 -13.54
C PRO G 174 -16.47 -26.70 -12.59
N ALA G 175 -16.01 -25.49 -12.92
CA ALA G 175 -16.30 -24.31 -12.11
C ALA G 175 -17.56 -23.58 -12.53
N LYS G 176 -18.13 -23.92 -13.69
CA LYS G 176 -19.38 -23.32 -14.15
C LYS G 176 -20.59 -24.19 -13.84
N LEU G 177 -20.39 -25.31 -13.14
CA LEU G 177 -21.48 -26.20 -12.79
C LEU G 177 -21.73 -26.15 -11.29
N GLY G 178 -20.65 -25.98 -10.52
CA GLY G 178 -20.78 -25.82 -9.09
C GLY G 178 -21.56 -24.60 -8.66
N GLU G 179 -21.40 -23.49 -9.36
CA GLU G 179 -22.18 -22.30 -9.03
C GLU G 179 -23.67 -22.53 -9.28
N ALA G 180 -24.02 -23.21 -10.37
CA ALA G 180 -25.43 -23.51 -10.62
C ALA G 180 -25.99 -24.46 -9.57
N ILE G 181 -25.21 -25.47 -9.20
CA ILE G 181 -25.68 -26.40 -8.17
C ILE G 181 -25.89 -25.69 -6.85
N ILE G 182 -24.97 -24.80 -6.45
CA ILE G 182 -25.16 -24.04 -5.22
C ILE G 182 -26.33 -23.05 -5.32
N GLY G 183 -26.52 -22.43 -6.49
CA GLY G 183 -27.59 -21.49 -6.67
C GLY G 183 -28.97 -22.10 -6.61
N GLN G 184 -29.13 -23.32 -7.13
CA GLN G 184 -30.43 -23.97 -7.09
C GLN G 184 -30.71 -24.67 -5.76
N LEU G 185 -29.79 -24.64 -4.80
CA LEU G 185 -30.02 -25.19 -3.48
C LEU G 185 -30.66 -24.19 -2.53
N THR G 186 -30.91 -22.96 -2.99
CA THR G 186 -31.65 -21.97 -2.24
C THR G 186 -33.09 -21.80 -2.71
N ILE G 187 -33.39 -22.19 -3.94
CA ILE G 187 -34.76 -22.20 -4.45
C ILE G 187 -35.41 -23.51 -4.03
N ALA G 188 -34.63 -24.37 -3.38
CA ALA G 188 -35.12 -25.63 -2.85
C ALA G 188 -35.37 -25.60 -1.35
N ARG G 189 -34.76 -24.68 -0.62
CA ARG G 189 -35.09 -24.46 0.78
C ARG G 189 -36.43 -23.78 0.95
N ALA G 190 -36.91 -23.07 -0.08
CA ALA G 190 -38.18 -22.37 -0.02
C ALA G 190 -39.36 -23.27 -0.35
N LYS G 191 -39.16 -24.21 -1.28
CA LYS G 191 -40.25 -25.10 -1.69
C LYS G 191 -40.65 -26.07 -0.58
N LEU G 192 -39.75 -26.37 0.35
CA LEU G 192 -40.07 -27.24 1.48
C LEU G 192 -40.61 -26.47 2.68
N THR G 193 -40.59 -25.13 2.63
CA THR G 193 -41.17 -24.33 3.70
C THR G 193 -42.60 -23.93 3.41
N SER G 194 -42.97 -23.75 2.14
CA SER G 194 -44.34 -23.49 1.75
C SER G 194 -45.26 -24.68 2.01
N ASN G 195 -44.71 -25.87 2.23
CA ASN G 195 -45.48 -27.07 2.53
C ASN G 195 -45.48 -27.42 4.01
N TYR G 196 -44.99 -26.52 4.86
CA TYR G 196 -44.96 -26.68 6.31
C TYR G 196 -44.09 -27.85 6.77
N VAL G 197 -43.16 -28.30 5.94
CA VAL G 197 -42.24 -29.36 6.33
C VAL G 197 -41.30 -28.83 7.42
N PRO G 198 -41.08 -29.57 8.51
CA PRO G 198 -40.14 -29.10 9.53
C PRO G 198 -38.72 -29.00 9.00
N ALA G 199 -37.82 -28.39 9.76
CA ALA G 199 -36.40 -28.32 9.38
C ALA G 199 -35.56 -28.84 10.55
N GLY G 200 -35.42 -30.16 10.63
CA GLY G 200 -34.49 -30.75 11.55
C GLY G 200 -33.59 -31.82 10.95
N ASP G 201 -34.02 -32.42 9.83
CA ASP G 201 -33.32 -33.54 9.20
C ASP G 201 -33.55 -33.47 7.70
N ARG G 202 -32.62 -32.85 6.98
CA ARG G 202 -32.68 -32.77 5.53
C ARG G 202 -31.35 -33.24 4.94
N TYR G 203 -31.43 -33.98 3.84
CA TYR G 203 -30.27 -34.64 3.26
C TYR G 203 -30.23 -34.43 1.75
N PHE G 204 -29.01 -34.48 1.20
CA PHE G 204 -28.77 -34.36 -0.23
C PHE G 204 -27.82 -35.47 -0.66
N TYR G 205 -28.11 -36.10 -1.80
CA TYR G 205 -27.36 -37.26 -2.27
C TYR G 205 -26.83 -36.99 -3.68
N THR G 206 -25.53 -37.23 -3.88
CA THR G 206 -24.90 -37.00 -5.17
C THR G 206 -23.67 -37.91 -5.29
N THR G 207 -23.13 -38.04 -6.57
CA THR G 207 -22.00 -38.85 -7.00
C THR G 207 -20.67 -38.18 -6.63
N PRO G 208 -19.58 -38.96 -6.53
CA PRO G 208 -18.28 -38.36 -6.16
C PRO G 208 -17.75 -37.37 -7.19
N ASP G 209 -18.29 -37.41 -8.40
CA ASP G 209 -17.84 -36.53 -9.48
C ASP G 209 -18.50 -35.16 -9.43
N ASN G 210 -19.71 -35.05 -8.88
CA ASN G 210 -20.37 -33.76 -8.69
C ASN G 210 -20.13 -33.20 -7.30
N TYR G 211 -19.42 -33.94 -6.44
CA TYR G 211 -18.99 -33.47 -5.14
C TYR G 211 -17.70 -32.68 -5.22
N SER G 212 -16.93 -32.85 -6.30
CA SER G 212 -15.68 -32.13 -6.51
C SER G 212 -15.85 -30.97 -7.49
N ALA G 213 -17.04 -30.78 -8.04
CA ALA G 213 -17.36 -29.59 -8.82
C ALA G 213 -17.91 -28.47 -7.95
N ILE G 214 -18.35 -28.79 -6.73
CA ILE G 214 -18.71 -27.77 -5.75
C ILE G 214 -17.51 -27.26 -4.98
N LEU G 215 -16.47 -28.09 -4.82
CA LEU G 215 -15.23 -27.68 -4.19
C LEU G 215 -14.41 -26.74 -5.07
N ALA G 216 -14.63 -26.74 -6.38
CA ALA G 216 -13.89 -25.89 -7.31
C ALA G 216 -14.56 -24.54 -7.53
N ALA G 217 -15.74 -24.32 -6.95
CA ALA G 217 -16.43 -23.04 -7.05
C ALA G 217 -16.28 -22.21 -5.78
N LEU G 218 -15.43 -22.63 -4.85
CA LEU G 218 -15.21 -21.89 -3.62
C LEU G 218 -13.72 -21.78 -3.30
N MET G 219 -12.88 -21.83 -4.32
CA MET G 219 -11.43 -21.72 -4.21
C MET G 219 -10.98 -20.28 -4.48
N PRO G 220 -9.76 -19.90 -4.03
CA PRO G 220 -9.33 -18.51 -4.19
C PRO G 220 -9.35 -17.96 -5.61
N ASN G 221 -9.62 -18.81 -6.59
CA ASN G 221 -9.64 -18.36 -7.98
C ASN G 221 -11.03 -17.91 -8.42
N ALA G 222 -12.09 -18.29 -7.70
CA ALA G 222 -13.44 -17.98 -8.16
C ALA G 222 -14.23 -17.12 -7.17
N ALA G 223 -14.13 -17.43 -5.87
CA ALA G 223 -14.93 -16.74 -4.87
C ALA G 223 -14.24 -15.45 -4.44
N ASN G 224 -14.91 -14.68 -3.57
CA ASN G 224 -14.38 -13.43 -3.05
C ASN G 224 -13.99 -13.48 -1.58
N TYR G 225 -14.50 -14.44 -0.82
CA TYR G 225 -14.06 -14.62 0.56
C TYR G 225 -14.30 -16.07 0.96
N ALA G 226 -13.70 -16.47 2.08
CA ALA G 226 -13.69 -17.86 2.50
C ALA G 226 -14.99 -18.24 3.20
N ALA G 227 -15.57 -19.38 2.80
CA ALA G 227 -16.80 -19.85 3.39
C ALA G 227 -17.06 -21.31 3.00
N LEU G 228 -17.46 -22.11 3.98
CA LEU G 228 -18.12 -23.42 3.86
C LEU G 228 -17.22 -24.61 3.54
N ILE G 229 -15.92 -24.44 3.32
CA ILE G 229 -15.06 -25.56 2.92
C ILE G 229 -13.78 -25.56 3.75
N ASP G 230 -12.97 -26.60 3.52
CA ASP G 230 -11.65 -26.73 4.12
C ASP G 230 -10.69 -27.18 3.03
N PRO G 231 -9.80 -26.31 2.55
CA PRO G 231 -8.97 -26.64 1.39
C PRO G 231 -7.80 -27.57 1.66
N GLU G 232 -7.61 -28.00 2.91
CA GLU G 232 -6.52 -28.90 3.25
C GLU G 232 -6.97 -30.35 3.44
N THR G 233 -8.26 -30.62 3.50
CA THR G 233 -8.78 -31.97 3.64
C THR G 233 -9.81 -32.33 2.58
N GLY G 234 -10.66 -31.39 2.17
CA GLY G 234 -11.69 -31.67 1.19
C GLY G 234 -13.01 -32.03 1.84
N ASN G 235 -13.40 -31.27 2.85
CA ASN G 235 -14.62 -31.51 3.60
C ASN G 235 -15.56 -30.32 3.46
N ILE G 236 -16.84 -30.60 3.28
CA ILE G 236 -17.88 -29.58 3.19
C ILE G 236 -18.80 -29.70 4.40
N ARG G 237 -19.14 -28.57 4.99
CA ARG G 237 -20.10 -28.52 6.08
C ARG G 237 -21.51 -28.32 5.50
N ASN G 238 -22.47 -28.08 6.38
CA ASN G 238 -23.85 -27.94 5.94
C ASN G 238 -24.00 -26.75 5.02
N VAL G 239 -24.88 -26.88 4.03
CA VAL G 239 -25.13 -25.83 3.05
C VAL G 239 -26.63 -25.54 3.08
N MET G 240 -27.01 -24.41 3.66
CA MET G 240 -28.40 -23.97 3.75
C MET G 240 -29.27 -24.97 4.50
N GLY G 241 -28.74 -25.57 5.56
CA GLY G 241 -29.49 -26.49 6.38
C GLY G 241 -29.48 -27.93 5.92
N PHE G 242 -28.89 -28.22 4.77
CA PHE G 242 -28.83 -29.57 4.25
C PHE G 242 -27.60 -30.30 4.80
N VAL G 243 -27.47 -31.57 4.41
CA VAL G 243 -26.31 -32.39 4.73
C VAL G 243 -25.91 -33.09 3.45
N VAL G 244 -24.62 -33.04 3.10
CA VAL G 244 -24.15 -33.57 1.82
C VAL G 244 -23.53 -34.93 2.03
N VAL G 245 -23.94 -35.90 1.21
CA VAL G 245 -23.47 -37.28 1.28
C VAL G 245 -23.08 -37.73 -0.11
N GLU G 246 -21.92 -38.38 -0.23
CA GLU G 246 -21.43 -38.92 -1.50
C GLU G 246 -21.50 -40.44 -1.48
N VAL G 247 -22.06 -41.02 -2.55
CA VAL G 247 -22.21 -42.47 -2.68
C VAL G 247 -21.66 -42.89 -4.04
N PRO G 248 -20.81 -43.92 -4.10
CA PRO G 248 -20.34 -44.38 -5.43
C PRO G 248 -21.39 -45.15 -6.20
N HIS G 249 -22.33 -45.81 -5.53
CA HIS G 249 -23.35 -46.63 -6.19
C HIS G 249 -24.69 -45.92 -6.08
N LEU G 250 -25.00 -45.05 -7.03
CA LEU G 250 -26.23 -44.27 -7.00
C LEU G 250 -27.27 -44.76 -8.00
N VAL G 251 -26.86 -45.19 -9.19
CA VAL G 251 -27.81 -45.53 -10.25
C VAL G 251 -27.84 -47.03 -10.47
N GLN G 252 -27.52 -47.79 -9.42
CA GLN G 252 -27.59 -49.25 -9.46
C GLN G 252 -28.82 -49.71 -8.68
N GLY G 253 -29.64 -50.54 -9.32
CA GLY G 253 -30.93 -50.90 -8.75
C GLY G 253 -30.87 -51.99 -7.68
N GLY G 254 -31.79 -52.94 -7.76
CA GLY G 254 -31.86 -54.04 -6.81
C GLY G 254 -31.28 -55.32 -7.37
N ALA G 255 -31.61 -56.43 -6.71
CA ALA G 255 -31.07 -57.73 -7.07
C ALA G 255 -31.88 -58.32 -8.24
N GLY G 256 -31.52 -59.54 -8.65
CA GLY G 256 -32.16 -60.16 -9.79
C GLY G 256 -32.50 -61.62 -9.58
N GLY G 257 -32.75 -62.34 -10.68
CA GLY G 257 -33.16 -63.73 -10.58
C GLY G 257 -32.21 -64.73 -11.21
N THR G 258 -31.20 -64.25 -11.93
CA THR G 258 -30.23 -65.12 -12.56
C THR G 258 -28.91 -64.38 -12.72
N ARG G 259 -27.83 -65.01 -12.27
CA ARG G 259 -26.50 -64.44 -12.39
C ARG G 259 -25.99 -64.54 -13.82
N GLY G 260 -25.04 -63.66 -14.16
CA GLY G 260 -24.45 -63.66 -15.47
C GLY G 260 -23.31 -64.64 -15.60
N ALA G 261 -22.66 -64.62 -16.77
CA ALA G 261 -21.55 -65.54 -17.02
C ALA G 261 -20.40 -65.29 -16.05
N ASP G 262 -20.06 -64.02 -15.82
CA ASP G 262 -19.01 -63.72 -14.84
C ASP G 262 -19.52 -63.86 -13.41
N GLY G 263 -20.80 -63.62 -13.18
CA GLY G 263 -21.40 -63.78 -11.87
C GLY G 263 -21.56 -62.50 -11.08
N ALA G 267 -29.00 -60.95 -15.57
CA ALA G 267 -29.56 -61.37 -16.85
C ALA G 267 -31.03 -61.75 -16.76
N SER G 268 -31.69 -61.50 -15.63
CA SER G 268 -33.09 -61.90 -15.44
C SER G 268 -33.85 -60.67 -14.97
N GLY G 269 -35.09 -60.83 -14.54
CA GLY G 269 -35.91 -59.70 -14.14
C GLY G 269 -35.46 -59.03 -12.86
N GLN G 270 -35.09 -57.75 -12.96
CA GLN G 270 -34.64 -56.99 -11.81
C GLN G 270 -35.83 -56.39 -11.06
N LYS G 271 -35.66 -56.25 -9.75
CA LYS G 271 -36.68 -55.68 -8.88
C LYS G 271 -36.17 -54.33 -8.36
N HIS G 272 -37.05 -53.33 -8.36
CA HIS G 272 -36.70 -51.96 -8.00
C HIS G 272 -35.57 -51.44 -8.88
N ALA G 273 -35.82 -51.33 -10.18
CA ALA G 273 -34.82 -50.84 -11.11
C ALA G 273 -34.75 -49.31 -11.04
N PHE G 274 -33.89 -48.72 -11.86
CA PHE G 274 -33.78 -47.27 -12.00
C PHE G 274 -34.26 -46.92 -13.40
N PRO G 275 -35.05 -45.87 -13.59
CA PRO G 275 -35.55 -45.54 -14.94
C PRO G 275 -34.41 -45.37 -15.94
N ALA G 276 -34.69 -45.56 -17.22
CA ALA G 276 -33.62 -45.67 -18.22
C ALA G 276 -33.55 -44.47 -19.15
N THR G 277 -34.70 -43.93 -19.55
CA THR G 277 -34.72 -42.79 -20.45
C THR G 277 -35.99 -41.99 -20.20
N ALA G 278 -35.92 -40.69 -20.45
CA ALA G 278 -37.08 -39.82 -20.23
C ALA G 278 -37.58 -39.26 -21.55
N ALA G 279 -38.77 -39.69 -21.97
CA ALA G 279 -39.31 -39.18 -23.23
C ALA G 279 -40.60 -38.40 -23.05
N GLY G 280 -41.65 -39.03 -22.52
CA GLY G 280 -42.96 -38.40 -22.51
C GLY G 280 -43.54 -38.01 -21.17
N ALA G 281 -43.34 -38.86 -20.16
CA ALA G 281 -43.96 -38.67 -18.85
C ALA G 281 -43.00 -38.99 -17.71
N VAL G 282 -41.71 -39.19 -18.02
CA VAL G 282 -40.70 -39.49 -17.02
C VAL G 282 -39.84 -38.25 -16.86
N LYS G 283 -39.70 -37.78 -15.62
CA LYS G 283 -38.92 -36.59 -15.33
C LYS G 283 -37.49 -36.92 -14.90
N VAL G 284 -37.34 -37.85 -13.97
CA VAL G 284 -36.03 -38.29 -13.51
C VAL G 284 -35.66 -39.57 -14.24
N ALA G 285 -34.49 -39.58 -14.86
CA ALA G 285 -34.05 -40.72 -15.65
C ALA G 285 -32.61 -41.08 -15.33
N MET G 286 -32.00 -41.95 -16.13
CA MET G 286 -30.64 -42.38 -15.86
C MET G 286 -29.60 -41.50 -16.53
N ASP G 287 -30.00 -40.56 -17.39
CA ASP G 287 -29.09 -39.64 -18.04
C ASP G 287 -29.43 -38.19 -17.72
N ASN G 288 -30.02 -37.94 -16.56
CA ASN G 288 -30.41 -36.58 -16.18
C ASN G 288 -29.94 -36.24 -14.77
N VAL G 289 -29.80 -37.25 -13.93
CA VAL G 289 -29.70 -37.02 -12.49
C VAL G 289 -28.44 -36.24 -12.13
N VAL G 290 -28.61 -35.27 -11.23
CA VAL G 290 -27.50 -34.55 -10.63
C VAL G 290 -27.55 -34.77 -9.11
N GLY G 291 -28.74 -34.98 -8.56
CA GLY G 291 -28.86 -35.18 -7.13
C GLY G 291 -30.29 -35.45 -6.73
N LEU G 292 -30.47 -35.74 -5.43
CA LEU G 292 -31.76 -36.04 -4.82
C LEU G 292 -31.78 -35.53 -3.39
N PHE G 293 -32.85 -34.83 -3.01
CA PHE G 293 -32.99 -34.30 -1.66
C PHE G 293 -34.35 -34.67 -1.10
N SER G 294 -34.43 -34.72 0.24
CA SER G 294 -35.64 -35.17 0.92
C SER G 294 -35.61 -34.96 2.43
N HIS G 295 -36.72 -35.23 3.09
CA HIS G 295 -36.87 -35.29 4.54
C HIS G 295 -37.04 -36.75 4.95
N ARG G 296 -36.71 -37.06 6.20
CA ARG G 296 -36.76 -38.46 6.62
C ARG G 296 -38.17 -38.93 6.97
N SER G 297 -39.14 -38.63 6.13
CA SER G 297 -40.49 -39.13 6.33
C SER G 297 -41.13 -39.47 4.99
N ALA G 298 -40.33 -39.88 4.02
CA ALA G 298 -40.82 -40.13 2.68
C ALA G 298 -40.67 -41.57 2.20
N VAL G 299 -39.83 -42.39 2.84
CA VAL G 299 -39.66 -43.78 2.48
C VAL G 299 -39.66 -44.63 3.74
N GLY G 300 -39.90 -45.93 3.57
CA GLY G 300 -40.02 -46.83 4.70
C GLY G 300 -39.49 -48.21 4.39
N THR G 301 -39.54 -49.08 5.40
CA THR G 301 -39.04 -50.45 5.30
C THR G 301 -39.73 -51.30 6.36
N VAL G 302 -40.15 -52.50 5.96
CA VAL G 302 -40.82 -53.45 6.85
C VAL G 302 -40.05 -54.77 6.79
N LYS G 303 -39.75 -55.34 7.97
CA LYS G 303 -38.96 -56.55 8.06
C LYS G 303 -39.80 -57.71 8.58
N LEU G 304 -39.59 -58.89 8.00
CA LEU G 304 -40.19 -60.13 8.50
C LEU G 304 -39.17 -61.01 9.22
N ARG G 305 -37.97 -61.17 8.66
CA ARG G 305 -36.92 -61.98 9.25
C ARG G 305 -35.59 -61.24 9.19
N ASP G 306 -34.67 -61.63 10.07
CA ASP G 306 -33.34 -61.03 10.15
C ASP G 306 -32.28 -61.96 9.57
N LEU G 307 -31.05 -61.45 9.55
CA LEU G 307 -29.94 -62.20 8.96
C LEU G 307 -29.54 -63.39 9.82
N ALA G 308 -29.20 -64.50 9.16
CA ALA G 308 -28.81 -65.71 9.87
C ALA G 308 -27.87 -66.52 9.00
N LEU G 309 -27.11 -67.40 9.64
CA LEU G 309 -26.13 -68.27 8.98
C LEU G 309 -26.38 -69.73 9.36
N GLU G 310 -25.99 -70.62 8.45
CA GLU G 310 -26.20 -72.05 8.65
C GLU G 310 -25.15 -72.82 7.85
N ARG G 311 -24.68 -73.93 8.40
CA ARG G 311 -23.67 -74.77 7.77
C ARG G 311 -24.18 -76.19 7.57
N ASP G 312 -23.60 -76.86 6.58
CA ASP G 312 -24.04 -78.20 6.18
C ASP G 312 -22.83 -79.07 5.82
N ARG G 313 -23.02 -80.39 5.79
CA ARG G 313 -21.93 -81.31 5.48
C ARG G 313 -22.37 -82.36 4.46
N ASP G 314 -21.64 -82.47 3.36
CA ASP G 314 -21.96 -83.41 2.30
C ASP G 314 -21.00 -84.59 2.30
N VAL G 315 -21.53 -85.76 1.97
CA VAL G 315 -20.76 -86.99 2.02
C VAL G 315 -20.74 -87.65 0.65
N ASP G 316 -21.64 -87.24 -0.24
CA ASP G 316 -21.67 -87.76 -1.59
C ASP G 316 -20.76 -87.02 -2.55
N ALA G 317 -20.29 -85.82 -2.18
CA ALA G 317 -19.29 -85.10 -2.95
C ALA G 317 -18.16 -84.57 -2.11
N GLN G 318 -18.12 -84.87 -0.80
CA GLN G 318 -17.03 -84.49 0.08
C GLN G 318 -16.84 -82.97 0.13
N GLY G 319 -17.82 -82.24 0.64
CA GLY G 319 -17.74 -80.80 0.67
C GLY G 319 -18.53 -80.22 1.82
N ASP G 320 -18.46 -78.90 1.94
CA ASP G 320 -19.17 -78.13 2.96
C ASP G 320 -19.95 -77.00 2.29
N LEU G 321 -20.79 -76.33 3.07
CA LEU G 321 -21.69 -75.31 2.56
C LEU G 321 -21.96 -74.24 3.62
N ILE G 322 -22.17 -73.01 3.16
CA ILE G 322 -22.54 -71.89 4.03
C ILE G 322 -23.61 -71.06 3.31
N VAL G 323 -24.63 -70.62 4.05
CA VAL G 323 -25.76 -69.89 3.48
C VAL G 323 -26.13 -68.72 4.40
N GLY G 324 -26.65 -67.65 3.80
CA GLY G 324 -27.23 -66.55 4.55
C GLY G 324 -28.45 -66.01 3.83
N LYS G 325 -29.37 -65.41 4.59
CA LYS G 325 -30.67 -65.07 4.02
C LYS G 325 -31.43 -64.07 4.89
N TYR G 326 -32.41 -63.41 4.28
CA TYR G 326 -33.37 -62.53 4.96
C TYR G 326 -34.55 -62.28 4.03
N ALA G 327 -35.52 -61.49 4.51
CA ALA G 327 -36.71 -61.12 3.75
C ALA G 327 -37.25 -59.76 4.22
N MET G 328 -37.44 -58.84 3.27
CA MET G 328 -37.90 -57.49 3.59
C MET G 328 -38.69 -56.91 2.43
N GLY G 329 -39.17 -55.68 2.62
CA GLY G 329 -39.87 -54.96 1.57
C GLY G 329 -39.71 -53.46 1.74
N HIS G 330 -39.88 -52.72 0.63
CA HIS G 330 -39.61 -51.30 0.60
C HIS G 330 -40.77 -50.55 -0.07
N GLY G 331 -40.90 -49.26 0.28
CA GLY G 331 -41.93 -48.43 -0.32
C GLY G 331 -41.84 -46.99 0.19
N GLY G 332 -42.48 -46.09 -0.56
CA GLY G 332 -42.47 -44.68 -0.26
C GLY G 332 -43.83 -44.15 0.17
N LEU G 333 -43.81 -43.11 1.02
CA LEU G 333 -45.03 -42.67 1.69
C LEU G 333 -45.51 -41.26 1.31
N ARG G 334 -44.69 -40.25 1.51
CA ARG G 334 -45.14 -38.86 1.32
C ARG G 334 -44.52 -38.24 0.08
N PRO G 335 -45.32 -37.81 -0.90
CA PRO G 335 -44.76 -37.18 -2.10
C PRO G 335 -44.47 -35.70 -1.96
N GLU G 336 -44.80 -35.06 -0.84
CA GLU G 336 -44.57 -33.63 -0.65
C GLU G 336 -43.26 -33.32 0.06
N ALA G 337 -42.41 -34.32 0.28
CA ALA G 337 -41.13 -34.10 0.92
C ALA G 337 -39.99 -34.68 0.09
N ALA G 338 -39.99 -34.41 -1.21
CA ALA G 338 -39.03 -35.02 -2.12
C ALA G 338 -38.79 -34.09 -3.30
N GLY G 339 -37.74 -34.36 -4.04
CA GLY G 339 -37.39 -33.53 -5.18
C GLY G 339 -36.14 -34.06 -5.87
N ALA G 340 -35.73 -33.35 -6.92
CA ALA G 340 -34.57 -33.76 -7.70
C ALA G 340 -34.05 -32.60 -8.52
N LEU G 341 -32.77 -32.67 -8.88
CA LEU G 341 -32.13 -31.74 -9.80
C LEU G 341 -31.74 -32.49 -11.08
N VAL G 342 -32.03 -31.89 -12.23
CA VAL G 342 -31.83 -32.54 -13.52
C VAL G 342 -31.18 -31.55 -14.48
N PHE G 343 -30.83 -32.04 -15.67
CA PHE G 343 -30.27 -31.24 -16.75
C PHE G 343 -31.40 -30.80 -17.68
N SER G 344 -31.26 -29.60 -18.23
CA SER G 344 -32.28 -29.11 -19.14
C SER G 344 -32.21 -29.86 -20.48
N PRO G 345 -33.35 -30.13 -21.10
CA PRO G 345 -33.35 -30.84 -22.38
C PRO G 345 -32.70 -29.99 -23.48
N ALA G 346 -32.05 -30.66 -24.43
CA ALA G 346 -31.38 -29.98 -25.53
C ALA G 346 -32.41 -29.44 -26.53
#